data_5J9S
# 
_entry.id   5J9S 
# 
_audit_conform.dict_name       mmcif_pdbx.dic 
_audit_conform.dict_version    5.397 
_audit_conform.dict_location   http://mmcif.pdb.org/dictionaries/ascii/mmcif_pdbx.dic 
# 
loop_
_database_2.database_id 
_database_2.database_code 
_database_2.pdbx_database_accession 
_database_2.pdbx_DOI 
PDB   5J9S         pdb_00005j9s 10.2210/pdb5j9s/pdb 
WWPDB D_1000220204 ?            ?                   
# 
loop_
_pdbx_audit_revision_history.ordinal 
_pdbx_audit_revision_history.data_content_type 
_pdbx_audit_revision_history.major_revision 
_pdbx_audit_revision_history.minor_revision 
_pdbx_audit_revision_history.revision_date 
1 'Structure model' 1 0 2017-03-08 
2 'Structure model' 1 1 2017-03-22 
3 'Structure model' 1 2 2023-11-08 
4 'Structure model' 1 3 2023-11-15 
5 'Structure model' 1 4 2024-10-23 
# 
_pdbx_audit_revision_details.ordinal             1 
_pdbx_audit_revision_details.revision_ordinal    1 
_pdbx_audit_revision_details.data_content_type   'Structure model' 
_pdbx_audit_revision_details.provider            repository 
_pdbx_audit_revision_details.type                'Initial release' 
_pdbx_audit_revision_details.description         ? 
_pdbx_audit_revision_details.details             ? 
# 
loop_
_pdbx_audit_revision_group.ordinal 
_pdbx_audit_revision_group.revision_ordinal 
_pdbx_audit_revision_group.data_content_type 
_pdbx_audit_revision_group.group 
1 2 'Structure model' 'Database references'    
2 3 'Structure model' 'Data collection'        
3 3 'Structure model' 'Database references'    
4 3 'Structure model' 'Refinement description' 
5 4 'Structure model' 'Data collection'        
6 5 'Structure model' 'Structure summary'      
# 
loop_
_pdbx_audit_revision_category.ordinal 
_pdbx_audit_revision_category.revision_ordinal 
_pdbx_audit_revision_category.data_content_type 
_pdbx_audit_revision_category.category 
1 3 'Structure model' chem_comp_atom                
2 3 'Structure model' chem_comp_bond                
3 3 'Structure model' database_2                    
4 3 'Structure model' pdbx_initial_refinement_model 
5 4 'Structure model' chem_comp_atom                
6 4 'Structure model' chem_comp_bond                
7 5 'Structure model' pdbx_entry_details            
8 5 'Structure model' pdbx_modification_feature     
# 
loop_
_pdbx_audit_revision_item.ordinal 
_pdbx_audit_revision_item.revision_ordinal 
_pdbx_audit_revision_item.data_content_type 
_pdbx_audit_revision_item.item 
1 3 'Structure model' '_database_2.pdbx_DOI'                
2 3 'Structure model' '_database_2.pdbx_database_accession' 
3 4 'Structure model' '_chem_comp_atom.atom_id'             
4 4 'Structure model' '_chem_comp_bond.atom_id_2'           
# 
_pdbx_database_status.status_code                     REL 
_pdbx_database_status.status_code_sf                  REL 
_pdbx_database_status.status_code_mr                  ? 
_pdbx_database_status.entry_id                        5J9S 
_pdbx_database_status.recvd_initial_deposition_date   2016-04-11 
_pdbx_database_status.SG_entry                        N 
_pdbx_database_status.deposit_site                    PDBJ 
_pdbx_database_status.process_site                    PDBJ 
_pdbx_database_status.status_code_cs                  ? 
_pdbx_database_status.methods_development_category    ? 
_pdbx_database_status.pdb_format_compatible           Y 
_pdbx_database_status.status_code_nmr_data            ? 
# 
loop_
_audit_author.name 
_audit_author.pdbx_ordinal 
_audit_author.identifier_ORCID 
'Li, Y.' 1 ? 
'Li, H.' 2 ? 
# 
_citation.abstract                  ? 
_citation.abstract_id_CAS           ? 
_citation.book_id_ISBN              ? 
_citation.book_publisher            ? 
_citation.book_publisher_city       ? 
_citation.book_title                ? 
_citation.coordinate_linkage        ? 
_citation.country                   UK 
_citation.database_id_Medline       ? 
_citation.details                   ? 
_citation.id                        primary 
_citation.journal_abbrev            Nature 
_citation.journal_id_ASTM           NATUAS 
_citation.journal_id_CSD            0006 
_citation.journal_id_ISSN           1476-4687 
_citation.journal_full              ? 
_citation.journal_issue             ? 
_citation.journal_volume            543 
_citation.language                  ? 
_citation.page_first                265 
_citation.page_last                 269 
_citation.title                     'ENL links histone acetylation to oncogenic gene expression in acute myeloid leukaemia' 
_citation.year                      2017 
_citation.database_id_CSD           ? 
_citation.pdbx_database_id_DOI      10.1038/nature21687 
_citation.pdbx_database_id_PubMed   28241141 
_citation.unpublished_flag          ? 
# 
loop_
_citation_author.citation_id 
_citation_author.name 
_citation_author.ordinal 
_citation_author.identifier_ORCID 
primary 'Wan, L.'         1  ? 
primary 'Wen, H.'         2  ? 
primary 'Li, Y.'          3  ? 
primary 'Lyu, J.'         4  ? 
primary 'Xi, Y.'          5  ? 
primary 'Hoshii, T.'      6  ? 
primary 'Joseph, J.K.'    7  ? 
primary 'Wang, X.'        8  ? 
primary 'Loh, Y.E.'       9  ? 
primary 'Erb, M.A.'       10 ? 
primary 'Souza, A.L.'     11 ? 
primary 'Bradner, J.E.'   12 ? 
primary 'Shen, L.'        13 ? 
primary 'Li, W.'          14 ? 
primary 'Li, H.'          15 ? 
primary 'Allis, C.D.'     16 ? 
primary 'Armstrong, S.A.' 17 ? 
primary 'Shi, X.'         18 ? 
# 
loop_
_entity.id 
_entity.type 
_entity.src_method 
_entity.pdbx_description 
_entity.formula_weight 
_entity.pdbx_number_of_molecules 
_entity.pdbx_ec 
_entity.pdbx_mutation 
_entity.pdbx_fragment 
_entity.details 
1 polymer     man 'Protein ENL'                       18312.080 1  ? ? 'UNP residues 1-148' ? 
2 polymer     syn 'H3K27ac peptide from Histone H3.1' 2619.095  1  ? ? ?                    ? 
3 non-polymer syn 'SULFATE ION'                       96.063    4  ? ? ?                    ? 
4 water       nat water                               18.015    51 ? ? ?                    ? 
# 
_entity_name_com.entity_id   1 
_entity_name_com.name        'YEATS domain-containing protein 1' 
# 
loop_
_entity_poly.entity_id 
_entity_poly.type 
_entity_poly.nstd_linkage 
_entity_poly.nstd_monomer 
_entity_poly.pdbx_seq_one_letter_code 
_entity_poly.pdbx_seq_one_letter_code_can 
_entity_poly.pdbx_strand_id 
_entity_poly.pdbx_target_identifier 
1 'polypeptide(L)' no no  
;SMDNQCTVQVRLELGHRAQLRKKPTTEGFTHDWMVFVRGPEQCDIQHFVEKVVFWLHDSFPKPRRVCKEPPYKVEESGYA
GFIMPIEVHFKNKEEPRKVCFTYDLFLNLEGNPPVNHLRCEKLTFNNPTTEFRYKLLRAGGVMVMPEGAHHHHHH
;
;SMDNQCTVQVRLELGHRAQLRKKPTTEGFTHDWMVFVRGPEQCDIQHFVEKVVFWLHDSFPKPRRVCKEPPYKVEESGYA
GFIMPIEVHFKNKEEPRKVCFTYDLFLNLEGNPPVNHLRCEKLTFNNPTTEFRYKLLRAGGVMVMPEGAHHHHHH
;
A ? 
2 'polypeptide(L)' no yes 'APRKQLATKAAR(ALY)SAPATGGVKKPH' APRKQLATKAARKSAPATGGVKKPH B ? 
# 
loop_
_pdbx_entity_nonpoly.entity_id 
_pdbx_entity_nonpoly.name 
_pdbx_entity_nonpoly.comp_id 
3 'SULFATE ION' SO4 
4 water         HOH 
# 
loop_
_entity_poly_seq.entity_id 
_entity_poly_seq.num 
_entity_poly_seq.mon_id 
_entity_poly_seq.hetero 
1 1   SER n 
1 2   MET n 
1 3   ASP n 
1 4   ASN n 
1 5   GLN n 
1 6   CYS n 
1 7   THR n 
1 8   VAL n 
1 9   GLN n 
1 10  VAL n 
1 11  ARG n 
1 12  LEU n 
1 13  GLU n 
1 14  LEU n 
1 15  GLY n 
1 16  HIS n 
1 17  ARG n 
1 18  ALA n 
1 19  GLN n 
1 20  LEU n 
1 21  ARG n 
1 22  LYS n 
1 23  LYS n 
1 24  PRO n 
1 25  THR n 
1 26  THR n 
1 27  GLU n 
1 28  GLY n 
1 29  PHE n 
1 30  THR n 
1 31  HIS n 
1 32  ASP n 
1 33  TRP n 
1 34  MET n 
1 35  VAL n 
1 36  PHE n 
1 37  VAL n 
1 38  ARG n 
1 39  GLY n 
1 40  PRO n 
1 41  GLU n 
1 42  GLN n 
1 43  CYS n 
1 44  ASP n 
1 45  ILE n 
1 46  GLN n 
1 47  HIS n 
1 48  PHE n 
1 49  VAL n 
1 50  GLU n 
1 51  LYS n 
1 52  VAL n 
1 53  VAL n 
1 54  PHE n 
1 55  TRP n 
1 56  LEU n 
1 57  HIS n 
1 58  ASP n 
1 59  SER n 
1 60  PHE n 
1 61  PRO n 
1 62  LYS n 
1 63  PRO n 
1 64  ARG n 
1 65  ARG n 
1 66  VAL n 
1 67  CYS n 
1 68  LYS n 
1 69  GLU n 
1 70  PRO n 
1 71  PRO n 
1 72  TYR n 
1 73  LYS n 
1 74  VAL n 
1 75  GLU n 
1 76  GLU n 
1 77  SER n 
1 78  GLY n 
1 79  TYR n 
1 80  ALA n 
1 81  GLY n 
1 82  PHE n 
1 83  ILE n 
1 84  MET n 
1 85  PRO n 
1 86  ILE n 
1 87  GLU n 
1 88  VAL n 
1 89  HIS n 
1 90  PHE n 
1 91  LYS n 
1 92  ASN n 
1 93  LYS n 
1 94  GLU n 
1 95  GLU n 
1 96  PRO n 
1 97  ARG n 
1 98  LYS n 
1 99  VAL n 
1 100 CYS n 
1 101 PHE n 
1 102 THR n 
1 103 TYR n 
1 104 ASP n 
1 105 LEU n 
1 106 PHE n 
1 107 LEU n 
1 108 ASN n 
1 109 LEU n 
1 110 GLU n 
1 111 GLY n 
1 112 ASN n 
1 113 PRO n 
1 114 PRO n 
1 115 VAL n 
1 116 ASN n 
1 117 HIS n 
1 118 LEU n 
1 119 ARG n 
1 120 CYS n 
1 121 GLU n 
1 122 LYS n 
1 123 LEU n 
1 124 THR n 
1 125 PHE n 
1 126 ASN n 
1 127 ASN n 
1 128 PRO n 
1 129 THR n 
1 130 THR n 
1 131 GLU n 
1 132 PHE n 
1 133 ARG n 
1 134 TYR n 
1 135 LYS n 
1 136 LEU n 
1 137 LEU n 
1 138 ARG n 
1 139 ALA n 
1 140 GLY n 
1 141 GLY n 
1 142 VAL n 
1 143 MET n 
1 144 VAL n 
1 145 MET n 
1 146 PRO n 
1 147 GLU n 
1 148 GLY n 
1 149 ALA n 
1 150 HIS n 
1 151 HIS n 
1 152 HIS n 
1 153 HIS n 
1 154 HIS n 
1 155 HIS n 
2 1   ALA n 
2 2   PRO n 
2 3   ARG n 
2 4   LYS n 
2 5   GLN n 
2 6   LEU n 
2 7   ALA n 
2 8   THR n 
2 9   LYS n 
2 10  ALA n 
2 11  ALA n 
2 12  ARG n 
2 13  ALY n 
2 14  SER n 
2 15  ALA n 
2 16  PRO n 
2 17  ALA n 
2 18  THR n 
2 19  GLY n 
2 20  GLY n 
2 21  VAL n 
2 22  LYS n 
2 23  LYS n 
2 24  PRO n 
2 25  HIS n 
# 
_entity_src_gen.entity_id                          1 
_entity_src_gen.pdbx_src_id                        1 
_entity_src_gen.pdbx_alt_source_flag               sample 
_entity_src_gen.pdbx_seq_type                      'Biological sequence' 
_entity_src_gen.pdbx_beg_seq_num                   1 
_entity_src_gen.pdbx_end_seq_num                   155 
_entity_src_gen.gene_src_common_name               Human 
_entity_src_gen.gene_src_genus                     ? 
_entity_src_gen.pdbx_gene_src_gene                 'MLLT1, ENL, LTG19, YEATS1' 
_entity_src_gen.gene_src_species                   ? 
_entity_src_gen.gene_src_strain                    ? 
_entity_src_gen.gene_src_tissue                    ? 
_entity_src_gen.gene_src_tissue_fraction           ? 
_entity_src_gen.gene_src_details                   ? 
_entity_src_gen.pdbx_gene_src_fragment             ? 
_entity_src_gen.pdbx_gene_src_scientific_name      'Homo sapiens' 
_entity_src_gen.pdbx_gene_src_ncbi_taxonomy_id     9606 
_entity_src_gen.pdbx_gene_src_variant              ? 
_entity_src_gen.pdbx_gene_src_cell_line            ? 
_entity_src_gen.pdbx_gene_src_atcc                 ? 
_entity_src_gen.pdbx_gene_src_organ                ? 
_entity_src_gen.pdbx_gene_src_organelle            ? 
_entity_src_gen.pdbx_gene_src_cell                 ? 
_entity_src_gen.pdbx_gene_src_cellular_location    ? 
_entity_src_gen.host_org_common_name               ? 
_entity_src_gen.pdbx_host_org_scientific_name      'Escherichia coli BL21' 
_entity_src_gen.pdbx_host_org_ncbi_taxonomy_id     511693 
_entity_src_gen.host_org_genus                     ? 
_entity_src_gen.pdbx_host_org_gene                 ? 
_entity_src_gen.pdbx_host_org_organ                ? 
_entity_src_gen.host_org_species                   ? 
_entity_src_gen.pdbx_host_org_tissue               ? 
_entity_src_gen.pdbx_host_org_tissue_fraction      ? 
_entity_src_gen.pdbx_host_org_strain               BL21 
_entity_src_gen.pdbx_host_org_variant              ? 
_entity_src_gen.pdbx_host_org_cell_line            ? 
_entity_src_gen.pdbx_host_org_atcc                 ? 
_entity_src_gen.pdbx_host_org_culture_collection   ? 
_entity_src_gen.pdbx_host_org_cell                 ? 
_entity_src_gen.pdbx_host_org_organelle            ? 
_entity_src_gen.pdbx_host_org_cellular_location    ? 
_entity_src_gen.pdbx_host_org_vector_type          plasmid 
_entity_src_gen.pdbx_host_org_vector               ? 
_entity_src_gen.host_org_details                   ? 
_entity_src_gen.expression_system_id               ? 
_entity_src_gen.plasmid_name                       ? 
_entity_src_gen.plasmid_details                    ? 
_entity_src_gen.pdbx_description                   ? 
# 
_pdbx_entity_src_syn.entity_id              2 
_pdbx_entity_src_syn.pdbx_src_id            1 
_pdbx_entity_src_syn.pdbx_alt_source_flag   sample 
_pdbx_entity_src_syn.pdbx_beg_seq_num       1 
_pdbx_entity_src_syn.pdbx_end_seq_num       25 
_pdbx_entity_src_syn.organism_scientific    'Homo sapiens' 
_pdbx_entity_src_syn.organism_common_name   Human 
_pdbx_entity_src_syn.ncbi_taxonomy_id       9606 
_pdbx_entity_src_syn.details                ? 
# 
loop_
_chem_comp.id 
_chem_comp.type 
_chem_comp.mon_nstd_flag 
_chem_comp.name 
_chem_comp.pdbx_synonyms 
_chem_comp.formula 
_chem_comp.formula_weight 
ALA 'L-peptide linking' y ALANINE             ? 'C3 H7 N O2'     89.093  
ALY 'L-peptide linking' n 'N(6)-ACETYLLYSINE' ? 'C8 H16 N2 O3'   188.224 
ARG 'L-peptide linking' y ARGININE            ? 'C6 H15 N4 O2 1' 175.209 
ASN 'L-peptide linking' y ASPARAGINE          ? 'C4 H8 N2 O3'    132.118 
ASP 'L-peptide linking' y 'ASPARTIC ACID'     ? 'C4 H7 N O4'     133.103 
CYS 'L-peptide linking' y CYSTEINE            ? 'C3 H7 N O2 S'   121.158 
GLN 'L-peptide linking' y GLUTAMINE           ? 'C5 H10 N2 O3'   146.144 
GLU 'L-peptide linking' y 'GLUTAMIC ACID'     ? 'C5 H9 N O4'     147.129 
GLY 'peptide linking'   y GLYCINE             ? 'C2 H5 N O2'     75.067  
HIS 'L-peptide linking' y HISTIDINE           ? 'C6 H10 N3 O2 1' 156.162 
HOH non-polymer         . WATER               ? 'H2 O'           18.015  
ILE 'L-peptide linking' y ISOLEUCINE          ? 'C6 H13 N O2'    131.173 
LEU 'L-peptide linking' y LEUCINE             ? 'C6 H13 N O2'    131.173 
LYS 'L-peptide linking' y LYSINE              ? 'C6 H15 N2 O2 1' 147.195 
MET 'L-peptide linking' y METHIONINE          ? 'C5 H11 N O2 S'  149.211 
PHE 'L-peptide linking' y PHENYLALANINE       ? 'C9 H11 N O2'    165.189 
PRO 'L-peptide linking' y PROLINE             ? 'C5 H9 N O2'     115.130 
SER 'L-peptide linking' y SERINE              ? 'C3 H7 N O3'     105.093 
SO4 non-polymer         . 'SULFATE ION'       ? 'O4 S -2'        96.063  
THR 'L-peptide linking' y THREONINE           ? 'C4 H9 N O3'     119.119 
TRP 'L-peptide linking' y TRYPTOPHAN          ? 'C11 H12 N2 O2'  204.225 
TYR 'L-peptide linking' y TYROSINE            ? 'C9 H11 N O3'    181.189 
VAL 'L-peptide linking' y VALINE              ? 'C5 H11 N O2'    117.146 
# 
loop_
_pdbx_poly_seq_scheme.asym_id 
_pdbx_poly_seq_scheme.entity_id 
_pdbx_poly_seq_scheme.seq_id 
_pdbx_poly_seq_scheme.mon_id 
_pdbx_poly_seq_scheme.ndb_seq_num 
_pdbx_poly_seq_scheme.pdb_seq_num 
_pdbx_poly_seq_scheme.auth_seq_num 
_pdbx_poly_seq_scheme.pdb_mon_id 
_pdbx_poly_seq_scheme.auth_mon_id 
_pdbx_poly_seq_scheme.pdb_strand_id 
_pdbx_poly_seq_scheme.pdb_ins_code 
_pdbx_poly_seq_scheme.hetero 
A 1 1   SER 1   0   ?   ?   ?   A . n 
A 1 2   MET 2   1   ?   ?   ?   A . n 
A 1 3   ASP 3   2   ?   ?   ?   A . n 
A 1 4   ASN 4   3   ?   ?   ?   A . n 
A 1 5   GLN 5   4   ?   ?   ?   A . n 
A 1 6   CYS 6   5   5   CYS CYS A . n 
A 1 7   THR 7   6   6   THR THR A . n 
A 1 8   VAL 8   7   7   VAL VAL A . n 
A 1 9   GLN 9   8   8   GLN GLN A . n 
A 1 10  VAL 10  9   9   VAL VAL A . n 
A 1 11  ARG 11  10  10  ARG ARG A . n 
A 1 12  LEU 12  11  11  LEU LEU A . n 
A 1 13  GLU 13  12  12  GLU GLU A . n 
A 1 14  LEU 14  13  13  LEU LEU A . n 
A 1 15  GLY 15  14  14  GLY GLY A . n 
A 1 16  HIS 16  15  15  HIS HIS A . n 
A 1 17  ARG 17  16  16  ARG ARG A . n 
A 1 18  ALA 18  17  17  ALA ALA A . n 
A 1 19  GLN 19  18  18  GLN GLN A . n 
A 1 20  LEU 20  19  19  LEU LEU A . n 
A 1 21  ARG 21  20  20  ARG ARG A . n 
A 1 22  LYS 22  21  21  LYS LYS A . n 
A 1 23  LYS 23  22  22  LYS LYS A . n 
A 1 24  PRO 24  23  23  PRO PRO A . n 
A 1 25  THR 25  24  24  THR THR A . n 
A 1 26  THR 26  25  25  THR THR A . n 
A 1 27  GLU 27  26  26  GLU GLU A . n 
A 1 28  GLY 28  27  27  GLY GLY A . n 
A 1 29  PHE 29  28  28  PHE PHE A . n 
A 1 30  THR 30  29  29  THR THR A . n 
A 1 31  HIS 31  30  30  HIS HIS A . n 
A 1 32  ASP 32  31  31  ASP ASP A . n 
A 1 33  TRP 33  32  32  TRP TRP A . n 
A 1 34  MET 34  33  33  MET MET A . n 
A 1 35  VAL 35  34  34  VAL VAL A . n 
A 1 36  PHE 36  35  35  PHE PHE A . n 
A 1 37  VAL 37  36  36  VAL VAL A . n 
A 1 38  ARG 38  37  37  ARG ARG A . n 
A 1 39  GLY 39  38  38  GLY GLY A . n 
A 1 40  PRO 40  39  39  PRO PRO A . n 
A 1 41  GLU 41  40  40  GLU GLU A . n 
A 1 42  GLN 42  41  41  GLN GLN A . n 
A 1 43  CYS 43  42  42  CYS CYS A . n 
A 1 44  ASP 44  43  43  ASP ASP A . n 
A 1 45  ILE 45  44  44  ILE ILE A . n 
A 1 46  GLN 46  45  45  GLN GLN A . n 
A 1 47  HIS 47  46  46  HIS HIS A . n 
A 1 48  PHE 48  47  47  PHE PHE A . n 
A 1 49  VAL 49  48  48  VAL VAL A . n 
A 1 50  GLU 50  49  49  GLU GLU A . n 
A 1 51  LYS 51  50  50  LYS LYS A . n 
A 1 52  VAL 52  51  51  VAL VAL A . n 
A 1 53  VAL 53  52  52  VAL VAL A . n 
A 1 54  PHE 54  53  53  PHE PHE A . n 
A 1 55  TRP 55  54  54  TRP TRP A . n 
A 1 56  LEU 56  55  55  LEU LEU A . n 
A 1 57  HIS 57  56  56  HIS HIS A . n 
A 1 58  ASP 58  57  57  ASP ASP A . n 
A 1 59  SER 59  58  58  SER SER A . n 
A 1 60  PHE 60  59  59  PHE PHE A . n 
A 1 61  PRO 61  60  60  PRO PRO A . n 
A 1 62  LYS 62  61  61  LYS LYS A . n 
A 1 63  PRO 63  62  62  PRO PRO A . n 
A 1 64  ARG 64  63  63  ARG ARG A . n 
A 1 65  ARG 65  64  64  ARG ARG A . n 
A 1 66  VAL 66  65  65  VAL VAL A . n 
A 1 67  CYS 67  66  66  CYS CYS A . n 
A 1 68  LYS 68  67  67  LYS LYS A . n 
A 1 69  GLU 69  68  68  GLU GLU A . n 
A 1 70  PRO 70  69  69  PRO PRO A . n 
A 1 71  PRO 71  70  70  PRO PRO A . n 
A 1 72  TYR 72  71  71  TYR TYR A . n 
A 1 73  LYS 73  72  72  LYS LYS A . n 
A 1 74  VAL 74  73  73  VAL VAL A . n 
A 1 75  GLU 75  74  74  GLU GLU A . n 
A 1 76  GLU 76  75  75  GLU GLU A . n 
A 1 77  SER 77  76  76  SER SER A . n 
A 1 78  GLY 78  77  77  GLY GLY A . n 
A 1 79  TYR 79  78  78  TYR TYR A . n 
A 1 80  ALA 80  79  79  ALA ALA A . n 
A 1 81  GLY 81  80  80  GLY GLY A . n 
A 1 82  PHE 82  81  81  PHE PHE A . n 
A 1 83  ILE 83  82  82  ILE ILE A . n 
A 1 84  MET 84  83  83  MET MET A . n 
A 1 85  PRO 85  84  84  PRO PRO A . n 
A 1 86  ILE 86  85  85  ILE ILE A . n 
A 1 87  GLU 87  86  86  GLU GLU A . n 
A 1 88  VAL 88  87  87  VAL VAL A . n 
A 1 89  HIS 89  88  88  HIS HIS A . n 
A 1 90  PHE 90  89  89  PHE PHE A . n 
A 1 91  LYS 91  90  90  LYS LYS A . n 
A 1 92  ASN 92  91  91  ASN ASN A . n 
A 1 93  LYS 93  92  92  LYS LYS A . n 
A 1 94  GLU 94  93  93  GLU GLU A . n 
A 1 95  GLU 95  94  94  GLU GLU A . n 
A 1 96  PRO 96  95  95  PRO PRO A . n 
A 1 97  ARG 97  96  96  ARG ARG A . n 
A 1 98  LYS 98  97  97  LYS LYS A . n 
A 1 99  VAL 99  98  98  VAL VAL A . n 
A 1 100 CYS 100 99  99  CYS CYS A . n 
A 1 101 PHE 101 100 100 PHE PHE A . n 
A 1 102 THR 102 101 101 THR THR A . n 
A 1 103 TYR 103 102 102 TYR TYR A . n 
A 1 104 ASP 104 103 103 ASP ASP A . n 
A 1 105 LEU 105 104 104 LEU LEU A . n 
A 1 106 PHE 106 105 105 PHE PHE A . n 
A 1 107 LEU 107 106 106 LEU LEU A . n 
A 1 108 ASN 108 107 107 ASN ASN A . n 
A 1 109 LEU 109 108 108 LEU LEU A . n 
A 1 110 GLU 110 109 109 GLU GLU A . n 
A 1 111 GLY 111 110 110 GLY GLY A . n 
A 1 112 ASN 112 111 111 ASN ASN A . n 
A 1 113 PRO 113 112 112 PRO PRO A . n 
A 1 114 PRO 114 113 113 PRO PRO A . n 
A 1 115 VAL 115 114 114 VAL VAL A . n 
A 1 116 ASN 116 115 115 ASN ASN A . n 
A 1 117 HIS 117 116 116 HIS HIS A . n 
A 1 118 LEU 118 117 117 LEU LEU A . n 
A 1 119 ARG 119 118 118 ARG ARG A . n 
A 1 120 CYS 120 119 119 CYS CYS A . n 
A 1 121 GLU 121 120 120 GLU GLU A . n 
A 1 122 LYS 122 121 121 LYS LYS A . n 
A 1 123 LEU 123 122 122 LEU LEU A . n 
A 1 124 THR 124 123 123 THR THR A . n 
A 1 125 PHE 125 124 124 PHE PHE A . n 
A 1 126 ASN 126 125 125 ASN ASN A . n 
A 1 127 ASN 127 126 126 ASN ASN A . n 
A 1 128 PRO 128 127 127 PRO PRO A . n 
A 1 129 THR 129 128 128 THR THR A . n 
A 1 130 THR 130 129 129 THR THR A . n 
A 1 131 GLU 131 130 130 GLU GLU A . n 
A 1 132 PHE 132 131 131 PHE PHE A . n 
A 1 133 ARG 133 132 132 ARG ARG A . n 
A 1 134 TYR 134 133 133 TYR TYR A . n 
A 1 135 LYS 135 134 134 LYS LYS A . n 
A 1 136 LEU 136 135 135 LEU LEU A . n 
A 1 137 LEU 137 136 136 LEU LEU A . n 
A 1 138 ARG 138 137 137 ARG ARG A . n 
A 1 139 ALA 139 138 138 ALA ALA A . n 
A 1 140 GLY 140 139 139 GLY GLY A . n 
A 1 141 GLY 141 140 140 GLY GLY A . n 
A 1 142 VAL 142 141 141 VAL VAL A . n 
A 1 143 MET 143 142 142 MET MET A . n 
A 1 144 VAL 144 143 143 VAL VAL A . n 
A 1 145 MET 145 144 144 MET MET A . n 
A 1 146 PRO 146 145 145 PRO PRO A . n 
A 1 147 GLU 147 146 146 GLU GLU A . n 
A 1 148 GLY 148 147 147 GLY GLY A . n 
A 1 149 ALA 149 148 148 ALA ALA A . n 
A 1 150 HIS 150 149 149 HIS HIS A . n 
A 1 151 HIS 151 150 150 HIS HIS A . n 
A 1 152 HIS 152 151 151 HIS HIS A . n 
A 1 153 HIS 153 152 152 HIS HIS A . n 
A 1 154 HIS 154 153 153 HIS HIS A . n 
A 1 155 HIS 155 154 154 HIS HIS A . n 
B 2 1   ALA 1   15  ?   ?   ?   B . n 
B 2 2   PRO 2   16  ?   ?   ?   B . n 
B 2 3   ARG 3   17  ?   ?   ?   B . n 
B 2 4   LYS 4   18  ?   ?   ?   B . n 
B 2 5   GLN 5   19  ?   ?   ?   B . n 
B 2 6   LEU 6   20  ?   ?   ?   B . n 
B 2 7   ALA 7   21  ?   ?   ?   B . n 
B 2 8   THR 8   22  ?   ?   ?   B . n 
B 2 9   LYS 9   23  ?   ?   ?   B . n 
B 2 10  ALA 10  24  24  ALA ALA B . n 
B 2 11  ALA 11  25  25  ALA ALA B . n 
B 2 12  ARG 12  26  26  ARG ARG B . n 
B 2 13  ALY 13  27  27  ALY ALY B . n 
B 2 14  SER 14  28  28  SER SER B . n 
B 2 15  ALA 15  29  29  ALA ALA B . n 
B 2 16  PRO 16  30  ?   ?   ?   B . n 
B 2 17  ALA 17  31  ?   ?   ?   B . n 
B 2 18  THR 18  32  ?   ?   ?   B . n 
B 2 19  GLY 19  33  ?   ?   ?   B . n 
B 2 20  GLY 20  34  ?   ?   ?   B . n 
B 2 21  VAL 21  35  ?   ?   ?   B . n 
B 2 22  LYS 22  36  ?   ?   ?   B . n 
B 2 23  LYS 23  37  ?   ?   ?   B . n 
B 2 24  PRO 24  38  ?   ?   ?   B . n 
B 2 25  HIS 25  39  ?   ?   ?   B . n 
# 
loop_
_pdbx_nonpoly_scheme.asym_id 
_pdbx_nonpoly_scheme.entity_id 
_pdbx_nonpoly_scheme.mon_id 
_pdbx_nonpoly_scheme.ndb_seq_num 
_pdbx_nonpoly_scheme.pdb_seq_num 
_pdbx_nonpoly_scheme.auth_seq_num 
_pdbx_nonpoly_scheme.pdb_mon_id 
_pdbx_nonpoly_scheme.auth_mon_id 
_pdbx_nonpoly_scheme.pdb_strand_id 
_pdbx_nonpoly_scheme.pdb_ins_code 
C 3 SO4 1  201 2  SO4 SO4 A . 
D 3 SO4 1  202 4  SO4 SO4 A . 
E 3 SO4 1  203 5  SO4 SO4 A . 
F 3 SO4 1  101 1  SO4 SO4 B . 
G 4 HOH 1  301 47 HOH HOH A . 
G 4 HOH 2  302 20 HOH HOH A . 
G 4 HOH 3  303 46 HOH HOH A . 
G 4 HOH 4  304 50 HOH HOH A . 
G 4 HOH 5  305 16 HOH HOH A . 
G 4 HOH 6  306 10 HOH HOH A . 
G 4 HOH 7  307 30 HOH HOH A . 
G 4 HOH 8  308 15 HOH HOH A . 
G 4 HOH 9  309 49 HOH HOH A . 
G 4 HOH 10 310 42 HOH HOH A . 
G 4 HOH 11 311 22 HOH HOH A . 
G 4 HOH 12 312 5  HOH HOH A . 
G 4 HOH 13 313 21 HOH HOH A . 
G 4 HOH 14 314 31 HOH HOH A . 
G 4 HOH 15 315 6  HOH HOH A . 
G 4 HOH 16 316 13 HOH HOH A . 
G 4 HOH 17 317 28 HOH HOH A . 
G 4 HOH 18 318 8  HOH HOH A . 
G 4 HOH 19 319 2  HOH HOH A . 
G 4 HOH 20 320 40 HOH HOH A . 
G 4 HOH 21 321 25 HOH HOH A . 
G 4 HOH 22 322 1  HOH HOH A . 
G 4 HOH 23 323 24 HOH HOH A . 
G 4 HOH 24 324 12 HOH HOH A . 
G 4 HOH 25 325 17 HOH HOH A . 
G 4 HOH 26 326 34 HOH HOH A . 
G 4 HOH 27 327 4  HOH HOH A . 
G 4 HOH 28 328 18 HOH HOH A . 
G 4 HOH 29 329 19 HOH HOH A . 
G 4 HOH 30 330 7  HOH HOH A . 
G 4 HOH 31 331 41 HOH HOH A . 
G 4 HOH 32 332 26 HOH HOH A . 
G 4 HOH 33 333 27 HOH HOH A . 
G 4 HOH 34 334 9  HOH HOH A . 
G 4 HOH 35 335 33 HOH HOH A . 
G 4 HOH 36 336 14 HOH HOH A . 
G 4 HOH 37 337 36 HOH HOH A . 
G 4 HOH 38 338 23 HOH HOH A . 
G 4 HOH 39 339 43 HOH HOH A . 
G 4 HOH 40 340 3  HOH HOH A . 
G 4 HOH 41 341 29 HOH HOH A . 
G 4 HOH 42 342 11 HOH HOH A . 
G 4 HOH 43 343 45 HOH HOH A . 
G 4 HOH 44 344 39 HOH HOH A . 
G 4 HOH 45 345 44 HOH HOH A . 
G 4 HOH 46 346 51 HOH HOH A . 
G 4 HOH 47 347 38 HOH HOH A . 
G 4 HOH 48 348 37 HOH HOH A . 
G 4 HOH 49 349 48 HOH HOH A . 
G 4 HOH 50 350 35 HOH HOH A . 
H 4 HOH 1  201 32 HOH HOH B . 
# 
loop_
_software.citation_id 
_software.classification 
_software.compiler_name 
_software.compiler_version 
_software.contact_author 
_software.contact_author_email 
_software.date 
_software.description 
_software.dependencies 
_software.hardware 
_software.language 
_software.location 
_software.mods 
_software.name 
_software.os 
_software.os_version 
_software.type 
_software.version 
_software.pdbx_ordinal 
? refinement        ? ? ? ? ? ? ? ? ? ? ? PHENIX      ? ? ? 1.10_2155 1 
? 'data scaling'    ? ? ? ? ? ? ? ? ? ? ? HKL-2000    ? ? ? .         2 
? 'data extraction' ? ? ? ? ? ? ? ? ? ? ? PDB_EXTRACT ? ? ? 3.20      3 
? 'data reduction'  ? ? ? ? ? ? ? ? ? ? ? HKL-2000    ? ? ? .         4 
? phasing           ? ? ? ? ? ? ? ? ? ? ? MOLREP      ? ? ? .         5 
# 
_cell.angle_alpha                  90.000 
_cell.angle_alpha_esd              ? 
_cell.angle_beta                   90.000 
_cell.angle_beta_esd               ? 
_cell.angle_gamma                  120.000 
_cell.angle_gamma_esd              ? 
_cell.entry_id                     5J9S 
_cell.details                      ? 
_cell.formula_units_Z              ? 
_cell.length_a                     104.979 
_cell.length_a_esd                 ? 
_cell.length_b                     104.979 
_cell.length_b_esd                 ? 
_cell.length_c                     45.128 
_cell.length_c_esd                 ? 
_cell.volume                       ? 
_cell.volume_esd                   ? 
_cell.Z_PDB                        6 
_cell.reciprocal_angle_alpha       ? 
_cell.reciprocal_angle_beta        ? 
_cell.reciprocal_angle_gamma       ? 
_cell.reciprocal_angle_alpha_esd   ? 
_cell.reciprocal_angle_beta_esd    ? 
_cell.reciprocal_angle_gamma_esd   ? 
_cell.reciprocal_length_a          ? 
_cell.reciprocal_length_b          ? 
_cell.reciprocal_length_c          ? 
_cell.reciprocal_length_a_esd      ? 
_cell.reciprocal_length_b_esd      ? 
_cell.reciprocal_length_c_esd      ? 
_cell.pdbx_unique_axis             ? 
# 
_symmetry.entry_id                         5J9S 
_symmetry.cell_setting                     ? 
_symmetry.Int_Tables_number                152 
_symmetry.space_group_name_Hall            ? 
_symmetry.space_group_name_H-M             'P 31 2 1' 
_symmetry.pdbx_full_space_group_name_H-M   ? 
# 
_exptl.absorpt_coefficient_mu     ? 
_exptl.absorpt_correction_T_max   ? 
_exptl.absorpt_correction_T_min   ? 
_exptl.absorpt_correction_type    ? 
_exptl.absorpt_process_details    ? 
_exptl.entry_id                   5J9S 
_exptl.crystals_number            1 
_exptl.details                    ? 
_exptl.method                     'X-RAY DIFFRACTION' 
_exptl.method_details             ? 
# 
_exptl_crystal.colour                      ? 
_exptl_crystal.density_diffrn              ? 
_exptl_crystal.density_Matthews            3.43 
_exptl_crystal.density_method              ? 
_exptl_crystal.density_percent_sol         68.65 
_exptl_crystal.description                 ? 
_exptl_crystal.F_000                       ? 
_exptl_crystal.id                          1 
_exptl_crystal.preparation                 ? 
_exptl_crystal.size_max                    ? 
_exptl_crystal.size_mid                    ? 
_exptl_crystal.size_min                    ? 
_exptl_crystal.size_rad                    ? 
_exptl_crystal.colour_lustre               ? 
_exptl_crystal.colour_modifier             ? 
_exptl_crystal.colour_primary              ? 
_exptl_crystal.density_meas                ? 
_exptl_crystal.density_meas_esd            ? 
_exptl_crystal.density_meas_gt             ? 
_exptl_crystal.density_meas_lt             ? 
_exptl_crystal.density_meas_temp           ? 
_exptl_crystal.density_meas_temp_esd       ? 
_exptl_crystal.density_meas_temp_gt        ? 
_exptl_crystal.density_meas_temp_lt        ? 
_exptl_crystal.pdbx_crystal_image_url      ? 
_exptl_crystal.pdbx_crystal_image_format   ? 
_exptl_crystal.pdbx_mosaicity              ? 
_exptl_crystal.pdbx_mosaicity_esd          ? 
# 
_exptl_crystal_grow.apparatus       ? 
_exptl_crystal_grow.atmosphere      ? 
_exptl_crystal_grow.crystal_id      1 
_exptl_crystal_grow.details         ? 
_exptl_crystal_grow.method          'VAPOR DIFFUSION, SITTING DROP' 
_exptl_crystal_grow.method_ref      ? 
_exptl_crystal_grow.pH              ? 
_exptl_crystal_grow.pressure        ? 
_exptl_crystal_grow.pressure_esd    ? 
_exptl_crystal_grow.seeding         ? 
_exptl_crystal_grow.seeding_ref     ? 
_exptl_crystal_grow.temp            277 
_exptl_crystal_grow.temp_details    ? 
_exptl_crystal_grow.temp_esd        ? 
_exptl_crystal_grow.time            ? 
_exptl_crystal_grow.pdbx_details    '0.1M K/Na Tartrate, 0.1M Sodium citrate tribasic dihydrate, pH 5.6, 2M (NH4)2SO4' 
_exptl_crystal_grow.pdbx_pH_range   ? 
# 
_diffrn.ambient_environment    ? 
_diffrn.ambient_temp           100 
_diffrn.ambient_temp_details   ? 
_diffrn.ambient_temp_esd       ? 
_diffrn.crystal_id             1 
_diffrn.crystal_support        ? 
_diffrn.crystal_treatment      ? 
_diffrn.details                ? 
_diffrn.id                     1 
_diffrn.ambient_pressure       ? 
_diffrn.ambient_pressure_esd   ? 
_diffrn.ambient_pressure_gt    ? 
_diffrn.ambient_pressure_lt    ? 
_diffrn.ambient_temp_gt        ? 
_diffrn.ambient_temp_lt        ? 
# 
_diffrn_detector.details                      ? 
_diffrn_detector.detector                     CCD 
_diffrn_detector.diffrn_id                    1 
_diffrn_detector.type                         MARRESEARCH 
_diffrn_detector.area_resol_mean              ? 
_diffrn_detector.dtime                        ? 
_diffrn_detector.pdbx_frames_total            ? 
_diffrn_detector.pdbx_collection_time_total   ? 
_diffrn_detector.pdbx_collection_date         2014-12-17 
# 
_diffrn_radiation.collimation                      ? 
_diffrn_radiation.diffrn_id                        1 
_diffrn_radiation.filter_edge                      ? 
_diffrn_radiation.inhomogeneity                    ? 
_diffrn_radiation.monochromator                    ? 
_diffrn_radiation.polarisn_norm                    ? 
_diffrn_radiation.polarisn_ratio                   ? 
_diffrn_radiation.probe                            ? 
_diffrn_radiation.type                             ? 
_diffrn_radiation.xray_symbol                      ? 
_diffrn_radiation.wavelength_id                    1 
_diffrn_radiation.pdbx_monochromatic_or_laue_m_l   M 
_diffrn_radiation.pdbx_wavelength_list             ? 
_diffrn_radiation.pdbx_wavelength                  ? 
_diffrn_radiation.pdbx_diffrn_protocol             'SINGLE WAVELENGTH' 
_diffrn_radiation.pdbx_analyzer                    ? 
_diffrn_radiation.pdbx_scattering_type             x-ray 
# 
_diffrn_radiation_wavelength.id           1 
_diffrn_radiation_wavelength.wavelength   0.9790 
_diffrn_radiation_wavelength.wt           1.0 
# 
_diffrn_source.current                     ? 
_diffrn_source.details                     ? 
_diffrn_source.diffrn_id                   1 
_diffrn_source.power                       ? 
_diffrn_source.size                        ? 
_diffrn_source.source                      SYNCHROTRON 
_diffrn_source.target                      ? 
_diffrn_source.type                        'SSRF BEAMLINE BL17U' 
_diffrn_source.voltage                     ? 
_diffrn_source.take-off_angle              ? 
_diffrn_source.pdbx_wavelength_list        0.9790 
_diffrn_source.pdbx_wavelength             ? 
_diffrn_source.pdbx_synchrotron_beamline   BL17U 
_diffrn_source.pdbx_synchrotron_site       SSRF 
# 
_reflns.B_iso_Wilson_estimate            24.640 
_reflns.entry_id                         5J9S 
_reflns.data_reduction_details           ? 
_reflns.data_reduction_method            ? 
_reflns.d_resolution_high                2.700 
_reflns.d_resolution_low                 50.000 
_reflns.details                          ? 
_reflns.limit_h_max                      ? 
_reflns.limit_h_min                      ? 
_reflns.limit_k_max                      ? 
_reflns.limit_k_min                      ? 
_reflns.limit_l_max                      ? 
_reflns.limit_l_min                      ? 
_reflns.number_all                       ? 
_reflns.number_obs                       8062 
_reflns.observed_criterion               ? 
_reflns.observed_criterion_F_max         ? 
_reflns.observed_criterion_F_min         ? 
_reflns.observed_criterion_I_max         ? 
_reflns.observed_criterion_I_min         ? 
_reflns.observed_criterion_sigma_F       ? 
_reflns.observed_criterion_sigma_I       ? 
_reflns.percent_possible_obs             99.700 
_reflns.R_free_details                   ? 
_reflns.Rmerge_F_all                     ? 
_reflns.Rmerge_F_obs                     ? 
_reflns.Friedel_coverage                 ? 
_reflns.number_gt                        ? 
_reflns.threshold_expression             ? 
_reflns.pdbx_redundancy                  6.400 
_reflns.pdbx_Rmerge_I_obs                0.234 
_reflns.pdbx_Rmerge_I_all                ? 
_reflns.pdbx_Rsym_value                  ? 
_reflns.pdbx_netI_over_av_sigmaI         ? 
_reflns.pdbx_netI_over_sigmaI            4.100 
_reflns.pdbx_res_netI_over_av_sigmaI_2   ? 
_reflns.pdbx_res_netI_over_sigmaI_2      ? 
_reflns.pdbx_chi_squared                 1.521 
_reflns.pdbx_scaling_rejects             ? 
_reflns.pdbx_d_res_high_opt              ? 
_reflns.pdbx_d_res_low_opt               ? 
_reflns.pdbx_d_res_opt_method            ? 
_reflns.phase_calculation_details        ? 
_reflns.pdbx_Rrim_I_all                  ? 
_reflns.pdbx_Rpim_I_all                  ? 
_reflns.pdbx_d_opt                       ? 
_reflns.pdbx_number_measured_all         ? 
_reflns.pdbx_diffrn_id                   1 
_reflns.pdbx_ordinal                     1 
_reflns.pdbx_CC_half                     ? 
_reflns.pdbx_R_split                     ? 
# 
loop_
_reflns_shell.d_res_high 
_reflns_shell.d_res_low 
_reflns_shell.meanI_over_sigI_all 
_reflns_shell.meanI_over_sigI_obs 
_reflns_shell.number_measured_all 
_reflns_shell.number_measured_obs 
_reflns_shell.number_possible 
_reflns_shell.number_unique_all 
_reflns_shell.number_unique_obs 
_reflns_shell.percent_possible_all 
_reflns_shell.percent_possible_obs 
_reflns_shell.Rmerge_F_all 
_reflns_shell.Rmerge_F_obs 
_reflns_shell.Rmerge_I_all 
_reflns_shell.Rmerge_I_obs 
_reflns_shell.meanI_over_sigI_gt 
_reflns_shell.meanI_over_uI_all 
_reflns_shell.meanI_over_uI_gt 
_reflns_shell.number_measured_gt 
_reflns_shell.number_unique_gt 
_reflns_shell.percent_possible_gt 
_reflns_shell.Rmerge_F_gt 
_reflns_shell.Rmerge_I_gt 
_reflns_shell.pdbx_redundancy 
_reflns_shell.pdbx_Rsym_value 
_reflns_shell.pdbx_chi_squared 
_reflns_shell.pdbx_netI_over_sigmaI_all 
_reflns_shell.pdbx_netI_over_sigmaI_obs 
_reflns_shell.pdbx_Rrim_I_all 
_reflns_shell.pdbx_Rpim_I_all 
_reflns_shell.pdbx_rejects 
_reflns_shell.pdbx_ordinal 
_reflns_shell.pdbx_diffrn_id 
_reflns_shell.pdbx_CC_half 
_reflns_shell.pdbx_R_split 
2.700 2.750  ? ? ? ? ? ? ? 100.000 ? ? ? ? 0.809 ? ? ? ? ? ? ? ? 6.500 ? 1.182 ? ? ? ? ? 1  1 ? ? 
2.750 2.800  ? ? ? ? ? ? ? 99.800  ? ? ? ? 0.757 ? ? ? ? ? ? ? ? 6.400 ? 1.234 ? ? ? ? ? 2  1 ? ? 
2.800 2.850  ? ? ? ? ? ? ? 100.000 ? ? ? ? 0.684 ? ? ? ? ? ? ? ? 6.500 ? 1.344 ? ? ? ? ? 3  1 ? ? 
2.850 2.910  ? ? ? ? ? ? ? 99.700  ? ? ? ? 0.556 ? ? ? ? ? ? ? ? 6.600 ? 1.263 ? ? ? ? ? 4  1 ? ? 
2.910 2.970  ? ? ? ? ? ? ? 99.500  ? ? ? ? 0.526 ? ? ? ? ? ? ? ? 6.400 ? 1.279 ? ? ? ? ? 5  1 ? ? 
2.970 3.040  ? ? ? ? ? ? ? 100.000 ? ? ? ? 0.438 ? ? ? ? ? ? ? ? 6.500 ? 1.331 ? ? ? ? ? 6  1 ? ? 
3.040 3.120  ? ? ? ? ? ? ? 100.000 ? ? ? ? 0.382 ? ? ? ? ? ? ? ? 6.500 ? 1.203 ? ? ? ? ? 7  1 ? ? 
3.120 3.200  ? ? ? ? ? ? ? 99.800  ? ? ? ? 0.322 ? ? ? ? ? ? ? ? 6.400 ? 1.284 ? ? ? ? ? 8  1 ? ? 
3.200 3.300  ? ? ? ? ? ? ? 100.000 ? ? ? ? 0.274 ? ? ? ? ? ? ? ? 6.500 ? 1.431 ? ? ? ? ? 9  1 ? ? 
3.300 3.400  ? ? ? ? ? ? ? 100.000 ? ? ? ? 0.271 ? ? ? ? ? ? ? ? 6.400 ? 1.380 ? ? ? ? ? 10 1 ? ? 
3.400 3.520  ? ? ? ? ? ? ? 99.500  ? ? ? ? 0.212 ? ? ? ? ? ? ? ? 6.400 ? 1.416 ? ? ? ? ? 11 1 ? ? 
3.520 3.660  ? ? ? ? ? ? ? 100.000 ? ? ? ? 0.174 ? ? ? ? ? ? ? ? 6.500 ? 1.705 ? ? ? ? ? 12 1 ? ? 
3.660 3.830  ? ? ? ? ? ? ? 99.800  ? ? ? ? 0.170 ? ? ? ? ? ? ? ? 6.400 ? 1.588 ? ? ? ? ? 13 1 ? ? 
3.830 4.030  ? ? ? ? ? ? ? 100.000 ? ? ? ? 0.178 ? ? ? ? ? ? ? ? 6.400 ? 1.659 ? ? ? ? ? 14 1 ? ? 
4.030 4.290  ? ? ? ? ? ? ? 99.800  ? ? ? ? 0.164 ? ? ? ? ? ? ? ? 6.300 ? 1.797 ? ? ? ? ? 15 1 ? ? 
4.290 4.620  ? ? ? ? ? ? ? 100.000 ? ? ? ? 0.151 ? ? ? ? ? ? ? ? 6.200 ? 2.363 ? ? ? ? ? 16 1 ? ? 
4.620 5.080  ? ? ? ? ? ? ? 99.800  ? ? ? ? 0.142 ? ? ? ? ? ? ? ? 6.100 ? 2.083 ? ? ? ? ? 17 1 ? ? 
5.080 5.810  ? ? ? ? ? ? ? 99.800  ? ? ? ? 0.185 ? ? ? ? ? ? ? ? 6.200 ? 1.713 ? ? ? ? ? 18 1 ? ? 
5.810 7.320  ? ? ? ? ? ? ? 99.800  ? ? ? ? 0.175 ? ? ? ? ? ? ? ? 6.000 ? 1.454 ? ? ? ? ? 19 1 ? ? 
7.320 50.000 ? ? ? ? ? ? ? 97.300  ? ? ? ? 0.099 ? ? ? ? ? ? ? ? 6.000 ? 1.748 ? ? ? ? ? 20 1 ? ? 
# 
_refine.aniso_B[1][1]                            ? 
_refine.aniso_B[1][2]                            ? 
_refine.aniso_B[1][3]                            ? 
_refine.aniso_B[2][2]                            ? 
_refine.aniso_B[2][3]                            ? 
_refine.aniso_B[3][3]                            ? 
_refine.B_iso_max                                88.360 
_refine.B_iso_mean                               23.1289 
_refine.B_iso_min                                1.710 
_refine.correlation_coeff_Fo_to_Fc               ? 
_refine.correlation_coeff_Fo_to_Fc_free          ? 
_refine.details                                  ? 
_refine.diff_density_max                         ? 
_refine.diff_density_max_esd                     ? 
_refine.diff_density_min                         ? 
_refine.diff_density_min_esd                     ? 
_refine.diff_density_rms                         ? 
_refine.diff_density_rms_esd                     ? 
_refine.entry_id                                 5J9S 
_refine.pdbx_refine_id                           'X-RAY DIFFRACTION' 
_refine.ls_abs_structure_details                 ? 
_refine.ls_abs_structure_Flack                   ? 
_refine.ls_abs_structure_Flack_esd               ? 
_refine.ls_abs_structure_Rogers                  ? 
_refine.ls_abs_structure_Rogers_esd              ? 
_refine.ls_d_res_high                            2.7020 
_refine.ls_d_res_low                             40.4220 
_refine.ls_extinction_coef                       ? 
_refine.ls_extinction_coef_esd                   ? 
_refine.ls_extinction_expression                 ? 
_refine.ls_extinction_method                     ? 
_refine.ls_goodness_of_fit_all                   ? 
_refine.ls_goodness_of_fit_all_esd               ? 
_refine.ls_goodness_of_fit_obs                   ? 
_refine.ls_goodness_of_fit_obs_esd               ? 
_refine.ls_hydrogen_treatment                    ? 
_refine.ls_matrix_type                           ? 
_refine.ls_number_constraints                    ? 
_refine.ls_number_parameters                     ? 
_refine.ls_number_reflns_all                     ? 
_refine.ls_number_reflns_obs                     8050 
_refine.ls_number_reflns_R_free                  771 
_refine.ls_number_reflns_R_work                  7279 
_refine.ls_number_restraints                     ? 
_refine.ls_percent_reflns_obs                    99.7000 
_refine.ls_percent_reflns_R_free                 9.5800 
_refine.ls_R_factor_all                          ? 
_refine.ls_R_factor_obs                          0.1872 
_refine.ls_R_factor_R_free                       0.2103 
_refine.ls_R_factor_R_free_error                 ? 
_refine.ls_R_factor_R_free_error_details         ? 
_refine.ls_R_factor_R_work                       0.1848 
_refine.ls_R_Fsqd_factor_obs                     ? 
_refine.ls_R_I_factor_obs                        ? 
_refine.ls_redundancy_reflns_all                 ? 
_refine.ls_redundancy_reflns_obs                 ? 
_refine.ls_restrained_S_all                      ? 
_refine.ls_restrained_S_obs                      ? 
_refine.ls_shift_over_esd_max                    ? 
_refine.ls_shift_over_esd_mean                   ? 
_refine.ls_structure_factor_coef                 ? 
_refine.ls_weighting_details                     ? 
_refine.ls_weighting_scheme                      ? 
_refine.ls_wR_factor_all                         ? 
_refine.ls_wR_factor_obs                         ? 
_refine.ls_wR_factor_R_free                      ? 
_refine.ls_wR_factor_R_work                      ? 
_refine.occupancy_max                            ? 
_refine.occupancy_min                            ? 
_refine.solvent_model_details                    'FLAT BULK SOLVENT MODEL' 
_refine.solvent_model_param_bsol                 ? 
_refine.solvent_model_param_ksol                 ? 
_refine.ls_R_factor_gt                           ? 
_refine.ls_goodness_of_fit_gt                    ? 
_refine.ls_goodness_of_fit_ref                   ? 
_refine.ls_shift_over_su_max                     ? 
_refine.ls_shift_over_su_max_lt                  ? 
_refine.ls_shift_over_su_mean                    ? 
_refine.ls_shift_over_su_mean_lt                 ? 
_refine.pdbx_ls_sigma_I                          ? 
_refine.pdbx_ls_sigma_F                          1.350 
_refine.pdbx_ls_sigma_Fsqd                       ? 
_refine.pdbx_data_cutoff_high_absF               ? 
_refine.pdbx_data_cutoff_high_rms_absF           ? 
_refine.pdbx_data_cutoff_low_absF                ? 
_refine.pdbx_isotropic_thermal_model             ? 
_refine.pdbx_ls_cross_valid_method               'FREE R-VALUE' 
_refine.pdbx_method_to_determine_struct          'MOLECULAR REPLACEMENT' 
_refine.pdbx_starting_model                      4TMP 
_refine.pdbx_stereochemistry_target_values       ML 
_refine.pdbx_R_Free_selection_details            ? 
_refine.pdbx_stereochem_target_val_spec_case     ? 
_refine.pdbx_overall_ESU_R                       ? 
_refine.pdbx_overall_ESU_R_Free                  ? 
_refine.pdbx_solvent_vdw_probe_radii             1.1100 
_refine.pdbx_solvent_ion_probe_radii             ? 
_refine.pdbx_solvent_shrinkage_radii             0.9000 
_refine.pdbx_real_space_R                        ? 
_refine.pdbx_density_correlation                 ? 
_refine.pdbx_pd_number_of_powder_patterns        ? 
_refine.pdbx_pd_number_of_points                 ? 
_refine.pdbx_pd_meas_number_of_points            ? 
_refine.pdbx_pd_proc_ls_prof_R_factor            ? 
_refine.pdbx_pd_proc_ls_prof_wR_factor           ? 
_refine.pdbx_pd_Marquardt_correlation_coeff      ? 
_refine.pdbx_pd_Fsqrd_R_factor                   ? 
_refine.pdbx_pd_ls_matrix_band_width             ? 
_refine.pdbx_overall_phase_error                 20.6800 
_refine.pdbx_overall_SU_R_free_Cruickshank_DPI   ? 
_refine.pdbx_overall_SU_R_free_Blow_DPI          ? 
_refine.pdbx_overall_SU_R_Blow_DPI               ? 
_refine.pdbx_TLS_residual_ADP_flag               ? 
_refine.pdbx_diffrn_id                           1 
_refine.overall_SU_B                             ? 
_refine.overall_SU_ML                            0.2900 
_refine.overall_SU_R_Cruickshank_DPI             ? 
_refine.overall_SU_R_free                        ? 
_refine.overall_FOM_free_R_set                   ? 
_refine.overall_FOM_work_R_set                   ? 
_refine.pdbx_average_fsc_overall                 ? 
_refine.pdbx_average_fsc_work                    ? 
_refine.pdbx_average_fsc_free                    ? 
# 
_refine_hist.cycle_id                         final 
_refine_hist.pdbx_refine_id                   'X-RAY DIFFRACTION' 
_refine_hist.d_res_high                       2.7020 
_refine_hist.d_res_low                        40.4220 
_refine_hist.pdbx_number_atoms_ligand         20 
_refine_hist.number_atoms_solvent             51 
_refine_hist.number_atoms_total               1364 
_refine_hist.pdbx_number_residues_total       156 
_refine_hist.pdbx_B_iso_mean_ligand           42.40 
_refine_hist.pdbx_B_iso_mean_solvent          22.91 
_refine_hist.pdbx_number_atoms_protein        1293 
_refine_hist.pdbx_number_atoms_nucleic_acid   0 
# 
loop_
_refine_ls_restr.pdbx_refine_id 
_refine_ls_restr.criterion 
_refine_ls_restr.dev_ideal 
_refine_ls_restr.dev_ideal_target 
_refine_ls_restr.number 
_refine_ls_restr.rejects 
_refine_ls_restr.type 
_refine_ls_restr.weight 
_refine_ls_restr.pdbx_restraint_function 
'X-RAY DIFFRACTION' ? 0.003  ? 1350 ? f_bond_d           ? ? 
'X-RAY DIFFRACTION' ? 0.611  ? 1826 ? f_angle_d          ? ? 
'X-RAY DIFFRACTION' ? 0.045  ? 183  ? f_chiral_restr     ? ? 
'X-RAY DIFFRACTION' ? 0.003  ? 236  ? f_plane_restr      ? ? 
'X-RAY DIFFRACTION' ? 21.161 ? 793  ? f_dihedral_angle_d ? ? 
# 
loop_
_refine_ls_shell.pdbx_refine_id 
_refine_ls_shell.d_res_high 
_refine_ls_shell.d_res_low 
_refine_ls_shell.number_reflns_all 
_refine_ls_shell.number_reflns_obs 
_refine_ls_shell.number_reflns_R_free 
_refine_ls_shell.number_reflns_R_work 
_refine_ls_shell.percent_reflns_obs 
_refine_ls_shell.percent_reflns_R_free 
_refine_ls_shell.R_factor_all 
_refine_ls_shell.R_factor_obs 
_refine_ls_shell.R_factor_R_free 
_refine_ls_shell.R_factor_R_free_error 
_refine_ls_shell.R_factor_R_work 
_refine_ls_shell.redundancy_reflns_all 
_refine_ls_shell.redundancy_reflns_obs 
_refine_ls_shell.wR_factor_all 
_refine_ls_shell.wR_factor_obs 
_refine_ls_shell.wR_factor_R_free 
_refine_ls_shell.wR_factor_R_work 
_refine_ls_shell.pdbx_total_number_of_bins_used 
_refine_ls_shell.pdbx_phase_error 
_refine_ls_shell.pdbx_fsc_work 
_refine_ls_shell.pdbx_fsc_free 
'X-RAY DIFFRACTION' 2.7016 2.8708  1326 . 130 1196 100.0000 . . . 0.3206 0.0000 0.2509 . . . . . . 6 . . . 
'X-RAY DIFFRACTION' 2.8708 3.0924  1321 . 138 1183 100.0000 . . . 0.2611 0.0000 0.2245 . . . . . . 6 . . . 
'X-RAY DIFFRACTION' 3.0924 3.4034  1326 . 121 1205 100.0000 . . . 0.2076 0.0000 0.1894 . . . . . . 6 . . . 
'X-RAY DIFFRACTION' 3.4034 3.8956  1344 . 135 1209 100.0000 . . . 0.1896 0.0000 0.1540 . . . . . . 6 . . . 
'X-RAY DIFFRACTION' 3.8956 4.9067  1339 . 129 1210 100.0000 . . . 0.1637 0.0000 0.1407 . . . . . . 6 . . . 
'X-RAY DIFFRACTION' 4.9067 40.4266 1394 . 118 1276 99.0000  . . . 0.2004 0.0000 0.2112 . . . . . . 6 . . . 
# 
_struct.entry_id                     5J9S 
_struct.title                        'ENL YEATS in complex with histone H3 acetylation at K27' 
_struct.pdbx_model_details           ? 
_struct.pdbx_formula_weight          ? 
_struct.pdbx_formula_weight_method   ? 
_struct.pdbx_model_type_details      ? 
_struct.pdbx_CASP_flag               N 
# 
_struct_keywords.entry_id        5J9S 
_struct_keywords.text            'Complex, ENL YEATS, histone acetyllysine, H3K27, TRANSCRIPTION' 
_struct_keywords.pdbx_keywords   TRANSCRIPTION 
# 
loop_
_struct_asym.id 
_struct_asym.pdbx_blank_PDB_chainid_flag 
_struct_asym.pdbx_modified 
_struct_asym.entity_id 
_struct_asym.details 
A N N 1 ? 
B N N 2 ? 
C N N 3 ? 
D N N 3 ? 
E N N 3 ? 
F N N 3 ? 
G N N 4 ? 
H N N 4 ? 
# 
loop_
_struct_ref.id 
_struct_ref.db_name 
_struct_ref.db_code 
_struct_ref.pdbx_db_accession 
_struct_ref.pdbx_db_isoform 
_struct_ref.entity_id 
_struct_ref.pdbx_seq_one_letter_code 
_struct_ref.pdbx_align_begin 
1 UNP ENL_HUMAN Q03111 ? 1 
;MDNQCTVQVRLELGHRAQLRKKPTTEGFTHDWMVFVRGPEQCDIQHFVEKVVFWLHDSFPKPRRVCKEPPYKVEESGYAG
FIMPIEVHFKNKEEPRKVCFTYDLFLNLEGNPPVNHLRCEKLTFNNPTTEFRYKLLRAGGVMVMPEGA
;
1  
2 UNP H31_HUMAN P68431 ? 2 APRKQLATKAARKSAPATGGVKKPH 16 
# 
loop_
_struct_ref_seq.align_id 
_struct_ref_seq.ref_id 
_struct_ref_seq.pdbx_PDB_id_code 
_struct_ref_seq.pdbx_strand_id 
_struct_ref_seq.seq_align_beg 
_struct_ref_seq.pdbx_seq_align_beg_ins_code 
_struct_ref_seq.seq_align_end 
_struct_ref_seq.pdbx_seq_align_end_ins_code 
_struct_ref_seq.pdbx_db_accession 
_struct_ref_seq.db_align_beg 
_struct_ref_seq.pdbx_db_align_beg_ins_code 
_struct_ref_seq.db_align_end 
_struct_ref_seq.pdbx_db_align_end_ins_code 
_struct_ref_seq.pdbx_auth_seq_align_beg 
_struct_ref_seq.pdbx_auth_seq_align_end 
1 1 5J9S A 2 ? 149 ? Q03111 1  ? 148 ? 1  148 
2 2 5J9S B 1 ? 25  ? P68431 16 ? 40  ? 15 39  
# 
loop_
_struct_ref_seq_dif.align_id 
_struct_ref_seq_dif.pdbx_pdb_id_code 
_struct_ref_seq_dif.mon_id 
_struct_ref_seq_dif.pdbx_pdb_strand_id 
_struct_ref_seq_dif.seq_num 
_struct_ref_seq_dif.pdbx_pdb_ins_code 
_struct_ref_seq_dif.pdbx_seq_db_name 
_struct_ref_seq_dif.pdbx_seq_db_accession_code 
_struct_ref_seq_dif.db_mon_id 
_struct_ref_seq_dif.pdbx_seq_db_seq_num 
_struct_ref_seq_dif.details 
_struct_ref_seq_dif.pdbx_auth_seq_num 
_struct_ref_seq_dif.pdbx_ordinal 
1 5J9S SER A 1   ? UNP Q03111 ? ? 'expression tag' 0   1 
1 5J9S HIS A 150 ? UNP Q03111 ? ? 'expression tag' 149 2 
1 5J9S HIS A 151 ? UNP Q03111 ? ? 'expression tag' 150 3 
1 5J9S HIS A 152 ? UNP Q03111 ? ? 'expression tag' 151 4 
1 5J9S HIS A 153 ? UNP Q03111 ? ? 'expression tag' 152 5 
1 5J9S HIS A 154 ? UNP Q03111 ? ? 'expression tag' 153 6 
1 5J9S HIS A 155 ? UNP Q03111 ? ? 'expression tag' 154 7 
# 
_pdbx_struct_assembly.id                   1 
_pdbx_struct_assembly.details              author_and_software_defined_assembly 
_pdbx_struct_assembly.method_details       PISA 
_pdbx_struct_assembly.oligomeric_details   dimeric 
_pdbx_struct_assembly.oligomeric_count     2 
# 
loop_
_pdbx_struct_assembly_prop.biol_id 
_pdbx_struct_assembly_prop.type 
_pdbx_struct_assembly_prop.value 
_pdbx_struct_assembly_prop.details 
1 'ABSA (A^2)' 1410  ? 
1 MORE         -45   ? 
1 'SSA (A^2)'  10350 ? 
# 
_pdbx_struct_assembly_gen.assembly_id       1 
_pdbx_struct_assembly_gen.oper_expression   1 
_pdbx_struct_assembly_gen.asym_id_list      A,B,C,D,E,F,G,H 
# 
_pdbx_struct_oper_list.id                   1 
_pdbx_struct_oper_list.type                 'identity operation' 
_pdbx_struct_oper_list.name                 1_555 
_pdbx_struct_oper_list.symmetry_operation   x,y,z 
_pdbx_struct_oper_list.matrix[1][1]         1.0000000000 
_pdbx_struct_oper_list.matrix[1][2]         0.0000000000 
_pdbx_struct_oper_list.matrix[1][3]         0.0000000000 
_pdbx_struct_oper_list.vector[1]            0.0000000000 
_pdbx_struct_oper_list.matrix[2][1]         0.0000000000 
_pdbx_struct_oper_list.matrix[2][2]         1.0000000000 
_pdbx_struct_oper_list.matrix[2][3]         0.0000000000 
_pdbx_struct_oper_list.vector[2]            0.0000000000 
_pdbx_struct_oper_list.matrix[3][1]         0.0000000000 
_pdbx_struct_oper_list.matrix[3][2]         0.0000000000 
_pdbx_struct_oper_list.matrix[3][3]         1.0000000000 
_pdbx_struct_oper_list.vector[3]            0.0000000000 
# 
loop_
_struct_conf.conf_type_id 
_struct_conf.id 
_struct_conf.pdbx_PDB_helix_id 
_struct_conf.beg_label_comp_id 
_struct_conf.beg_label_asym_id 
_struct_conf.beg_label_seq_id 
_struct_conf.pdbx_beg_PDB_ins_code 
_struct_conf.end_label_comp_id 
_struct_conf.end_label_asym_id 
_struct_conf.end_label_seq_id 
_struct_conf.pdbx_end_PDB_ins_code 
_struct_conf.beg_auth_comp_id 
_struct_conf.beg_auth_asym_id 
_struct_conf.beg_auth_seq_id 
_struct_conf.end_auth_comp_id 
_struct_conf.end_auth_asym_id 
_struct_conf.end_auth_seq_id 
_struct_conf.pdbx_PDB_helix_class 
_struct_conf.details 
_struct_conf.pdbx_PDB_helix_length 
HELX_P HELX_P1 AA1 ASP A 44  ? HIS A 47  ? ASP A 43  HIS A 46  5 ? 4  
HELX_P HELX_P2 AA2 THR A 129 ? ARG A 138 ? THR A 128 ARG A 137 1 ? 10 
# 
_struct_conf_type.id          HELX_P 
_struct_conf_type.criteria    ? 
_struct_conf_type.reference   ? 
# 
loop_
_struct_conn.id 
_struct_conn.conn_type_id 
_struct_conn.pdbx_leaving_atom_flag 
_struct_conn.pdbx_PDB_id 
_struct_conn.ptnr1_label_asym_id 
_struct_conn.ptnr1_label_comp_id 
_struct_conn.ptnr1_label_seq_id 
_struct_conn.ptnr1_label_atom_id 
_struct_conn.pdbx_ptnr1_label_alt_id 
_struct_conn.pdbx_ptnr1_PDB_ins_code 
_struct_conn.pdbx_ptnr1_standard_comp_id 
_struct_conn.ptnr1_symmetry 
_struct_conn.ptnr2_label_asym_id 
_struct_conn.ptnr2_label_comp_id 
_struct_conn.ptnr2_label_seq_id 
_struct_conn.ptnr2_label_atom_id 
_struct_conn.pdbx_ptnr2_label_alt_id 
_struct_conn.pdbx_ptnr2_PDB_ins_code 
_struct_conn.ptnr1_auth_asym_id 
_struct_conn.ptnr1_auth_comp_id 
_struct_conn.ptnr1_auth_seq_id 
_struct_conn.ptnr2_auth_asym_id 
_struct_conn.ptnr2_auth_comp_id 
_struct_conn.ptnr2_auth_seq_id 
_struct_conn.ptnr2_symmetry 
_struct_conn.pdbx_ptnr3_label_atom_id 
_struct_conn.pdbx_ptnr3_label_seq_id 
_struct_conn.pdbx_ptnr3_label_comp_id 
_struct_conn.pdbx_ptnr3_label_asym_id 
_struct_conn.pdbx_ptnr3_label_alt_id 
_struct_conn.pdbx_ptnr3_PDB_ins_code 
_struct_conn.details 
_struct_conn.pdbx_dist_value 
_struct_conn.pdbx_value_order 
_struct_conn.pdbx_role 
covale1 covale both ? B ARG 12 C ? ? ? 1_555 B ALY 13 N ? ? B ARG 26 B ALY 27 1_555 ? ? ? ? ? ? ? 1.324 ? ? 
covale2 covale both ? B ALY 13 C ? ? ? 1_555 B SER 14 N ? ? B ALY 27 B SER 28 1_555 ? ? ? ? ? ? ? 1.323 ? ? 
# 
_struct_conn_type.id          covale 
_struct_conn_type.criteria    ? 
_struct_conn_type.reference   ? 
# 
_pdbx_modification_feature.ordinal                            1 
_pdbx_modification_feature.label_comp_id                      ALY 
_pdbx_modification_feature.label_asym_id                      B 
_pdbx_modification_feature.label_seq_id                       13 
_pdbx_modification_feature.label_alt_id                       ? 
_pdbx_modification_feature.modified_residue_label_comp_id     . 
_pdbx_modification_feature.modified_residue_label_asym_id     . 
_pdbx_modification_feature.modified_residue_label_seq_id      . 
_pdbx_modification_feature.modified_residue_label_alt_id      . 
_pdbx_modification_feature.auth_comp_id                       ALY 
_pdbx_modification_feature.auth_asym_id                       B 
_pdbx_modification_feature.auth_seq_id                        27 
_pdbx_modification_feature.PDB_ins_code                       ? 
_pdbx_modification_feature.symmetry                           1_555 
_pdbx_modification_feature.modified_residue_auth_comp_id      . 
_pdbx_modification_feature.modified_residue_auth_asym_id      . 
_pdbx_modification_feature.modified_residue_auth_seq_id       . 
_pdbx_modification_feature.modified_residue_PDB_ins_code      . 
_pdbx_modification_feature.modified_residue_symmetry          . 
_pdbx_modification_feature.comp_id_linking_atom               . 
_pdbx_modification_feature.modified_residue_id_linking_atom   . 
_pdbx_modification_feature.modified_residue_id                LYS 
_pdbx_modification_feature.ref_pcm_id                         1 
_pdbx_modification_feature.ref_comp_id                        ALY 
_pdbx_modification_feature.type                               Acetylation 
_pdbx_modification_feature.category                           'Named protein modification' 
# 
loop_
_struct_mon_prot_cis.pdbx_id 
_struct_mon_prot_cis.label_comp_id 
_struct_mon_prot_cis.label_seq_id 
_struct_mon_prot_cis.label_asym_id 
_struct_mon_prot_cis.label_alt_id 
_struct_mon_prot_cis.pdbx_PDB_ins_code 
_struct_mon_prot_cis.auth_comp_id 
_struct_mon_prot_cis.auth_seq_id 
_struct_mon_prot_cis.auth_asym_id 
_struct_mon_prot_cis.pdbx_label_comp_id_2 
_struct_mon_prot_cis.pdbx_label_seq_id_2 
_struct_mon_prot_cis.pdbx_label_asym_id_2 
_struct_mon_prot_cis.pdbx_PDB_ins_code_2 
_struct_mon_prot_cis.pdbx_auth_comp_id_2 
_struct_mon_prot_cis.pdbx_auth_seq_id_2 
_struct_mon_prot_cis.pdbx_auth_asym_id_2 
_struct_mon_prot_cis.pdbx_PDB_model_num 
_struct_mon_prot_cis.pdbx_omega_angle 
1 PRO 70 A . ? PRO 69 A PRO 71 A ? PRO 70 A 1 0.80  
2 GLU 95 A . ? GLU 94 A PRO 96 A ? PRO 95 A 1 -0.23 
# 
loop_
_struct_sheet.id 
_struct_sheet.type 
_struct_sheet.number_strands 
_struct_sheet.details 
AA1 ? 4 ? 
AA2 ? 4 ? 
AA3 ? 4 ? 
# 
loop_
_struct_sheet_order.sheet_id 
_struct_sheet_order.range_id_1 
_struct_sheet_order.range_id_2 
_struct_sheet_order.offset 
_struct_sheet_order.sense 
AA1 1 2 ? anti-parallel 
AA1 2 3 ? anti-parallel 
AA1 3 4 ? anti-parallel 
AA2 1 2 ? anti-parallel 
AA2 2 3 ? anti-parallel 
AA2 3 4 ? anti-parallel 
AA3 1 2 ? anti-parallel 
AA3 2 3 ? anti-parallel 
AA3 3 4 ? anti-parallel 
# 
loop_
_struct_sheet_range.sheet_id 
_struct_sheet_range.id 
_struct_sheet_range.beg_label_comp_id 
_struct_sheet_range.beg_label_asym_id 
_struct_sheet_range.beg_label_seq_id 
_struct_sheet_range.pdbx_beg_PDB_ins_code 
_struct_sheet_range.end_label_comp_id 
_struct_sheet_range.end_label_asym_id 
_struct_sheet_range.end_label_seq_id 
_struct_sheet_range.pdbx_end_PDB_ins_code 
_struct_sheet_range.beg_auth_comp_id 
_struct_sheet_range.beg_auth_asym_id 
_struct_sheet_range.beg_auth_seq_id 
_struct_sheet_range.end_auth_comp_id 
_struct_sheet_range.end_auth_asym_id 
_struct_sheet_range.end_auth_seq_id 
AA1 1 TYR A 72  ? GLY A 78  ? TYR A 71  GLY A 77  
AA1 2 HIS A 31  ? ARG A 38  ? HIS A 30  ARG A 37  
AA1 3 THR A 7   ? LEU A 20  ? THR A 6   LEU A 19  
AA1 4 VAL A 115 ? ASN A 126 ? VAL A 114 ASN A 125 
AA2 1 TYR A 72  ? GLY A 78  ? TYR A 71  GLY A 77  
AA2 2 HIS A 31  ? ARG A 38  ? HIS A 30  ARG A 37  
AA2 3 THR A 7   ? LEU A 20  ? THR A 6   LEU A 19  
AA2 4 VAL A 142 ? VAL A 144 ? VAL A 141 VAL A 143 
AA3 1 ARG A 64  ? CYS A 67  ? ARG A 63  CYS A 66  
AA3 2 VAL A 49  ? TRP A 55  ? VAL A 48  TRP A 54  
AA3 3 PHE A 82  ? PHE A 90  ? PHE A 81  PHE A 89  
AA3 4 LYS A 98  ? LEU A 105 ? LYS A 97  LEU A 104 
# 
loop_
_pdbx_struct_sheet_hbond.sheet_id 
_pdbx_struct_sheet_hbond.range_id_1 
_pdbx_struct_sheet_hbond.range_id_2 
_pdbx_struct_sheet_hbond.range_1_label_atom_id 
_pdbx_struct_sheet_hbond.range_1_label_comp_id 
_pdbx_struct_sheet_hbond.range_1_label_asym_id 
_pdbx_struct_sheet_hbond.range_1_label_seq_id 
_pdbx_struct_sheet_hbond.range_1_PDB_ins_code 
_pdbx_struct_sheet_hbond.range_1_auth_atom_id 
_pdbx_struct_sheet_hbond.range_1_auth_comp_id 
_pdbx_struct_sheet_hbond.range_1_auth_asym_id 
_pdbx_struct_sheet_hbond.range_1_auth_seq_id 
_pdbx_struct_sheet_hbond.range_2_label_atom_id 
_pdbx_struct_sheet_hbond.range_2_label_comp_id 
_pdbx_struct_sheet_hbond.range_2_label_asym_id 
_pdbx_struct_sheet_hbond.range_2_label_seq_id 
_pdbx_struct_sheet_hbond.range_2_PDB_ins_code 
_pdbx_struct_sheet_hbond.range_2_auth_atom_id 
_pdbx_struct_sheet_hbond.range_2_auth_comp_id 
_pdbx_struct_sheet_hbond.range_2_auth_asym_id 
_pdbx_struct_sheet_hbond.range_2_auth_seq_id 
AA1 1 2 O GLU A 76 ? O GLU A 75 N TRP A 33  ? N TRP A 32  
AA1 2 3 O ARG A 38 ? O ARG A 37 N GLU A 13  ? N GLU A 12  
AA1 3 4 N LEU A 14 ? N LEU A 13 O ARG A 119 ? O ARG A 118 
AA2 1 2 O GLU A 76 ? O GLU A 75 N TRP A 33  ? N TRP A 32  
AA2 2 3 O ARG A 38 ? O ARG A 37 N GLU A 13  ? N GLU A 12  
AA2 3 4 N THR A 7  ? N THR A 6  O VAL A 144 ? O VAL A 143 
AA3 1 2 O ARG A 65 ? O ARG A 64 N PHE A 54  ? N PHE A 53  
AA3 2 3 N LYS A 51 ? N LYS A 50 O HIS A 89  ? O HIS A 88  
AA3 3 4 N MET A 84 ? N MET A 83 O TYR A 103 ? O TYR A 102 
# 
loop_
_struct_site.id 
_struct_site.pdbx_evidence_code 
_struct_site.pdbx_auth_asym_id 
_struct_site.pdbx_auth_comp_id 
_struct_site.pdbx_auth_seq_id 
_struct_site.pdbx_auth_ins_code 
_struct_site.pdbx_num_residues 
_struct_site.details 
AC1 Software A SO4 201 ? 4 'binding site for residue SO4 A 201' 
AC2 Software A SO4 202 ? 5 'binding site for residue SO4 A 202' 
AC3 Software A SO4 203 ? 6 'binding site for residue SO4 A 203' 
AC4 Software B SO4 101 ? 4 'binding site for residue SO4 B 101' 
# 
loop_
_struct_site_gen.id 
_struct_site_gen.site_id 
_struct_site_gen.pdbx_num_res 
_struct_site_gen.label_comp_id 
_struct_site_gen.label_asym_id 
_struct_site_gen.label_seq_id 
_struct_site_gen.pdbx_auth_ins_code 
_struct_site_gen.auth_comp_id 
_struct_site_gen.auth_asym_id 
_struct_site_gen.auth_seq_id 
_struct_site_gen.label_atom_id 
_struct_site_gen.label_alt_id 
_struct_site_gen.symmetry 
_struct_site_gen.details 
1  AC1 4 LYS A 51  ? LYS A 50  . ? 1_555 ? 
2  AC1 4 ARG A 64  ? ARG A 63  . ? 1_555 ? 
3  AC1 4 VAL A 66  ? VAL A 65  . ? 1_555 ? 
4  AC1 4 LYS A 68  ? LYS A 67  . ? 1_555 ? 
5  AC2 5 ARG A 21  ? ARG A 20  . ? 4_654 ? 
6  AC2 5 GLU A 41  ? GLU A 40  . ? 3_654 ? 
7  AC2 5 HIS A 152 ? HIS A 151 . ? 1_555 ? 
8  AC2 5 HOH G .   ? HOH A 301 . ? 1_555 ? 
9  AC2 5 HOH G .   ? HOH A 309 . ? 1_555 ? 
10 AC3 6 ARG A 17  ? ARG A 16  . ? 3_654 ? 
11 AC3 6 ARG A 38  ? ARG A 37  . ? 3_654 ? 
12 AC3 6 ASN A 116 ? ASN A 115 . ? 3_654 ? 
13 AC3 6 HIS A 151 ? HIS A 150 . ? 1_555 ? 
14 AC3 6 HIS A 152 ? HIS A 151 . ? 1_555 ? 
15 AC3 6 HIS A 153 ? HIS A 152 . ? 1_555 ? 
16 AC4 4 THR A 129 ? THR A 128 . ? 3_655 ? 
17 AC4 4 THR A 130 ? THR A 129 . ? 3_655 ? 
18 AC4 4 ALY B 13  ? ALY B 27  . ? 1_555 ? 
19 AC4 4 SER B 14  ? SER B 28  . ? 1_555 ? 
# 
_pdbx_entry_details.entry_id                   5J9S 
_pdbx_entry_details.compound_details           ? 
_pdbx_entry_details.source_details             ? 
_pdbx_entry_details.nonpolymer_details         ? 
_pdbx_entry_details.sequence_details           ? 
_pdbx_entry_details.has_ligand_of_interest     ? 
_pdbx_entry_details.has_protein_modification   Y 
# 
_pdbx_validate_close_contact.id               1 
_pdbx_validate_close_contact.PDB_model_num    1 
_pdbx_validate_close_contact.auth_atom_id_1   O 
_pdbx_validate_close_contact.auth_asym_id_1   A 
_pdbx_validate_close_contact.auth_comp_id_1   HOH 
_pdbx_validate_close_contact.auth_seq_id_1    301 
_pdbx_validate_close_contact.PDB_ins_code_1   ? 
_pdbx_validate_close_contact.label_alt_id_1   ? 
_pdbx_validate_close_contact.auth_atom_id_2   O 
_pdbx_validate_close_contact.auth_asym_id_2   A 
_pdbx_validate_close_contact.auth_comp_id_2   HOH 
_pdbx_validate_close_contact.auth_seq_id_2    346 
_pdbx_validate_close_contact.PDB_ins_code_2   ? 
_pdbx_validate_close_contact.label_alt_id_2   ? 
_pdbx_validate_close_contact.dist             2.12 
# 
_pdbx_validate_symm_contact.id                1 
_pdbx_validate_symm_contact.PDB_model_num     1 
_pdbx_validate_symm_contact.auth_atom_id_1    NH2 
_pdbx_validate_symm_contact.auth_asym_id_1    A 
_pdbx_validate_symm_contact.auth_comp_id_1    ARG 
_pdbx_validate_symm_contact.auth_seq_id_1     10 
_pdbx_validate_symm_contact.PDB_ins_code_1    ? 
_pdbx_validate_symm_contact.label_alt_id_1    ? 
_pdbx_validate_symm_contact.site_symmetry_1   1_555 
_pdbx_validate_symm_contact.auth_atom_id_2    OE1 
_pdbx_validate_symm_contact.auth_asym_id_2    A 
_pdbx_validate_symm_contact.auth_comp_id_2    GLU 
_pdbx_validate_symm_contact.auth_seq_id_2     146 
_pdbx_validate_symm_contact.PDB_ins_code_2    ? 
_pdbx_validate_symm_contact.label_alt_id_2    ? 
_pdbx_validate_symm_contact.site_symmetry_2   2_545 
_pdbx_validate_symm_contact.dist              2.13 
# 
_pdbx_validate_torsion.id              1 
_pdbx_validate_torsion.PDB_model_num   1 
_pdbx_validate_torsion.auth_comp_id    PRO 
_pdbx_validate_torsion.auth_asym_id    A 
_pdbx_validate_torsion.auth_seq_id     39 
_pdbx_validate_torsion.PDB_ins_code    ? 
_pdbx_validate_torsion.label_alt_id    ? 
_pdbx_validate_torsion.phi             -59.11 
_pdbx_validate_torsion.psi             170.56 
# 
_pdbx_struct_mod_residue.id               1 
_pdbx_struct_mod_residue.label_asym_id    B 
_pdbx_struct_mod_residue.label_comp_id    ALY 
_pdbx_struct_mod_residue.label_seq_id     13 
_pdbx_struct_mod_residue.auth_asym_id     B 
_pdbx_struct_mod_residue.auth_comp_id     ALY 
_pdbx_struct_mod_residue.auth_seq_id      27 
_pdbx_struct_mod_residue.PDB_ins_code     ? 
_pdbx_struct_mod_residue.parent_comp_id   LYS 
_pdbx_struct_mod_residue.details          'modified residue' 
# 
loop_
_pdbx_unobs_or_zero_occ_residues.id 
_pdbx_unobs_or_zero_occ_residues.PDB_model_num 
_pdbx_unobs_or_zero_occ_residues.polymer_flag 
_pdbx_unobs_or_zero_occ_residues.occupancy_flag 
_pdbx_unobs_or_zero_occ_residues.auth_asym_id 
_pdbx_unobs_or_zero_occ_residues.auth_comp_id 
_pdbx_unobs_or_zero_occ_residues.auth_seq_id 
_pdbx_unobs_or_zero_occ_residues.PDB_ins_code 
_pdbx_unobs_or_zero_occ_residues.label_asym_id 
_pdbx_unobs_or_zero_occ_residues.label_comp_id 
_pdbx_unobs_or_zero_occ_residues.label_seq_id 
1  1 Y 1 A SER 0  ? A SER 1  
2  1 Y 1 A MET 1  ? A MET 2  
3  1 Y 1 A ASP 2  ? A ASP 3  
4  1 Y 1 A ASN 3  ? A ASN 4  
5  1 Y 1 A GLN 4  ? A GLN 5  
6  1 Y 1 B ALA 15 ? B ALA 1  
7  1 Y 1 B PRO 16 ? B PRO 2  
8  1 Y 1 B ARG 17 ? B ARG 3  
9  1 Y 1 B LYS 18 ? B LYS 4  
10 1 Y 1 B GLN 19 ? B GLN 5  
11 1 Y 1 B LEU 20 ? B LEU 6  
12 1 Y 1 B ALA 21 ? B ALA 7  
13 1 Y 1 B THR 22 ? B THR 8  
14 1 Y 1 B LYS 23 ? B LYS 9  
15 1 Y 1 B PRO 30 ? B PRO 16 
16 1 Y 1 B ALA 31 ? B ALA 17 
17 1 Y 1 B THR 32 ? B THR 18 
18 1 Y 1 B GLY 33 ? B GLY 19 
19 1 Y 1 B GLY 34 ? B GLY 20 
20 1 Y 1 B VAL 35 ? B VAL 21 
21 1 Y 1 B LYS 36 ? B LYS 22 
22 1 Y 1 B LYS 37 ? B LYS 23 
23 1 Y 1 B PRO 38 ? B PRO 24 
24 1 Y 1 B HIS 39 ? B HIS 25 
# 
loop_
_chem_comp_atom.comp_id 
_chem_comp_atom.atom_id 
_chem_comp_atom.type_symbol 
_chem_comp_atom.pdbx_aromatic_flag 
_chem_comp_atom.pdbx_stereo_config 
_chem_comp_atom.pdbx_ordinal 
ALA N    N N N 1   
ALA CA   C N S 2   
ALA C    C N N 3   
ALA O    O N N 4   
ALA CB   C N N 5   
ALA OXT  O N N 6   
ALA H    H N N 7   
ALA H2   H N N 8   
ALA HA   H N N 9   
ALA HB1  H N N 10  
ALA HB2  H N N 11  
ALA HB3  H N N 12  
ALA HXT  H N N 13  
ALY OH   O N N 14  
ALY CH   C N N 15  
ALY CH3  C N N 16  
ALY NZ   N N N 17  
ALY CE   C N N 18  
ALY CD   C N N 19  
ALY CG   C N N 20  
ALY CB   C N N 21  
ALY CA   C N S 22  
ALY N    N N N 23  
ALY C    C N N 24  
ALY O    O N N 25  
ALY OXT  O N N 26  
ALY HH31 H N N 27  
ALY HH32 H N N 28  
ALY HH33 H N N 29  
ALY HZ   H N N 30  
ALY HE3  H N N 31  
ALY HE2  H N N 32  
ALY HD3  H N N 33  
ALY HD2  H N N 34  
ALY HG3  H N N 35  
ALY HG2  H N N 36  
ALY HB3  H N N 37  
ALY HB2  H N N 38  
ALY HA   H N N 39  
ALY H    H N N 40  
ALY H2   H N N 41  
ALY HXT  H N N 42  
ARG N    N N N 43  
ARG CA   C N S 44  
ARG C    C N N 45  
ARG O    O N N 46  
ARG CB   C N N 47  
ARG CG   C N N 48  
ARG CD   C N N 49  
ARG NE   N N N 50  
ARG CZ   C N N 51  
ARG NH1  N N N 52  
ARG NH2  N N N 53  
ARG OXT  O N N 54  
ARG H    H N N 55  
ARG H2   H N N 56  
ARG HA   H N N 57  
ARG HB2  H N N 58  
ARG HB3  H N N 59  
ARG HG2  H N N 60  
ARG HG3  H N N 61  
ARG HD2  H N N 62  
ARG HD3  H N N 63  
ARG HE   H N N 64  
ARG HH11 H N N 65  
ARG HH12 H N N 66  
ARG HH21 H N N 67  
ARG HH22 H N N 68  
ARG HXT  H N N 69  
ASN N    N N N 70  
ASN CA   C N S 71  
ASN C    C N N 72  
ASN O    O N N 73  
ASN CB   C N N 74  
ASN CG   C N N 75  
ASN OD1  O N N 76  
ASN ND2  N N N 77  
ASN OXT  O N N 78  
ASN H    H N N 79  
ASN H2   H N N 80  
ASN HA   H N N 81  
ASN HB2  H N N 82  
ASN HB3  H N N 83  
ASN HD21 H N N 84  
ASN HD22 H N N 85  
ASN HXT  H N N 86  
ASP N    N N N 87  
ASP CA   C N S 88  
ASP C    C N N 89  
ASP O    O N N 90  
ASP CB   C N N 91  
ASP CG   C N N 92  
ASP OD1  O N N 93  
ASP OD2  O N N 94  
ASP OXT  O N N 95  
ASP H    H N N 96  
ASP H2   H N N 97  
ASP HA   H N N 98  
ASP HB2  H N N 99  
ASP HB3  H N N 100 
ASP HD2  H N N 101 
ASP HXT  H N N 102 
CYS N    N N N 103 
CYS CA   C N R 104 
CYS C    C N N 105 
CYS O    O N N 106 
CYS CB   C N N 107 
CYS SG   S N N 108 
CYS OXT  O N N 109 
CYS H    H N N 110 
CYS H2   H N N 111 
CYS HA   H N N 112 
CYS HB2  H N N 113 
CYS HB3  H N N 114 
CYS HG   H N N 115 
CYS HXT  H N N 116 
GLN N    N N N 117 
GLN CA   C N S 118 
GLN C    C N N 119 
GLN O    O N N 120 
GLN CB   C N N 121 
GLN CG   C N N 122 
GLN CD   C N N 123 
GLN OE1  O N N 124 
GLN NE2  N N N 125 
GLN OXT  O N N 126 
GLN H    H N N 127 
GLN H2   H N N 128 
GLN HA   H N N 129 
GLN HB2  H N N 130 
GLN HB3  H N N 131 
GLN HG2  H N N 132 
GLN HG3  H N N 133 
GLN HE21 H N N 134 
GLN HE22 H N N 135 
GLN HXT  H N N 136 
GLU N    N N N 137 
GLU CA   C N S 138 
GLU C    C N N 139 
GLU O    O N N 140 
GLU CB   C N N 141 
GLU CG   C N N 142 
GLU CD   C N N 143 
GLU OE1  O N N 144 
GLU OE2  O N N 145 
GLU OXT  O N N 146 
GLU H    H N N 147 
GLU H2   H N N 148 
GLU HA   H N N 149 
GLU HB2  H N N 150 
GLU HB3  H N N 151 
GLU HG2  H N N 152 
GLU HG3  H N N 153 
GLU HE2  H N N 154 
GLU HXT  H N N 155 
GLY N    N N N 156 
GLY CA   C N N 157 
GLY C    C N N 158 
GLY O    O N N 159 
GLY OXT  O N N 160 
GLY H    H N N 161 
GLY H2   H N N 162 
GLY HA2  H N N 163 
GLY HA3  H N N 164 
GLY HXT  H N N 165 
HIS N    N N N 166 
HIS CA   C N S 167 
HIS C    C N N 168 
HIS O    O N N 169 
HIS CB   C N N 170 
HIS CG   C Y N 171 
HIS ND1  N Y N 172 
HIS CD2  C Y N 173 
HIS CE1  C Y N 174 
HIS NE2  N Y N 175 
HIS OXT  O N N 176 
HIS H    H N N 177 
HIS H2   H N N 178 
HIS HA   H N N 179 
HIS HB2  H N N 180 
HIS HB3  H N N 181 
HIS HD1  H N N 182 
HIS HD2  H N N 183 
HIS HE1  H N N 184 
HIS HE2  H N N 185 
HIS HXT  H N N 186 
HOH O    O N N 187 
HOH H1   H N N 188 
HOH H2   H N N 189 
ILE N    N N N 190 
ILE CA   C N S 191 
ILE C    C N N 192 
ILE O    O N N 193 
ILE CB   C N S 194 
ILE CG1  C N N 195 
ILE CG2  C N N 196 
ILE CD1  C N N 197 
ILE OXT  O N N 198 
ILE H    H N N 199 
ILE H2   H N N 200 
ILE HA   H N N 201 
ILE HB   H N N 202 
ILE HG12 H N N 203 
ILE HG13 H N N 204 
ILE HG21 H N N 205 
ILE HG22 H N N 206 
ILE HG23 H N N 207 
ILE HD11 H N N 208 
ILE HD12 H N N 209 
ILE HD13 H N N 210 
ILE HXT  H N N 211 
LEU N    N N N 212 
LEU CA   C N S 213 
LEU C    C N N 214 
LEU O    O N N 215 
LEU CB   C N N 216 
LEU CG   C N N 217 
LEU CD1  C N N 218 
LEU CD2  C N N 219 
LEU OXT  O N N 220 
LEU H    H N N 221 
LEU H2   H N N 222 
LEU HA   H N N 223 
LEU HB2  H N N 224 
LEU HB3  H N N 225 
LEU HG   H N N 226 
LEU HD11 H N N 227 
LEU HD12 H N N 228 
LEU HD13 H N N 229 
LEU HD21 H N N 230 
LEU HD22 H N N 231 
LEU HD23 H N N 232 
LEU HXT  H N N 233 
LYS N    N N N 234 
LYS CA   C N S 235 
LYS C    C N N 236 
LYS O    O N N 237 
LYS CB   C N N 238 
LYS CG   C N N 239 
LYS CD   C N N 240 
LYS CE   C N N 241 
LYS NZ   N N N 242 
LYS OXT  O N N 243 
LYS H    H N N 244 
LYS H2   H N N 245 
LYS HA   H N N 246 
LYS HB2  H N N 247 
LYS HB3  H N N 248 
LYS HG2  H N N 249 
LYS HG3  H N N 250 
LYS HD2  H N N 251 
LYS HD3  H N N 252 
LYS HE2  H N N 253 
LYS HE3  H N N 254 
LYS HZ1  H N N 255 
LYS HZ2  H N N 256 
LYS HZ3  H N N 257 
LYS HXT  H N N 258 
MET N    N N N 259 
MET CA   C N S 260 
MET C    C N N 261 
MET O    O N N 262 
MET CB   C N N 263 
MET CG   C N N 264 
MET SD   S N N 265 
MET CE   C N N 266 
MET OXT  O N N 267 
MET H    H N N 268 
MET H2   H N N 269 
MET HA   H N N 270 
MET HB2  H N N 271 
MET HB3  H N N 272 
MET HG2  H N N 273 
MET HG3  H N N 274 
MET HE1  H N N 275 
MET HE2  H N N 276 
MET HE3  H N N 277 
MET HXT  H N N 278 
PHE N    N N N 279 
PHE CA   C N S 280 
PHE C    C N N 281 
PHE O    O N N 282 
PHE CB   C N N 283 
PHE CG   C Y N 284 
PHE CD1  C Y N 285 
PHE CD2  C Y N 286 
PHE CE1  C Y N 287 
PHE CE2  C Y N 288 
PHE CZ   C Y N 289 
PHE OXT  O N N 290 
PHE H    H N N 291 
PHE H2   H N N 292 
PHE HA   H N N 293 
PHE HB2  H N N 294 
PHE HB3  H N N 295 
PHE HD1  H N N 296 
PHE HD2  H N N 297 
PHE HE1  H N N 298 
PHE HE2  H N N 299 
PHE HZ   H N N 300 
PHE HXT  H N N 301 
PRO N    N N N 302 
PRO CA   C N S 303 
PRO C    C N N 304 
PRO O    O N N 305 
PRO CB   C N N 306 
PRO CG   C N N 307 
PRO CD   C N N 308 
PRO OXT  O N N 309 
PRO H    H N N 310 
PRO HA   H N N 311 
PRO HB2  H N N 312 
PRO HB3  H N N 313 
PRO HG2  H N N 314 
PRO HG3  H N N 315 
PRO HD2  H N N 316 
PRO HD3  H N N 317 
PRO HXT  H N N 318 
SER N    N N N 319 
SER CA   C N S 320 
SER C    C N N 321 
SER O    O N N 322 
SER CB   C N N 323 
SER OG   O N N 324 
SER OXT  O N N 325 
SER H    H N N 326 
SER H2   H N N 327 
SER HA   H N N 328 
SER HB2  H N N 329 
SER HB3  H N N 330 
SER HG   H N N 331 
SER HXT  H N N 332 
SO4 S    S N N 333 
SO4 O1   O N N 334 
SO4 O2   O N N 335 
SO4 O3   O N N 336 
SO4 O4   O N N 337 
THR N    N N N 338 
THR CA   C N S 339 
THR C    C N N 340 
THR O    O N N 341 
THR CB   C N R 342 
THR OG1  O N N 343 
THR CG2  C N N 344 
THR OXT  O N N 345 
THR H    H N N 346 
THR H2   H N N 347 
THR HA   H N N 348 
THR HB   H N N 349 
THR HG1  H N N 350 
THR HG21 H N N 351 
THR HG22 H N N 352 
THR HG23 H N N 353 
THR HXT  H N N 354 
TRP N    N N N 355 
TRP CA   C N S 356 
TRP C    C N N 357 
TRP O    O N N 358 
TRP CB   C N N 359 
TRP CG   C Y N 360 
TRP CD1  C Y N 361 
TRP CD2  C Y N 362 
TRP NE1  N Y N 363 
TRP CE2  C Y N 364 
TRP CE3  C Y N 365 
TRP CZ2  C Y N 366 
TRP CZ3  C Y N 367 
TRP CH2  C Y N 368 
TRP OXT  O N N 369 
TRP H    H N N 370 
TRP H2   H N N 371 
TRP HA   H N N 372 
TRP HB2  H N N 373 
TRP HB3  H N N 374 
TRP HD1  H N N 375 
TRP HE1  H N N 376 
TRP HE3  H N N 377 
TRP HZ2  H N N 378 
TRP HZ3  H N N 379 
TRP HH2  H N N 380 
TRP HXT  H N N 381 
TYR N    N N N 382 
TYR CA   C N S 383 
TYR C    C N N 384 
TYR O    O N N 385 
TYR CB   C N N 386 
TYR CG   C Y N 387 
TYR CD1  C Y N 388 
TYR CD2  C Y N 389 
TYR CE1  C Y N 390 
TYR CE2  C Y N 391 
TYR CZ   C Y N 392 
TYR OH   O N N 393 
TYR OXT  O N N 394 
TYR H    H N N 395 
TYR H2   H N N 396 
TYR HA   H N N 397 
TYR HB2  H N N 398 
TYR HB3  H N N 399 
TYR HD1  H N N 400 
TYR HD2  H N N 401 
TYR HE1  H N N 402 
TYR HE2  H N N 403 
TYR HH   H N N 404 
TYR HXT  H N N 405 
VAL N    N N N 406 
VAL CA   C N S 407 
VAL C    C N N 408 
VAL O    O N N 409 
VAL CB   C N N 410 
VAL CG1  C N N 411 
VAL CG2  C N N 412 
VAL OXT  O N N 413 
VAL H    H N N 414 
VAL H2   H N N 415 
VAL HA   H N N 416 
VAL HB   H N N 417 
VAL HG11 H N N 418 
VAL HG12 H N N 419 
VAL HG13 H N N 420 
VAL HG21 H N N 421 
VAL HG22 H N N 422 
VAL HG23 H N N 423 
VAL HXT  H N N 424 
# 
loop_
_chem_comp_bond.comp_id 
_chem_comp_bond.atom_id_1 
_chem_comp_bond.atom_id_2 
_chem_comp_bond.value_order 
_chem_comp_bond.pdbx_aromatic_flag 
_chem_comp_bond.pdbx_stereo_config 
_chem_comp_bond.pdbx_ordinal 
ALA N   CA   sing N N 1   
ALA N   H    sing N N 2   
ALA N   H2   sing N N 3   
ALA CA  C    sing N N 4   
ALA CA  CB   sing N N 5   
ALA CA  HA   sing N N 6   
ALA C   O    doub N N 7   
ALA C   OXT  sing N N 8   
ALA CB  HB1  sing N N 9   
ALA CB  HB2  sing N N 10  
ALA CB  HB3  sing N N 11  
ALA OXT HXT  sing N N 12  
ALY OH  CH   doub N N 13  
ALY CH  CH3  sing N N 14  
ALY CH  NZ   sing N N 15  
ALY CH3 HH31 sing N N 16  
ALY CH3 HH32 sing N N 17  
ALY CH3 HH33 sing N N 18  
ALY NZ  CE   sing N N 19  
ALY NZ  HZ   sing N N 20  
ALY CE  CD   sing N N 21  
ALY CE  HE3  sing N N 22  
ALY CE  HE2  sing N N 23  
ALY CD  CG   sing N N 24  
ALY CD  HD3  sing N N 25  
ALY CD  HD2  sing N N 26  
ALY CG  CB   sing N N 27  
ALY CG  HG3  sing N N 28  
ALY CG  HG2  sing N N 29  
ALY CB  CA   sing N N 30  
ALY CB  HB3  sing N N 31  
ALY CB  HB2  sing N N 32  
ALY CA  N    sing N N 33  
ALY CA  C    sing N N 34  
ALY CA  HA   sing N N 35  
ALY N   H    sing N N 36  
ALY N   H2   sing N N 37  
ALY C   O    doub N N 38  
ALY C   OXT  sing N N 39  
ALY OXT HXT  sing N N 40  
ARG N   CA   sing N N 41  
ARG N   H    sing N N 42  
ARG N   H2   sing N N 43  
ARG CA  C    sing N N 44  
ARG CA  CB   sing N N 45  
ARG CA  HA   sing N N 46  
ARG C   O    doub N N 47  
ARG C   OXT  sing N N 48  
ARG CB  CG   sing N N 49  
ARG CB  HB2  sing N N 50  
ARG CB  HB3  sing N N 51  
ARG CG  CD   sing N N 52  
ARG CG  HG2  sing N N 53  
ARG CG  HG3  sing N N 54  
ARG CD  NE   sing N N 55  
ARG CD  HD2  sing N N 56  
ARG CD  HD3  sing N N 57  
ARG NE  CZ   sing N N 58  
ARG NE  HE   sing N N 59  
ARG CZ  NH1  sing N N 60  
ARG CZ  NH2  doub N N 61  
ARG NH1 HH11 sing N N 62  
ARG NH1 HH12 sing N N 63  
ARG NH2 HH21 sing N N 64  
ARG NH2 HH22 sing N N 65  
ARG OXT HXT  sing N N 66  
ASN N   CA   sing N N 67  
ASN N   H    sing N N 68  
ASN N   H2   sing N N 69  
ASN CA  C    sing N N 70  
ASN CA  CB   sing N N 71  
ASN CA  HA   sing N N 72  
ASN C   O    doub N N 73  
ASN C   OXT  sing N N 74  
ASN CB  CG   sing N N 75  
ASN CB  HB2  sing N N 76  
ASN CB  HB3  sing N N 77  
ASN CG  OD1  doub N N 78  
ASN CG  ND2  sing N N 79  
ASN ND2 HD21 sing N N 80  
ASN ND2 HD22 sing N N 81  
ASN OXT HXT  sing N N 82  
ASP N   CA   sing N N 83  
ASP N   H    sing N N 84  
ASP N   H2   sing N N 85  
ASP CA  C    sing N N 86  
ASP CA  CB   sing N N 87  
ASP CA  HA   sing N N 88  
ASP C   O    doub N N 89  
ASP C   OXT  sing N N 90  
ASP CB  CG   sing N N 91  
ASP CB  HB2  sing N N 92  
ASP CB  HB3  sing N N 93  
ASP CG  OD1  doub N N 94  
ASP CG  OD2  sing N N 95  
ASP OD2 HD2  sing N N 96  
ASP OXT HXT  sing N N 97  
CYS N   CA   sing N N 98  
CYS N   H    sing N N 99  
CYS N   H2   sing N N 100 
CYS CA  C    sing N N 101 
CYS CA  CB   sing N N 102 
CYS CA  HA   sing N N 103 
CYS C   O    doub N N 104 
CYS C   OXT  sing N N 105 
CYS CB  SG   sing N N 106 
CYS CB  HB2  sing N N 107 
CYS CB  HB3  sing N N 108 
CYS SG  HG   sing N N 109 
CYS OXT HXT  sing N N 110 
GLN N   CA   sing N N 111 
GLN N   H    sing N N 112 
GLN N   H2   sing N N 113 
GLN CA  C    sing N N 114 
GLN CA  CB   sing N N 115 
GLN CA  HA   sing N N 116 
GLN C   O    doub N N 117 
GLN C   OXT  sing N N 118 
GLN CB  CG   sing N N 119 
GLN CB  HB2  sing N N 120 
GLN CB  HB3  sing N N 121 
GLN CG  CD   sing N N 122 
GLN CG  HG2  sing N N 123 
GLN CG  HG3  sing N N 124 
GLN CD  OE1  doub N N 125 
GLN CD  NE2  sing N N 126 
GLN NE2 HE21 sing N N 127 
GLN NE2 HE22 sing N N 128 
GLN OXT HXT  sing N N 129 
GLU N   CA   sing N N 130 
GLU N   H    sing N N 131 
GLU N   H2   sing N N 132 
GLU CA  C    sing N N 133 
GLU CA  CB   sing N N 134 
GLU CA  HA   sing N N 135 
GLU C   O    doub N N 136 
GLU C   OXT  sing N N 137 
GLU CB  CG   sing N N 138 
GLU CB  HB2  sing N N 139 
GLU CB  HB3  sing N N 140 
GLU CG  CD   sing N N 141 
GLU CG  HG2  sing N N 142 
GLU CG  HG3  sing N N 143 
GLU CD  OE1  doub N N 144 
GLU CD  OE2  sing N N 145 
GLU OE2 HE2  sing N N 146 
GLU OXT HXT  sing N N 147 
GLY N   CA   sing N N 148 
GLY N   H    sing N N 149 
GLY N   H2   sing N N 150 
GLY CA  C    sing N N 151 
GLY CA  HA2  sing N N 152 
GLY CA  HA3  sing N N 153 
GLY C   O    doub N N 154 
GLY C   OXT  sing N N 155 
GLY OXT HXT  sing N N 156 
HIS N   CA   sing N N 157 
HIS N   H    sing N N 158 
HIS N   H2   sing N N 159 
HIS CA  C    sing N N 160 
HIS CA  CB   sing N N 161 
HIS CA  HA   sing N N 162 
HIS C   O    doub N N 163 
HIS C   OXT  sing N N 164 
HIS CB  CG   sing N N 165 
HIS CB  HB2  sing N N 166 
HIS CB  HB3  sing N N 167 
HIS CG  ND1  sing Y N 168 
HIS CG  CD2  doub Y N 169 
HIS ND1 CE1  doub Y N 170 
HIS ND1 HD1  sing N N 171 
HIS CD2 NE2  sing Y N 172 
HIS CD2 HD2  sing N N 173 
HIS CE1 NE2  sing Y N 174 
HIS CE1 HE1  sing N N 175 
HIS NE2 HE2  sing N N 176 
HIS OXT HXT  sing N N 177 
HOH O   H1   sing N N 178 
HOH O   H2   sing N N 179 
ILE N   CA   sing N N 180 
ILE N   H    sing N N 181 
ILE N   H2   sing N N 182 
ILE CA  C    sing N N 183 
ILE CA  CB   sing N N 184 
ILE CA  HA   sing N N 185 
ILE C   O    doub N N 186 
ILE C   OXT  sing N N 187 
ILE CB  CG1  sing N N 188 
ILE CB  CG2  sing N N 189 
ILE CB  HB   sing N N 190 
ILE CG1 CD1  sing N N 191 
ILE CG1 HG12 sing N N 192 
ILE CG1 HG13 sing N N 193 
ILE CG2 HG21 sing N N 194 
ILE CG2 HG22 sing N N 195 
ILE CG2 HG23 sing N N 196 
ILE CD1 HD11 sing N N 197 
ILE CD1 HD12 sing N N 198 
ILE CD1 HD13 sing N N 199 
ILE OXT HXT  sing N N 200 
LEU N   CA   sing N N 201 
LEU N   H    sing N N 202 
LEU N   H2   sing N N 203 
LEU CA  C    sing N N 204 
LEU CA  CB   sing N N 205 
LEU CA  HA   sing N N 206 
LEU C   O    doub N N 207 
LEU C   OXT  sing N N 208 
LEU CB  CG   sing N N 209 
LEU CB  HB2  sing N N 210 
LEU CB  HB3  sing N N 211 
LEU CG  CD1  sing N N 212 
LEU CG  CD2  sing N N 213 
LEU CG  HG   sing N N 214 
LEU CD1 HD11 sing N N 215 
LEU CD1 HD12 sing N N 216 
LEU CD1 HD13 sing N N 217 
LEU CD2 HD21 sing N N 218 
LEU CD2 HD22 sing N N 219 
LEU CD2 HD23 sing N N 220 
LEU OXT HXT  sing N N 221 
LYS N   CA   sing N N 222 
LYS N   H    sing N N 223 
LYS N   H2   sing N N 224 
LYS CA  C    sing N N 225 
LYS CA  CB   sing N N 226 
LYS CA  HA   sing N N 227 
LYS C   O    doub N N 228 
LYS C   OXT  sing N N 229 
LYS CB  CG   sing N N 230 
LYS CB  HB2  sing N N 231 
LYS CB  HB3  sing N N 232 
LYS CG  CD   sing N N 233 
LYS CG  HG2  sing N N 234 
LYS CG  HG3  sing N N 235 
LYS CD  CE   sing N N 236 
LYS CD  HD2  sing N N 237 
LYS CD  HD3  sing N N 238 
LYS CE  NZ   sing N N 239 
LYS CE  HE2  sing N N 240 
LYS CE  HE3  sing N N 241 
LYS NZ  HZ1  sing N N 242 
LYS NZ  HZ2  sing N N 243 
LYS NZ  HZ3  sing N N 244 
LYS OXT HXT  sing N N 245 
MET N   CA   sing N N 246 
MET N   H    sing N N 247 
MET N   H2   sing N N 248 
MET CA  C    sing N N 249 
MET CA  CB   sing N N 250 
MET CA  HA   sing N N 251 
MET C   O    doub N N 252 
MET C   OXT  sing N N 253 
MET CB  CG   sing N N 254 
MET CB  HB2  sing N N 255 
MET CB  HB3  sing N N 256 
MET CG  SD   sing N N 257 
MET CG  HG2  sing N N 258 
MET CG  HG3  sing N N 259 
MET SD  CE   sing N N 260 
MET CE  HE1  sing N N 261 
MET CE  HE2  sing N N 262 
MET CE  HE3  sing N N 263 
MET OXT HXT  sing N N 264 
PHE N   CA   sing N N 265 
PHE N   H    sing N N 266 
PHE N   H2   sing N N 267 
PHE CA  C    sing N N 268 
PHE CA  CB   sing N N 269 
PHE CA  HA   sing N N 270 
PHE C   O    doub N N 271 
PHE C   OXT  sing N N 272 
PHE CB  CG   sing N N 273 
PHE CB  HB2  sing N N 274 
PHE CB  HB3  sing N N 275 
PHE CG  CD1  doub Y N 276 
PHE CG  CD2  sing Y N 277 
PHE CD1 CE1  sing Y N 278 
PHE CD1 HD1  sing N N 279 
PHE CD2 CE2  doub Y N 280 
PHE CD2 HD2  sing N N 281 
PHE CE1 CZ   doub Y N 282 
PHE CE1 HE1  sing N N 283 
PHE CE2 CZ   sing Y N 284 
PHE CE2 HE2  sing N N 285 
PHE CZ  HZ   sing N N 286 
PHE OXT HXT  sing N N 287 
PRO N   CA   sing N N 288 
PRO N   CD   sing N N 289 
PRO N   H    sing N N 290 
PRO CA  C    sing N N 291 
PRO CA  CB   sing N N 292 
PRO CA  HA   sing N N 293 
PRO C   O    doub N N 294 
PRO C   OXT  sing N N 295 
PRO CB  CG   sing N N 296 
PRO CB  HB2  sing N N 297 
PRO CB  HB3  sing N N 298 
PRO CG  CD   sing N N 299 
PRO CG  HG2  sing N N 300 
PRO CG  HG3  sing N N 301 
PRO CD  HD2  sing N N 302 
PRO CD  HD3  sing N N 303 
PRO OXT HXT  sing N N 304 
SER N   CA   sing N N 305 
SER N   H    sing N N 306 
SER N   H2   sing N N 307 
SER CA  C    sing N N 308 
SER CA  CB   sing N N 309 
SER CA  HA   sing N N 310 
SER C   O    doub N N 311 
SER C   OXT  sing N N 312 
SER CB  OG   sing N N 313 
SER CB  HB2  sing N N 314 
SER CB  HB3  sing N N 315 
SER OG  HG   sing N N 316 
SER OXT HXT  sing N N 317 
SO4 S   O1   doub N N 318 
SO4 S   O2   doub N N 319 
SO4 S   O3   sing N N 320 
SO4 S   O4   sing N N 321 
THR N   CA   sing N N 322 
THR N   H    sing N N 323 
THR N   H2   sing N N 324 
THR CA  C    sing N N 325 
THR CA  CB   sing N N 326 
THR CA  HA   sing N N 327 
THR C   O    doub N N 328 
THR C   OXT  sing N N 329 
THR CB  OG1  sing N N 330 
THR CB  CG2  sing N N 331 
THR CB  HB   sing N N 332 
THR OG1 HG1  sing N N 333 
THR CG2 HG21 sing N N 334 
THR CG2 HG22 sing N N 335 
THR CG2 HG23 sing N N 336 
THR OXT HXT  sing N N 337 
TRP N   CA   sing N N 338 
TRP N   H    sing N N 339 
TRP N   H2   sing N N 340 
TRP CA  C    sing N N 341 
TRP CA  CB   sing N N 342 
TRP CA  HA   sing N N 343 
TRP C   O    doub N N 344 
TRP C   OXT  sing N N 345 
TRP CB  CG   sing N N 346 
TRP CB  HB2  sing N N 347 
TRP CB  HB3  sing N N 348 
TRP CG  CD1  doub Y N 349 
TRP CG  CD2  sing Y N 350 
TRP CD1 NE1  sing Y N 351 
TRP CD1 HD1  sing N N 352 
TRP CD2 CE2  doub Y N 353 
TRP CD2 CE3  sing Y N 354 
TRP NE1 CE2  sing Y N 355 
TRP NE1 HE1  sing N N 356 
TRP CE2 CZ2  sing Y N 357 
TRP CE3 CZ3  doub Y N 358 
TRP CE3 HE3  sing N N 359 
TRP CZ2 CH2  doub Y N 360 
TRP CZ2 HZ2  sing N N 361 
TRP CZ3 CH2  sing Y N 362 
TRP CZ3 HZ3  sing N N 363 
TRP CH2 HH2  sing N N 364 
TRP OXT HXT  sing N N 365 
TYR N   CA   sing N N 366 
TYR N   H    sing N N 367 
TYR N   H2   sing N N 368 
TYR CA  C    sing N N 369 
TYR CA  CB   sing N N 370 
TYR CA  HA   sing N N 371 
TYR C   O    doub N N 372 
TYR C   OXT  sing N N 373 
TYR CB  CG   sing N N 374 
TYR CB  HB2  sing N N 375 
TYR CB  HB3  sing N N 376 
TYR CG  CD1  doub Y N 377 
TYR CG  CD2  sing Y N 378 
TYR CD1 CE1  sing Y N 379 
TYR CD1 HD1  sing N N 380 
TYR CD2 CE2  doub Y N 381 
TYR CD2 HD2  sing N N 382 
TYR CE1 CZ   doub Y N 383 
TYR CE1 HE1  sing N N 384 
TYR CE2 CZ   sing Y N 385 
TYR CE2 HE2  sing N N 386 
TYR CZ  OH   sing N N 387 
TYR OH  HH   sing N N 388 
TYR OXT HXT  sing N N 389 
VAL N   CA   sing N N 390 
VAL N   H    sing N N 391 
VAL N   H2   sing N N 392 
VAL CA  C    sing N N 393 
VAL CA  CB   sing N N 394 
VAL CA  HA   sing N N 395 
VAL C   O    doub N N 396 
VAL C   OXT  sing N N 397 
VAL CB  CG1  sing N N 398 
VAL CB  CG2  sing N N 399 
VAL CB  HB   sing N N 400 
VAL CG1 HG11 sing N N 401 
VAL CG1 HG12 sing N N 402 
VAL CG1 HG13 sing N N 403 
VAL CG2 HG21 sing N N 404 
VAL CG2 HG22 sing N N 405 
VAL CG2 HG23 sing N N 406 
VAL OXT HXT  sing N N 407 
# 
_pdbx_audit_support.funding_organization   'National Science Foudation pf China' 
_pdbx_audit_support.country                China 
_pdbx_audit_support.grant_number           91519304 
_pdbx_audit_support.ordinal                1 
# 
_pdbx_initial_refinement_model.id               1 
_pdbx_initial_refinement_model.entity_id_list   ? 
_pdbx_initial_refinement_model.type             'experimental model' 
_pdbx_initial_refinement_model.source_name      PDB 
_pdbx_initial_refinement_model.accession_code   4TMP 
_pdbx_initial_refinement_model.details          ? 
# 
_atom_sites.entry_id                    5J9S 
_atom_sites.fract_transf_matrix[1][1]   -0.01060547 
_atom_sites.fract_transf_matrix[1][2]   0.00267504 
_atom_sites.fract_transf_matrix[1][3]   -0.00116745 
_atom_sites.fract_transf_matrix[2][1]   -0.00782570 
_atom_sites.fract_transf_matrix[2][2]   -0.00684452 
_atom_sites.fract_transf_matrix[2][3]   0.00359013 
_atom_sites.fract_transf_matrix[3][1]   0.00034115 
_atom_sites.fract_transf_matrix[3][2]   0.00998461 
_atom_sites.fract_transf_matrix[3][3]   0.01977909 
_atom_sites.fract_transf_vector[1]      0.173314 
_atom_sites.fract_transf_vector[2]      -0.397719 
_atom_sites.fract_transf_vector[3]      -0.275809 
# 
loop_
_atom_type.symbol 
C  
N  
NA 
NI 
O  
S  
# 
loop_
_atom_site.group_PDB 
_atom_site.id 
_atom_site.type_symbol 
_atom_site.label_atom_id 
_atom_site.label_alt_id 
_atom_site.label_comp_id 
_atom_site.label_asym_id 
_atom_site.label_entity_id 
_atom_site.label_seq_id 
_atom_site.pdbx_PDB_ins_code 
_atom_site.Cartn_x 
_atom_site.Cartn_y 
_atom_site.Cartn_z 
_atom_site.occupancy 
_atom_site.B_iso_or_equiv 
_atom_site.pdbx_formal_charge 
_atom_site.auth_seq_id 
_atom_site.auth_comp_id 
_atom_site.auth_asym_id 
_atom_site.auth_atom_id 
_atom_site.pdbx_PDB_model_num 
ATOM   1    N N   . CYS A 1 6   ? -20.416 4.705   -14.926 1.00 32.13 ?  5   CYS A N   1 
ATOM   2    C CA  . CYS A 1 6   ? -19.054 4.201   -15.050 1.00 35.68 ?  5   CYS A CA  1 
ATOM   3    C C   . CYS A 1 6   ? -18.420 3.990   -13.678 1.00 44.33 ?  5   CYS A C   1 
ATOM   4    O O   . CYS A 1 6   ? -18.478 4.865   -12.814 1.00 35.15 ?  5   CYS A O   1 
ATOM   5    C CB  . CYS A 1 6   ? -18.204 5.155   -15.885 1.00 42.88 ?  5   CYS A CB  1 
ATOM   6    S SG  . CYS A 1 6   ? -16.501 4.600   -16.143 1.00 41.50 ?  5   CYS A SG  1 
ATOM   7    N N   . THR A 1 7   ? -17.816 2.821   -13.488 1.00 41.39 ?  6   THR A N   1 
ATOM   8    C CA  . THR A 1 7   ? -17.152 2.478   -12.237 1.00 30.63 ?  6   THR A CA  1 
ATOM   9    C C   . THR A 1 7   ? -15.940 1.619   -12.556 1.00 24.35 ?  6   THR A C   1 
ATOM   10   O O   . THR A 1 7   ? -16.033 0.694   -13.367 1.00 26.06 ?  6   THR A O   1 
ATOM   11   C CB  . THR A 1 7   ? -18.106 1.736   -11.289 1.00 32.32 ?  6   THR A CB  1 
ATOM   12   O OG1 . THR A 1 7   ? -19.044 2.661   -10.725 1.00 53.13 ?  6   THR A OG1 1 
ATOM   13   C CG2 . THR A 1 7   ? -17.339 1.054   -10.167 1.00 26.65 ?  6   THR A CG2 1 
ATOM   14   N N   . VAL A 1 8   ? -14.809 1.934   -11.930 1.00 19.01 ?  7   VAL A N   1 
ATOM   15   C CA  . VAL A 1 8   ? -13.570 1.183   -12.107 1.00 15.77 ?  7   VAL A CA  1 
ATOM   16   C C   . VAL A 1 8   ? -13.128 0.670   -10.746 1.00 14.23 ?  7   VAL A C   1 
ATOM   17   O O   . VAL A 1 8   ? -12.961 1.454   -9.803  1.00 13.20 ?  7   VAL A O   1 
ATOM   18   C CB  . VAL A 1 8   ? -12.466 2.036   -12.751 1.00 19.17 ?  7   VAL A CB  1 
ATOM   19   C CG1 . VAL A 1 8   ? -11.175 1.235   -12.848 1.00 18.23 ?  7   VAL A CG1 1 
ATOM   20   C CG2 . VAL A 1 8   ? -12.910 2.527   -14.122 1.00 18.92 ?  7   VAL A CG2 1 
ATOM   21   N N   . GLN A 1 9   ? -12.941 -0.642  -10.647 1.00 13.44 ?  8   GLN A N   1 
ATOM   22   C CA  . GLN A 1 9   ? -12.462 -1.287  -9.433  1.00 15.03 ?  8   GLN A CA  1 
ATOM   23   C C   . GLN A 1 9   ? -11.073 -1.849  -9.696  1.00 13.68 ?  8   GLN A C   1 
ATOM   24   O O   . GLN A 1 9   ? -10.848 -2.491  -10.727 1.00 17.42 ?  8   GLN A O   1 
ATOM   25   C CB  . GLN A 1 9   ? -13.418 -2.399  -8.996  1.00 18.42 ?  8   GLN A CB  1 
ATOM   26   C CG  . GLN A 1 9   ? -14.840 -1.920  -8.750  1.00 16.62 ?  8   GLN A CG  1 
ATOM   27   C CD  . GLN A 1 9   ? -15.847 -3.053  -8.757  1.00 17.24 ?  8   GLN A CD  1 
ATOM   28   O OE1 . GLN A 1 9   ? -15.491 -4.219  -8.598  1.00 21.29 ?  8   GLN A OE1 1 
ATOM   29   N NE2 . GLN A 1 9   ? -17.115 -2.711  -8.948  1.00 12.64 ?  8   GLN A NE2 1 
ATOM   30   N N   . VAL A 1 10  ? -10.143 -1.587  -8.779  1.00 8.55  ?  9   VAL A N   1 
ATOM   31   C CA  . VAL A 1 10  ? -8.758  -2.026  -8.909  1.00 13.00 ?  9   VAL A CA  1 
ATOM   32   C C   . VAL A 1 10  ? -8.252  -2.348  -7.512  1.00 16.76 ?  9   VAL A C   1 
ATOM   33   O O   . VAL A 1 10  ? -8.853  -1.958  -6.510  1.00 17.88 ?  9   VAL A O   1 
ATOM   34   C CB  . VAL A 1 10  ? -7.866  -0.960  -9.590  1.00 11.00 ?  9   VAL A CB  1 
ATOM   35   C CG1 . VAL A 1 10  ? -7.437  0.104   -8.583  1.00 13.03 ?  9   VAL A CG1 1 
ATOM   36   C CG2 . VAL A 1 10  ? -6.663  -1.606  -10.275 1.00 11.53 ?  9   VAL A CG2 1 
ATOM   37   N N   . ARG A 1 11  ? -7.140  -3.074  -7.442  1.00 15.65 ?  10  ARG A N   1 
ATOM   38   C CA  . ARG A 1 11  ? -6.672  -3.598  -6.171  1.00 13.92 ?  10  ARG A CA  1 
ATOM   39   C C   . ARG A 1 11  ? -5.211  -3.253  -5.930  1.00 20.63 ?  10  ARG A C   1 
ATOM   40   O O   . ARG A 1 11  ? -4.422  -3.087  -6.867  1.00 18.47 ?  10  ARG A O   1 
ATOM   41   C CB  . ARG A 1 11  ? -6.890  -5.108  -6.093  1.00 7.09  ?  10  ARG A CB  1 
ATOM   42   C CG  . ARG A 1 11  ? -8.332  -5.475  -6.373  1.00 22.81 ?  10  ARG A CG  1 
ATOM   43   C CD  . ARG A 1 11  ? -8.825  -6.616  -5.519  1.00 18.15 ?  10  ARG A CD  1 
ATOM   44   N NE  . ARG A 1 11  ? -8.281  -7.894  -5.963  1.00 32.57 ?  10  ARG A NE  1 
ATOM   45   C CZ  . ARG A 1 11  ? -8.708  -9.076  -5.536  1.00 57.28 ?  10  ARG A CZ  1 
ATOM   46   N NH1 . ARG A 1 11  ? -8.151  -10.188 -5.996  1.00 28.30 ?  10  ARG A NH1 1 
ATOM   47   N NH2 . ARG A 1 11  ? -9.695  -9.147  -4.654  1.00 47.53 ?  10  ARG A NH2 1 
ATOM   48   N N   . LEU A 1 12  ? -4.872  -3.150  -4.648  1.00 23.75 ?  11  LEU A N   1 
ATOM   49   C CA  . LEU A 1 12  ? -3.535  -2.829  -4.172  1.00 23.54 ?  11  LEU A CA  1 
ATOM   50   C C   . LEU A 1 12  ? -3.152  -3.809  -3.073  1.00 19.45 ?  11  LEU A C   1 
ATOM   51   O O   . LEU A 1 12  ? -4.010  -4.395  -2.409  1.00 16.86 ?  11  LEU A O   1 
ATOM   52   C CB  . LEU A 1 12  ? -3.453  -1.398  -3.623  1.00 25.48 ?  11  LEU A CB  1 
ATOM   53   C CG  . LEU A 1 12  ? -3.144  -0.254  -4.585  1.00 19.21 ?  11  LEU A CG  1 
ATOM   54   C CD1 . LEU A 1 12  ? -3.164  1.068   -3.842  1.00 15.07 ?  11  LEU A CD1 1 
ATOM   55   C CD2 . LEU A 1 12  ? -1.796  -0.484  -5.216  1.00 37.64 ?  11  LEU A CD2 1 
ATOM   56   N N   . GLU A 1 13  ? -1.848  -3.977  -2.872  1.00 22.66 ?  12  GLU A N   1 
ATOM   57   C CA  . GLU A 1 13  ? -1.331  -4.807  -1.796  1.00 22.51 ?  12  GLU A CA  1 
ATOM   58   C C   . GLU A 1 13  ? -0.475  -3.964  -0.863  1.00 14.80 ?  12  GLU A C   1 
ATOM   59   O O   . GLU A 1 13  ? 0.366   -3.182  -1.318  1.00 12.32 ?  12  GLU A O   1 
ATOM   60   C CB  . GLU A 1 13  ? -0.526  -5.992  -2.334  1.00 17.06 ?  12  GLU A CB  1 
ATOM   61   C CG  . GLU A 1 13  ? -1.381  -7.089  -2.943  1.00 18.53 ?  12  GLU A CG  1 
ATOM   62   C CD  . GLU A 1 13  ? -0.604  -8.372  -3.178  1.00 21.35 ?  12  GLU A CD  1 
ATOM   63   O OE1 . GLU A 1 13  ? 0.584   -8.427  -2.795  1.00 19.80 ?  12  GLU A OE1 1 
ATOM   64   O OE2 . GLU A 1 13  ? -1.185  -9.325  -3.742  1.00 16.34 -1 12  GLU A OE2 1 
ATOM   65   N N   . LEU A 1 14  ? -0.712  -4.118  0.436   1.00 13.20 ?  13  LEU A N   1 
ATOM   66   C CA  . LEU A 1 14  ? 0.106   -3.529  1.485   1.00 11.73 ?  13  LEU A CA  1 
ATOM   67   C C   . LEU A 1 14  ? 0.660   -4.656  2.341   1.00 18.93 ?  13  LEU A C   1 
ATOM   68   O O   . LEU A 1 14  ? -0.056  -5.607  2.668   1.00 19.60 ?  13  LEU A O   1 
ATOM   69   C CB  . LEU A 1 14  ? -0.699  -2.565  2.365   1.00 15.09 ?  13  LEU A CB  1 
ATOM   70   C CG  . LEU A 1 14  ? -1.107  -1.177  1.867   1.00 22.49 ?  13  LEU A CG  1 
ATOM   71   C CD1 . LEU A 1 14  ? -2.068  -1.247  0.691   1.00 23.61 ?  13  LEU A CD1 1 
ATOM   72   C CD2 . LEU A 1 14  ? -1.733  -0.403  3.014   1.00 29.14 ?  13  LEU A CD2 1 
ATOM   73   N N   . GLY A 1 15  ? 1.932   -4.559  2.700   1.00 12.58 ?  14  GLY A N   1 
ATOM   74   C CA  . GLY A 1 15  ? 2.515   -5.613  3.508   1.00 12.36 ?  14  GLY A CA  1 
ATOM   75   C C   . GLY A 1 15  ? 3.834   -5.178  4.097   1.00 15.42 ?  14  GLY A C   1 
ATOM   76   O O   . GLY A 1 15  ? 4.350   -4.097  3.800   1.00 14.14 ?  14  GLY A O   1 
ATOM   77   N N   . HIS A 1 16  ? 4.371   -6.045  4.953   1.00 14.14 ?  15  HIS A N   1 
ATOM   78   C CA  . HIS A 1 16  ? 5.682   -5.812  5.538   1.00 13.35 ?  15  HIS A CA  1 
ATOM   79   C C   . HIS A 1 16  ? 6.245   -7.126  6.057   1.00 13.35 ?  15  HIS A C   1 
ATOM   80   O O   . HIS A 1 16  ? 5.508   -8.074  6.341   1.00 8.91  ?  15  HIS A O   1 
ATOM   81   C CB  . HIS A 1 16  ? 5.632   -4.767  6.660   1.00 16.78 ?  15  HIS A CB  1 
ATOM   82   C CG  . HIS A 1 16  ? 5.225   -5.319  7.991   1.00 14.72 ?  15  HIS A CG  1 
ATOM   83   N ND1 . HIS A 1 16  ? 3.930   -5.690  8.280   1.00 12.46 ?  15  HIS A ND1 1 
ATOM   84   C CD2 . HIS A 1 16  ? 5.941   -5.548  9.118   1.00 9.14  ?  15  HIS A CD2 1 
ATOM   85   C CE1 . HIS A 1 16  ? 3.865   -6.127  9.525   1.00 14.52 ?  15  HIS A CE1 1 
ATOM   86   N NE2 . HIS A 1 16  ? 5.073   -6.051  10.055  1.00 16.20 ?  15  HIS A NE2 1 
ATOM   87   N N   . ARG A 1 17  ? 7.569   -7.164  6.161   1.00 16.20 ?  16  ARG A N   1 
ATOM   88   C CA  . ARG A 1 17  ? 8.301   -8.295  6.711   1.00 18.34 ?  16  ARG A CA  1 
ATOM   89   C C   . ARG A 1 17  ? 9.169   -7.808  7.862   1.00 14.78 ?  16  ARG A C   1 
ATOM   90   O O   . ARG A 1 17  ? 9.721   -6.707  7.808   1.00 15.55 ?  16  ARG A O   1 
ATOM   91   C CB  . ARG A 1 17  ? 9.164   -8.970  5.635   1.00 17.04 ?  16  ARG A CB  1 
ATOM   92   C CG  . ARG A 1 17  ? 8.484   -10.140 4.944   1.00 16.94 ?  16  ARG A CG  1 
ATOM   93   C CD  . ARG A 1 17  ? 8.864   -10.247 3.478   1.00 11.91 ?  16  ARG A CD  1 
ATOM   94   N NE  . ARG A 1 17  ? 8.307   -11.456 2.872   1.00 36.44 ?  16  ARG A NE  1 
ATOM   95   C CZ  . ARG A 1 17  ? 9.035   -12.420 2.316   1.00 35.63 ?  16  ARG A CZ  1 
ATOM   96   N NH1 . ARG A 1 17  ? 8.440   -13.486 1.793   1.00 28.74 1  16  ARG A NH1 1 
ATOM   97   N NH2 . ARG A 1 17  ? 10.356  -12.312 2.263   1.00 40.46 ?  16  ARG A NH2 1 
ATOM   98   N N   . ALA A 1 18  ? 9.274   -8.620  8.913   1.00 14.08 ?  17  ALA A N   1 
ATOM   99   C CA  . ALA A 1 18  ? 10.073  -8.268  10.078  1.00 23.58 ?  17  ALA A CA  1 
ATOM   100  C C   . ALA A 1 18  ? 10.860  -9.485  10.538  1.00 15.99 ?  17  ALA A C   1 
ATOM   101  O O   . ALA A 1 18  ? 10.398  -10.621 10.417  1.00 17.95 ?  17  ALA A O   1 
ATOM   102  C CB  . ALA A 1 18  ? 9.208   -7.733  11.230  1.00 19.18 ?  17  ALA A CB  1 
ATOM   103  N N   . GLN A 1 19  ? 12.052  -9.232  11.077  1.00 19.69 ?  18  GLN A N   1 
ATOM   104  C CA  . GLN A 1 19  ? 12.975  -10.289 11.472  1.00 20.04 ?  18  GLN A CA  1 
ATOM   105  C C   . GLN A 1 19  ? 13.675  -9.899  12.764  1.00 20.41 ?  18  GLN A C   1 
ATOM   106  O O   . GLN A 1 19  ? 14.193  -8.785  12.877  1.00 15.77 ?  18  GLN A O   1 
ATOM   107  C CB  . GLN A 1 19  ? 14.021  -10.549 10.381  1.00 23.05 ?  18  GLN A CB  1 
ATOM   108  C CG  . GLN A 1 19  ? 13.718  -11.716 9.464   1.00 25.00 ?  18  GLN A CG  1 
ATOM   109  C CD  . GLN A 1 19  ? 14.798  -11.911 8.419   1.00 30.90 ?  18  GLN A CD  1 
ATOM   110  O OE1 . GLN A 1 19  ? 15.211  -10.960 7.754   1.00 32.22 ?  18  GLN A OE1 1 
ATOM   111  N NE2 . GLN A 1 19  ? 15.271  -13.146 8.278   1.00 33.12 ?  18  GLN A NE2 1 
ATOM   112  N N   . LEU A 1 20  ? 13.700  -10.818 13.726  1.00 19.81 ?  19  LEU A N   1 
ATOM   113  C CA  . LEU A 1 20  ? 14.377  -10.575 14.992  1.00 15.91 ?  19  LEU A CA  1 
ATOM   114  C C   . LEU A 1 20  ? 15.871  -10.836 14.836  1.00 21.76 ?  19  LEU A C   1 
ATOM   115  O O   . LEU A 1 20  ? 16.278  -11.927 14.420  1.00 20.18 ?  19  LEU A O   1 
ATOM   116  C CB  . LEU A 1 20  ? 13.790  -11.455 16.093  1.00 18.07 ?  19  LEU A CB  1 
ATOM   117  C CG  . LEU A 1 20  ? 14.373  -11.217 17.488  1.00 15.21 ?  19  LEU A CG  1 
ATOM   118  C CD1 . LEU A 1 20  ? 14.144  -9.780  17.932  1.00 8.52  ?  19  LEU A CD1 1 
ATOM   119  C CD2 . LEU A 1 20  ? 13.777  -12.187 18.484  1.00 17.00 ?  19  LEU A CD2 1 
ATOM   120  N N   . ARG A 1 21  ? 16.683  -9.836  15.167  1.00 19.65 ?  20  ARG A N   1 
ATOM   121  C CA  . ARG A 1 21  ? 18.129  -9.984  15.095  1.00 14.41 ?  20  ARG A CA  1 
ATOM   122  C C   . ARG A 1 21  ? 18.640  -10.849 16.242  1.00 19.17 ?  20  ARG A C   1 
ATOM   123  O O   . ARG A 1 21  ? 18.052  -10.898 17.325  1.00 24.50 ?  20  ARG A O   1 
ATOM   124  C CB  . ARG A 1 21  ? 18.812  -8.617  15.139  1.00 19.77 ?  20  ARG A CB  1 
ATOM   125  C CG  . ARG A 1 21  ? 18.433  -7.696  13.991  1.00 24.10 ?  20  ARG A CG  1 
ATOM   126  C CD  . ARG A 1 21  ? 19.163  -6.361  14.083  1.00 14.60 ?  20  ARG A CD  1 
ATOM   127  N NE  . ARG A 1 21  ? 20.606  -6.538  14.232  1.00 25.06 ?  20  ARG A NE  1 
ATOM   128  C CZ  . ARG A 1 21  ? 21.442  -6.771  13.226  1.00 21.70 ?  20  ARG A CZ  1 
ATOM   129  N NH1 . ARG A 1 21  ? 20.983  -6.864  11.987  1.00 16.76 1  20  ARG A NH1 1 
ATOM   130  N NH2 . ARG A 1 21  ? 22.739  -6.917  13.463  1.00 29.01 ?  20  ARG A NH2 1 
ATOM   131  N N   . LYS A 1 22  ? 19.747  -11.549 15.986  1.00 20.60 ?  21  LYS A N   1 
ATOM   132  C CA  . LYS A 1 22  ? 20.409  -12.294 17.052  1.00 24.83 ?  21  LYS A CA  1 
ATOM   133  C C   . LYS A 1 22  ? 21.155  -11.353 17.993  1.00 23.10 ?  21  LYS A C   1 
ATOM   134  O O   . LYS A 1 22  ? 21.126  -11.533 19.216  1.00 21.99 ?  21  LYS A O   1 
ATOM   135  C CB  . LYS A 1 22  ? 21.372  -13.322 16.460  1.00 12.85 ?  21  LYS A CB  1 
ATOM   136  C CG  . LYS A 1 22  ? 20.704  -14.368 15.602  1.00 15.05 ?  21  LYS A CG  1 
ATOM   137  C CD  . LYS A 1 22  ? 21.704  -15.415 15.164  1.00 18.25 ?  21  LYS A CD  1 
ATOM   138  C CE  . LYS A 1 22  ? 21.006  -16.604 14.526  1.00 18.31 ?  21  LYS A CE  1 
ATOM   139  N NZ  . LYS A 1 22  ? 21.989  -17.560 13.950  1.00 23.14 1  21  LYS A NZ  1 
ATOM   140  N N   . LYS A 1 23  ? 21.830  -10.352 17.434  1.00 27.75 ?  22  LYS A N   1 
ATOM   141  C CA  . LYS A 1 23  ? 22.572  -9.367  18.206  1.00 26.99 ?  22  LYS A CA  1 
ATOM   142  C C   . LYS A 1 23  ? 22.083  -8.000  17.750  1.00 28.31 ?  22  LYS A C   1 
ATOM   143  O O   . LYS A 1 23  ? 22.100  -7.716  16.534  1.00 22.09 ?  22  LYS A O   1 
ATOM   144  C CB  . LYS A 1 23  ? 24.079  -9.549  17.985  1.00 20.36 ?  22  LYS A CB  1 
ATOM   145  C CG  . LYS A 1 23  ? 24.997  -8.554  18.677  1.00 33.89 ?  22  LYS A CG  1 
ATOM   146  C CD  . LYS A 1 23  ? 26.425  -9.093  18.657  1.00 53.21 ?  22  LYS A CD  1 
ATOM   147  C CE  . LYS A 1 23  ? 27.465  -8.006  18.414  1.00 56.77 ?  22  LYS A CE  1 
ATOM   148  N NZ  . LYS A 1 23  ? 27.894  -7.313  19.666  1.00 69.44 1  22  LYS A NZ  1 
ATOM   149  N N   . PRO A 1 24  ? 21.624  -7.139  18.656  1.00 29.95 ?  23  PRO A N   1 
ATOM   150  C CA  . PRO A 1 24  ? 21.075  -5.846  18.229  1.00 32.17 ?  23  PRO A CA  1 
ATOM   151  C C   . PRO A 1 24  ? 22.136  -4.983  17.568  1.00 23.72 ?  23  PRO A C   1 
ATOM   152  O O   . PRO A 1 24  ? 23.338  -5.241  17.641  1.00 30.89 ?  23  PRO A O   1 
ATOM   153  C CB  . PRO A 1 24  ? 20.584  -5.217  19.538  1.00 20.42 ?  23  PRO A CB  1 
ATOM   154  C CG  . PRO A 1 24  ? 21.439  -5.835  20.585  1.00 32.37 ?  23  PRO A CG  1 
ATOM   155  C CD  . PRO A 1 24  ? 21.680  -7.254  20.122  1.00 35.79 ?  23  PRO A CD  1 
ATOM   156  N N   . THR A 1 25  ? 21.669  -3.925  16.912  1.00 17.91 ?  24  THR A N   1 
ATOM   157  C CA  . THR A 1 25  ? 22.581  -3.002  16.261  1.00 27.50 ?  24  THR A CA  1 
ATOM   158  C C   . THR A 1 25  ? 23.269  -2.125  17.308  1.00 28.85 ?  24  THR A C   1 
ATOM   159  O O   . THR A 1 25  ? 23.017  -2.223  18.512  1.00 30.43 ?  24  THR A O   1 
ATOM   160  C CB  . THR A 1 25  ? 21.831  -2.150  15.243  1.00 29.64 ?  24  THR A CB  1 
ATOM   161  O OG1 . THR A 1 25  ? 20.982  -1.224  15.935  1.00 31.58 ?  24  THR A OG1 1 
ATOM   162  C CG2 . THR A 1 25  ? 20.973  -3.033  14.342  1.00 19.94 ?  24  THR A CG2 1 
ATOM   163  N N   . THR A 1 26  ? 24.156  -1.245  16.835  1.00 22.48 ?  25  THR A N   1 
ATOM   164  C CA  . THR A 1 26  ? 24.825  -0.322  17.747  1.00 26.74 ?  25  THR A CA  1 
ATOM   165  C C   . THR A 1 26  ? 23.855  0.671   18.376  1.00 28.65 ?  25  THR A C   1 
ATOM   166  O O   . THR A 1 26  ? 24.137  1.186   19.463  1.00 26.32 ?  25  THR A O   1 
ATOM   167  C CB  . THR A 1 26  ? 25.946  0.429   17.025  1.00 21.55 ?  25  THR A CB  1 
ATOM   168  O OG1 . THR A 1 26  ? 25.428  1.061   15.844  1.00 35.83 ?  25  THR A OG1 1 
ATOM   169  C CG2 . THR A 1 26  ? 27.067  -0.520  16.653  1.00 22.10 ?  25  THR A CG2 1 
ATOM   170  N N   . GLU A 1 27  ? 22.733  0.958   17.720  1.00 26.17 ?  26  GLU A N   1 
ATOM   171  C CA  . GLU A 1 27  ? 21.703  1.827   18.281  1.00 20.72 ?  26  GLU A CA  1 
ATOM   172  C C   . GLU A 1 27  ? 20.718  1.078   19.172  1.00 23.53 ?  26  GLU A C   1 
ATOM   173  O O   . GLU A 1 27  ? 19.776  1.690   19.690  1.00 28.64 ?  26  GLU A O   1 
ATOM   174  C CB  . GLU A 1 27  ? 20.933  2.538   17.160  1.00 21.94 ?  26  GLU A CB  1 
ATOM   175  C CG  . GLU A 1 27  ? 21.809  3.043   16.021  1.00 26.22 ?  26  GLU A CG  1 
ATOM   176  C CD  . GLU A 1 27  ? 21.941  2.036   14.891  1.00 43.32 ?  26  GLU A CD  1 
ATOM   177  O OE1 . GLU A 1 27  ? 21.447  0.900   15.043  1.00 39.44 ?  26  GLU A OE1 1 
ATOM   178  O OE2 . GLU A 1 27  ? 22.533  2.383   13.847  1.00 49.84 -1 26  GLU A OE2 1 
ATOM   179  N N   . GLY A 1 28  ? 20.909  -0.225  19.357  1.00 20.51 ?  27  GLY A N   1 
ATOM   180  C CA  . GLY A 1 28  ? 20.011  -1.031  20.155  1.00 16.07 ?  27  GLY A CA  1 
ATOM   181  C C   . GLY A 1 28  ? 18.806  -1.571  19.419  1.00 24.49 ?  27  GLY A C   1 
ATOM   182  O O   . GLY A 1 28  ? 17.883  -2.082  20.066  1.00 29.87 ?  27  GLY A O   1 
ATOM   183  N N   . PHE A 1 29  ? 18.785  -1.480  18.092  1.00 21.77 ?  28  PHE A N   1 
ATOM   184  C CA  . PHE A 1 29  ? 17.642  -1.951  17.324  1.00 17.22 ?  28  PHE A CA  1 
ATOM   185  C C   . PHE A 1 29  ? 17.621  -3.475  17.297  1.00 20.66 ?  28  PHE A C   1 
ATOM   186  O O   . PHE A 1 29  ? 18.647  -4.115  17.048  1.00 16.77 ?  28  PHE A O   1 
ATOM   187  C CB  . PHE A 1 29  ? 17.692  -1.394  15.902  1.00 20.23 ?  28  PHE A CB  1 
ATOM   188  C CG  . PHE A 1 29  ? 17.685  0.110   15.833  1.00 23.14 ?  28  PHE A CG  1 
ATOM   189  C CD1 . PHE A 1 29  ? 17.231  0.874   16.900  1.00 20.67 ?  28  PHE A CD1 1 
ATOM   190  C CD2 . PHE A 1 29  ? 18.125  0.760   14.693  1.00 20.15 ?  28  PHE A CD2 1 
ATOM   191  C CE1 . PHE A 1 29  ? 17.227  2.253   16.832  1.00 16.45 ?  28  PHE A CE1 1 
ATOM   192  C CE2 . PHE A 1 29  ? 18.118  2.140   14.618  1.00 23.13 ?  28  PHE A CE2 1 
ATOM   193  C CZ  . PHE A 1 29  ? 17.671  2.887   15.689  1.00 20.81 ?  28  PHE A CZ  1 
ATOM   194  N N   . THR A 1 30  ? 16.450  -4.055  17.559  1.00 17.46 ?  29  THR A N   1 
ATOM   195  C CA  . THR A 1 30  ? 16.310  -5.502  17.653  1.00 17.71 ?  29  THR A CA  1 
ATOM   196  C C   . THR A 1 30  ? 15.742  -6.144  16.395  1.00 18.86 ?  29  THR A C   1 
ATOM   197  O O   . THR A 1 30  ? 15.909  -7.355  16.208  1.00 13.31 ?  29  THR A O   1 
ATOM   198  C CB  . THR A 1 30  ? 15.411  -5.874  18.838  1.00 16.65 ?  29  THR A CB  1 
ATOM   199  O OG1 . THR A 1 30  ? 14.183  -5.140  18.755  1.00 19.98 ?  29  THR A OG1 1 
ATOM   200  C CG2 . THR A 1 30  ? 16.102  -5.555  20.153  1.00 18.20 ?  29  THR A CG2 1 
ATOM   201  N N   . HIS A 1 31  ? 15.086  -5.372  15.534  1.00 16.38 ?  30  HIS A N   1 
ATOM   202  C CA  . HIS A 1 31  ? 14.419  -5.907  14.356  1.00 14.92 ?  30  HIS A CA  1 
ATOM   203  C C   . HIS A 1 31  ? 14.874  -5.170  13.106  1.00 19.73 ?  30  HIS A C   1 
ATOM   204  O O   . HIS A 1 31  ? 15.107  -3.958  13.134  1.00 23.62 ?  30  HIS A O   1 
ATOM   205  C CB  . HIS A 1 31  ? 12.890  -5.796  14.477  1.00 15.05 ?  30  HIS A CB  1 
ATOM   206  C CG  . HIS A 1 31  ? 12.294  -6.684  15.525  1.00 16.66 ?  30  HIS A CG  1 
ATOM   207  N ND1 . HIS A 1 31  ? 12.332  -6.379  16.869  1.00 12.77 ?  30  HIS A ND1 1 
ATOM   208  C CD2 . HIS A 1 31  ? 11.636  -7.864  15.426  1.00 12.70 ?  30  HIS A CD2 1 
ATOM   209  C CE1 . HIS A 1 31  ? 11.729  -7.335  17.552  1.00 13.82 ?  30  HIS A CE1 1 
ATOM   210  N NE2 . HIS A 1 31  ? 11.297  -8.248  16.700  1.00 13.34 ?  30  HIS A NE2 1 
ATOM   211  N N   . ASP A 1 32  ? 15.007  -5.918  12.016  1.00 16.48 ?  31  ASP A N   1 
ATOM   212  C CA  . ASP A 1 32  ? 15.075  -5.352  10.676  1.00 16.55 ?  31  ASP A CA  1 
ATOM   213  C C   . ASP A 1 32  ? 13.735  -5.606  10.004  1.00 18.41 ?  31  ASP A C   1 
ATOM   214  O O   . ASP A 1 32  ? 13.214  -6.725  10.059  1.00 15.44 ?  31  ASP A O   1 
ATOM   215  C CB  . ASP A 1 32  ? 16.203  -5.976  9.853   1.00 16.85 ?  31  ASP A CB  1 
ATOM   216  C CG  . ASP A 1 32  ? 17.578  -5.649  10.400  1.00 20.06 ?  31  ASP A CG  1 
ATOM   217  O OD1 . ASP A 1 32  ? 18.049  -4.515  10.181  1.00 25.70 ?  31  ASP A OD1 1 
ATOM   218  O OD2 . ASP A 1 32  ? 18.191  -6.533  11.033  1.00 18.42 -1 31  ASP A OD2 1 
ATOM   219  N N   . TRP A 1 33  ? 13.168  -4.573  9.390   1.00 18.45 ?  32  TRP A N   1 
ATOM   220  C CA  . TRP A 1 33  ? 11.872  -4.728  8.754   1.00 17.43 ?  32  TRP A CA  1 
ATOM   221  C C   . TRP A 1 33  ? 11.832  -3.976  7.432   1.00 16.91 ?  32  TRP A C   1 
ATOM   222  O O   . TRP A 1 33  ? 12.645  -3.088  7.165   1.00 16.70 ?  32  TRP A O   1 
ATOM   223  C CB  . TRP A 1 33  ? 10.723  -4.272  9.667   1.00 11.96 ?  32  TRP A CB  1 
ATOM   224  C CG  . TRP A 1 33  ? 10.833  -2.883  10.222  1.00 15.29 ?  32  TRP A CG  1 
ATOM   225  C CD1 . TRP A 1 33  ? 11.209  -2.536  11.489  1.00 16.67 ?  32  TRP A CD1 1 
ATOM   226  C CD2 . TRP A 1 33  ? 10.535  -1.657  9.543   1.00 14.26 ?  32  TRP A CD2 1 
ATOM   227  N NE1 . TRP A 1 33  ? 11.173  -1.169  11.638  1.00 14.05 ?  32  TRP A NE1 1 
ATOM   228  C CE2 . TRP A 1 33  ? 10.762  -0.606  10.458  1.00 14.94 ?  32  TRP A CE2 1 
ATOM   229  C CE3 . TRP A 1 33  ? 10.106  -1.343  8.249   1.00 9.05  ?  32  TRP A CE3 1 
ATOM   230  C CZ2 . TRP A 1 33  ? 10.573  0.734   10.122  1.00 12.07 ?  32  TRP A CZ2 1 
ATOM   231  C CZ3 . TRP A 1 33  ? 9.917   -0.012  7.918   1.00 12.14 ?  32  TRP A CZ3 1 
ATOM   232  C CH2 . TRP A 1 33  ? 10.151  1.008   8.849   1.00 15.31 ?  32  TRP A CH2 1 
ATOM   233  N N   . MET A 1 34  ? 10.860  -4.361  6.608   1.00 16.38 ?  33  MET A N   1 
ATOM   234  C CA  . MET A 1 34  ? 10.657  -3.801  5.281   1.00 14.38 ?  33  MET A CA  1 
ATOM   235  C C   . MET A 1 34  ? 9.161   -3.707  5.029   1.00 11.67 ?  33  MET A C   1 
ATOM   236  O O   . MET A 1 34  ? 8.455   -4.710  5.151   1.00 9.10  ?  33  MET A O   1 
ATOM   237  C CB  . MET A 1 34  ? 11.332  -4.672  4.213   1.00 7.45  ?  33  MET A CB  1 
ATOM   238  C CG  . MET A 1 34  ? 11.092  -4.234  2.776   1.00 15.93 ?  33  MET A CG  1 
ATOM   239  S SD  . MET A 1 34  ? 9.631   -4.988  2.021   1.00 25.38 ?  33  MET A SD  1 
ATOM   240  C CE  . MET A 1 34  ? 9.948   -6.728  2.303   1.00 8.81  ?  33  MET A CE  1 
ATOM   241  N N   . VAL A 1 35  ? 8.682   -2.513  4.690   1.00 11.54 ?  34  VAL A N   1 
ATOM   242  C CA  . VAL A 1 35  ? 7.277   -2.280  4.378   1.00 14.90 ?  34  VAL A CA  1 
ATOM   243  C C   . VAL A 1 35  ? 7.175   -1.883  2.912   1.00 16.47 ?  34  VAL A C   1 
ATOM   244  O O   . VAL A 1 35  ? 8.041   -1.171  2.396   1.00 17.01 ?  34  VAL A O   1 
ATOM   245  C CB  . VAL A 1 35  ? 6.659   -1.202  5.298   1.00 9.77  ?  34  VAL A CB  1 
ATOM   246  C CG1 . VAL A 1 35  ? 7.342   0.149   5.099   1.00 13.38 ?  34  VAL A CG1 1 
ATOM   247  C CG2 . VAL A 1 35  ? 5.157   -1.089  5.071   1.00 10.90 ?  34  VAL A CG2 1 
ATOM   248  N N   . PHE A 1 36  ? 6.125   -2.349  2.237   1.00 11.21 ?  35  PHE A N   1 
ATOM   249  C CA  . PHE A 1 36  ? 6.021   -2.176  0.796   1.00 14.77 ?  35  PHE A CA  1 
ATOM   250  C C   . PHE A 1 36  ? 4.576   -1.939  0.380   1.00 17.10 ?  35  PHE A C   1 
ATOM   251  O O   . PHE A 1 36  ? 3.631   -2.248  1.109   1.00 14.40 ?  35  PHE A O   1 
ATOM   252  C CB  . PHE A 1 36  ? 6.571   -3.396  0.042   1.00 9.36  ?  35  PHE A CB  1 
ATOM   253  C CG  . PHE A 1 36  ? 5.821   -4.669  0.319   1.00 10.49 ?  35  PHE A CG  1 
ATOM   254  C CD1 . PHE A 1 36  ? 6.172   -5.479  1.389   1.00 11.62 ?  35  PHE A CD1 1 
ATOM   255  C CD2 . PHE A 1 36  ? 4.764   -5.058  -0.490  1.00 9.26  ?  35  PHE A CD2 1 
ATOM   256  C CE1 . PHE A 1 36  ? 5.482   -6.651  1.645   1.00 12.01 ?  35  PHE A CE1 1 
ATOM   257  C CE2 . PHE A 1 36  ? 4.069   -6.227  -0.236  1.00 10.17 ?  35  PHE A CE2 1 
ATOM   258  C CZ  . PHE A 1 36  ? 4.431   -7.025  0.829   1.00 12.31 ?  35  PHE A CZ  1 
ATOM   259  N N   . VAL A 1 37  ? 4.428   -1.385  -0.820  1.00 12.25 ?  36  VAL A N   1 
ATOM   260  C CA  . VAL A 1 37  ? 3.157   -1.310  -1.527  1.00 14.46 ?  36  VAL A CA  1 
ATOM   261  C C   . VAL A 1 37  ? 3.389   -1.852  -2.929  1.00 15.49 ?  36  VAL A C   1 
ATOM   262  O O   . VAL A 1 37  ? 4.361   -1.473  -3.591  1.00 16.27 ?  36  VAL A O   1 
ATOM   263  C CB  . VAL A 1 37  ? 2.601   0.128   -1.586  1.00 20.29 ?  36  VAL A CB  1 
ATOM   264  C CG1 . VAL A 1 37  ? 1.325   0.168   -2.417  1.00 17.29 ?  36  VAL A CG1 1 
ATOM   265  C CG2 . VAL A 1 37  ? 2.341   0.659   -0.182  1.00 14.60 ?  36  VAL A CG2 1 
ATOM   266  N N   . ARG A 1 38  ? 2.514   -2.752  -3.372  1.00 15.90 ?  37  ARG A N   1 
ATOM   267  C CA  . ARG A 1 38  ? 2.675   -3.384  -4.672  1.00 14.89 ?  37  ARG A CA  1 
ATOM   268  C C   . ARG A 1 38  ? 1.302   -3.754  -5.211  1.00 17.28 ?  37  ARG A C   1 
ATOM   269  O O   . ARG A 1 38  ? 0.289   -3.656  -4.514  1.00 15.02 ?  37  ARG A O   1 
ATOM   270  C CB  . ARG A 1 38  ? 3.568   -4.625  -4.588  1.00 9.57  ?  37  ARG A CB  1 
ATOM   271  C CG  . ARG A 1 38  ? 2.876   -5.791  -3.912  1.00 14.60 ?  37  ARG A CG  1 
ATOM   272  C CD  . ARG A 1 38  ? 3.769   -7.006  -3.754  1.00 5.89  ?  37  ARG A CD  1 
ATOM   273  N NE  . ARG A 1 38  ? 3.032   -8.082  -3.099  1.00 8.57  ?  37  ARG A NE  1 
ATOM   274  C CZ  . ARG A 1 38  ? 3.579   -9.194  -2.626  1.00 13.77 ?  37  ARG A CZ  1 
ATOM   275  N NH1 . ARG A 1 38  ? 2.818   -10.109 -2.044  1.00 15.74 1  37  ARG A NH1 1 
ATOM   276  N NH2 . ARG A 1 38  ? 4.887   -9.391  -2.731  1.00 16.41 ?  37  ARG A NH2 1 
ATOM   277  N N   . GLY A 1 39  ? 1.282   -4.187  -6.468  1.00 21.54 ?  38  GLY A N   1 
ATOM   278  C CA  . GLY A 1 39  ? 0.070   -4.655  -7.089  1.00 12.06 ?  38  GLY A CA  1 
ATOM   279  C C   . GLY A 1 39  ? -0.063  -6.158  -6.986  1.00 17.19 ?  38  GLY A C   1 
ATOM   280  O O   . GLY A 1 39  ? 0.884   -6.867  -6.631  1.00 19.72 ?  38  GLY A O   1 
ATOM   281  N N   . PRO A 1 40  ? -1.255  -6.674  -7.283  1.00 16.81 ?  39  PRO A N   1 
ATOM   282  C CA  . PRO A 1 40  ? -1.436  -8.128  -7.339  1.00 19.91 ?  39  PRO A CA  1 
ATOM   283  C C   . PRO A 1 40  ? -0.511  -8.753  -8.370  1.00 18.07 ?  39  PRO A C   1 
ATOM   284  O O   . PRO A 1 40  ? 0.153   -8.068  -9.152  1.00 20.54 ?  39  PRO A O   1 
ATOM   285  C CB  . PRO A 1 40  ? -2.907  -8.291  -7.732  1.00 19.43 ?  39  PRO A CB  1 
ATOM   286  C CG  . PRO A 1 40  ? -3.559  -7.012  -7.316  1.00 14.46 ?  39  PRO A CG  1 
ATOM   287  C CD  . PRO A 1 40  ? -2.518  -5.947  -7.504  1.00 16.47 ?  39  PRO A CD  1 
ATOM   288  N N   . GLU A 1 41  ? -0.466  -10.085 -8.351  1.00 17.84 ?  40  GLU A N   1 
ATOM   289  C CA  . GLU A 1 41  ? 0.381   -10.841 -9.266  1.00 19.70 ?  40  GLU A CA  1 
ATOM   290  C C   . GLU A 1 41  ? 0.215   -10.353 -10.700 1.00 28.36 ?  40  GLU A C   1 
ATOM   291  O O   . GLU A 1 41  ? -0.896  -10.349 -11.240 1.00 21.23 ?  40  GLU A O   1 
ATOM   292  C CB  . GLU A 1 41  ? 0.048   -12.331 -9.175  1.00 18.46 ?  40  GLU A CB  1 
ATOM   293  C CG  . GLU A 1 41  ? 0.491   -13.007 -7.888  1.00 18.43 ?  40  GLU A CG  1 
ATOM   294  C CD  . GLU A 1 41  ? -0.060  -14.414 -7.759  1.00 26.61 ?  40  GLU A CD  1 
ATOM   295  O OE1 . GLU A 1 41  ? 0.063   -15.010 -6.668  1.00 23.64 ?  40  GLU A OE1 1 
ATOM   296  O OE2 . GLU A 1 41  ? -0.624  -14.920 -8.751  1.00 44.47 -1 40  GLU A OE2 1 
ATOM   297  N N   . GLN A 1 42  ? 1.327   -9.908  -11.292 1.00 25.69 ?  41  GLN A N   1 
ATOM   298  C CA  . GLN A 1 42  ? 1.391   -9.446  -12.679 1.00 24.00 ?  41  GLN A CA  1 
ATOM   299  C C   . GLN A 1 42  ? 0.633   -8.139  -12.901 1.00 28.75 ?  41  GLN A C   1 
ATOM   300  O O   . GLN A 1 42  ? 0.118   -7.895  -13.995 1.00 29.05 ?  41  GLN A O   1 
ATOM   301  C CB  . GLN A 1 42  ? 0.886   -10.514 -13.657 1.00 30.46 ?  41  GLN A CB  1 
ATOM   302  C CG  . GLN A 1 42  ? 1.587   -11.855 -13.539 1.00 44.61 ?  41  GLN A CG  1 
ATOM   303  C CD  . GLN A 1 42  ? 1.249   -12.786 -14.688 1.00 36.34 ?  41  GLN A CD  1 
ATOM   304  O OE1 . GLN A 1 42  ? 0.828   -12.346 -15.755 1.00 45.52 ?  41  GLN A OE1 1 
ATOM   305  N NE2 . GLN A 1 42  ? 1.438   -14.082 -14.473 1.00 39.31 ?  41  GLN A NE2 1 
ATOM   306  N N   . CYS A 1 43  ? 0.565   -7.283  -11.885 1.00 28.38 ?  42  CYS A N   1 
ATOM   307  C CA  . CYS A 1 43  ? -0.076  -5.975  -11.997 1.00 21.25 ?  42  CYS A CA  1 
ATOM   308  C C   . CYS A 1 43  ? 0.929   -4.908  -11.588 1.00 25.48 ?  42  CYS A C   1 
ATOM   309  O O   . CYS A 1 43  ? 1.279   -4.798  -10.407 1.00 33.86 ?  42  CYS A O   1 
ATOM   310  C CB  . CYS A 1 43  ? -1.337  -5.898  -11.140 1.00 12.35 ?  42  CYS A CB  1 
ATOM   311  S SG  . CYS A 1 43  ? -2.695  -6.920  -11.736 1.00 20.48 ?  42  CYS A SG  1 
ATOM   312  N N   . ASP A 1 44  ? 1.390   -4.125  -12.560 1.00 26.25 ?  43  ASP A N   1 
ATOM   313  C CA  . ASP A 1 44  ? 2.328   -3.034  -12.301 1.00 39.19 ?  43  ASP A CA  1 
ATOM   314  C C   . ASP A 1 44  ? 1.517   -1.793  -11.956 1.00 29.02 ?  43  ASP A C   1 
ATOM   315  O O   . ASP A 1 44  ? 1.011   -1.104  -12.845 1.00 29.04 ?  43  ASP A O   1 
ATOM   316  C CB  . ASP A 1 44  ? 3.225   -2.793  -13.510 1.00 32.23 ?  43  ASP A CB  1 
ATOM   317  C CG  . ASP A 1 44  ? 3.899   -4.059  -13.998 1.00 52.53 ?  43  ASP A CG  1 
ATOM   318  O OD1 . ASP A 1 44  ? 4.241   -4.914  -13.155 1.00 61.07 ?  43  ASP A OD1 1 
ATOM   319  O OD2 . ASP A 1 44  ? 4.080   -4.200  -15.227 1.00 59.82 -1 43  ASP A OD2 1 
ATOM   320  N N   . ILE A 1 45  ? 1.395   -1.496  -10.659 1.00 23.68 ?  44  ILE A N   1 
ATOM   321  C CA  . ILE A 1 45  ? 0.640   -0.319  -10.243 1.00 23.77 ?  44  ILE A CA  1 
ATOM   322  C C   . ILE A 1 45  ? 1.319   0.981   -10.633 1.00 17.76 ?  44  ILE A C   1 
ATOM   323  O O   . ILE A 1 45  ? 0.711   2.048   -10.487 1.00 17.40 ?  44  ILE A O   1 
ATOM   324  C CB  . ILE A 1 45  ? 0.377   -0.304  -8.724  1.00 23.17 ?  44  ILE A CB  1 
ATOM   325  C CG1 . ILE A 1 45  ? 1.695   -0.318  -7.942  1.00 27.17 ?  44  ILE A CG1 1 
ATOM   326  C CG2 . ILE A 1 45  ? -0.523  -1.458  -8.342  1.00 20.62 ?  44  ILE A CG2 1 
ATOM   327  C CD1 . ILE A 1 45  ? 1.547   0.082   -6.489  1.00 15.26 ?  44  ILE A CD1 1 
ATOM   328  N N   . GLN A 1 46  ? 2.556   0.928   -11.134 1.00 18.22 ?  45  GLN A N   1 
ATOM   329  C CA  . GLN A 1 46  ? 3.181   2.128   -11.683 1.00 22.75 ?  45  GLN A CA  1 
ATOM   330  C C   . GLN A 1 46  ? 2.343   2.744   -12.800 1.00 19.39 ?  45  GLN A C   1 
ATOM   331  O O   . GLN A 1 46  ? 2.460   3.948   -13.055 1.00 17.79 ?  45  GLN A O   1 
ATOM   332  C CB  . GLN A 1 46  ? 4.591   1.814   -12.201 1.00 15.87 ?  45  GLN A CB  1 
ATOM   333  C CG  . GLN A 1 46  ? 5.393   3.059   -12.566 1.00 16.92 ?  45  GLN A CG  1 
ATOM   334  C CD  . GLN A 1 46  ? 6.810   2.747   -13.011 1.00 28.85 ?  45  GLN A CD  1 
ATOM   335  O OE1 . GLN A 1 46  ? 7.193   1.582   -13.133 1.00 19.77 ?  45  GLN A OE1 1 
ATOM   336  N NE2 . GLN A 1 46  ? 7.597   3.790   -13.253 1.00 23.85 ?  45  GLN A NE2 1 
ATOM   337  N N   . HIS A 1 47  ? 1.502   1.947   -13.466 1.00 15.02 ?  46  HIS A N   1 
ATOM   338  C CA  . HIS A 1 47  ? 0.633   2.478   -14.516 1.00 15.14 ?  46  HIS A CA  1 
ATOM   339  C C   . HIS A 1 47  ? -0.268  3.593   -13.998 1.00 19.75 ?  46  HIS A C   1 
ATOM   340  O O   . HIS A 1 47  ? -0.468  4.604   -14.681 1.00 22.87 ?  46  HIS A O   1 
ATOM   341  C CB  . HIS A 1 47  ? -0.213  1.355   -15.121 1.00 18.16 ?  46  HIS A CB  1 
ATOM   342  C CG  . HIS A 1 47  ? 0.514   0.531   -16.137 1.00 25.39 ?  46  HIS A CG  1 
ATOM   343  N ND1 . HIS A 1 47  ? 0.976   -0.741  -15.876 1.00 30.11 ?  46  HIS A ND1 1 
ATOM   344  C CD2 . HIS A 1 47  ? 0.871   0.807   -17.413 1.00 16.62 ?  46  HIS A CD2 1 
ATOM   345  C CE1 . HIS A 1 47  ? 1.580   -1.216  -16.951 1.00 31.73 ?  46  HIS A CE1 1 
ATOM   346  N NE2 . HIS A 1 47  ? 1.532   -0.294  -17.896 1.00 28.02 ?  46  HIS A NE2 1 
ATOM   347  N N   . PHE A 1 48  ? -0.818  3.435   -12.791 1.00 19.85 ?  47  PHE A N   1 
ATOM   348  C CA  . PHE A 1 48  ? -1.722  4.431   -12.233 1.00 20.36 ?  47  PHE A CA  1 
ATOM   349  C C   . PHE A 1 48  ? -1.253  5.035   -10.918 1.00 19.84 ?  47  PHE A C   1 
ATOM   350  O O   . PHE A 1 48  ? -1.898  5.973   -10.434 1.00 16.81 ?  47  PHE A O   1 
ATOM   351  C CB  . PHE A 1 48  ? -3.132  3.839   -12.046 1.00 18.75 ?  47  PHE A CB  1 
ATOM   352  C CG  . PHE A 1 48  ? -3.226  2.799   -10.963 1.00 17.35 ?  47  PHE A CG  1 
ATOM   353  C CD1 . PHE A 1 48  ? -2.963  1.468   -11.236 1.00 17.54 ?  47  PHE A CD1 1 
ATOM   354  C CD2 . PHE A 1 48  ? -3.605  3.152   -9.678  1.00 15.67 ?  47  PHE A CD2 1 
ATOM   355  C CE1 . PHE A 1 48  ? -3.059  0.506   -10.239 1.00 19.26 ?  47  PHE A CE1 1 
ATOM   356  C CE2 . PHE A 1 48  ? -3.699  2.202   -8.681  1.00 17.55 ?  47  PHE A CE2 1 
ATOM   357  C CZ  . PHE A 1 48  ? -3.429  0.877   -8.959  1.00 15.90 ?  47  PHE A CZ  1 
ATOM   358  N N   . VAL A 1 49  ? -0.166  4.546   -10.328 1.00 19.66 ?  48  VAL A N   1 
ATOM   359  C CA  . VAL A 1 49  ? 0.365   5.097   -9.083  1.00 20.13 ?  48  VAL A CA  1 
ATOM   360  C C   . VAL A 1 49  ? 1.529   6.019   -9.430  1.00 16.14 ?  48  VAL A C   1 
ATOM   361  O O   . VAL A 1 49  ? 2.476   5.608   -10.111 1.00 13.40 ?  48  VAL A O   1 
ATOM   362  C CB  . VAL A 1 49  ? 0.805   3.991   -8.112  1.00 16.43 ?  48  VAL A CB  1 
ATOM   363  C CG1 . VAL A 1 49  ? 1.608   4.587   -6.962  1.00 9.47  ?  48  VAL A CG1 1 
ATOM   364  C CG2 . VAL A 1 49  ? -0.404  3.225   -7.590  1.00 11.99 ?  48  VAL A CG2 1 
ATOM   365  N N   . GLU A 1 50  ? 1.455   7.265   -8.963  1.00 20.33 ?  49  GLU A N   1 
ATOM   366  C CA  . GLU A 1 50  ? 2.530   8.207   -9.238  1.00 25.99 ?  49  GLU A CA  1 
ATOM   367  C C   . GLU A 1 50  ? 3.661   8.080   -8.225  1.00 24.45 ?  49  GLU A C   1 
ATOM   368  O O   . GLU A 1 50  ? 4.838   8.092   -8.602  1.00 20.08 ?  49  GLU A O   1 
ATOM   369  C CB  . GLU A 1 50  ? 1.981   9.632   -9.247  1.00 19.58 ?  49  GLU A CB  1 
ATOM   370  C CG  . GLU A 1 50  ? 2.989   10.682  -9.691  1.00 28.19 ?  49  GLU A CG  1 
ATOM   371  C CD  . GLU A 1 50  ? 2.987   11.911  -8.797  1.00 63.17 ?  49  GLU A CD  1 
ATOM   372  O OE1 . GLU A 1 50  ? 1.917   12.256  -8.249  1.00 52.38 ?  49  GLU A OE1 1 
ATOM   373  O OE2 . GLU A 1 50  ? 4.064   12.525  -8.638  1.00 86.34 -1 49  GLU A OE2 1 
ATOM   374  N N   . LYS A 1 51  ? 3.326   7.929   -6.946  1.00 22.94 ?  50  LYS A N   1 
ATOM   375  C CA  . LYS A 1 51  ? 4.325   7.773   -5.900  1.00 17.70 ?  50  LYS A CA  1 
ATOM   376  C C   . LYS A 1 51  ? 3.633   7.264   -4.647  1.00 17.78 ?  50  LYS A C   1 
ATOM   377  O O   . LYS A 1 51  ? 2.412   7.369   -4.503  1.00 21.59 ?  50  LYS A O   1 
ATOM   378  C CB  . LYS A 1 51  ? 5.050   9.092   -5.617  1.00 20.26 ?  50  LYS A CB  1 
ATOM   379  C CG  . LYS A 1 51  ? 4.261   10.058  -4.751  1.00 15.89 ?  50  LYS A CG  1 
ATOM   380  C CD  . LYS A 1 51  ? 4.628   11.498  -5.070  1.00 24.25 ?  50  LYS A CD  1 
ATOM   381  C CE  . LYS A 1 51  ? 4.119   12.452  -4.001  1.00 27.29 ?  50  LYS A CE  1 
ATOM   382  N NZ  . LYS A 1 51  ? 4.469   13.861  -4.314  1.00 32.25 1  50  LYS A NZ  1 
ATOM   383  N N   . VAL A 1 52  ? 4.432   6.709   -3.744  1.00 14.99 ?  51  VAL A N   1 
ATOM   384  C CA  . VAL A 1 52  ? 3.950   6.233   -2.457  1.00 15.50 ?  51  VAL A CA  1 
ATOM   385  C C   . VAL A 1 52  ? 4.792   6.881   -1.370  1.00 18.84 ?  51  VAL A C   1 
ATOM   386  O O   . VAL A 1 52  ? 6.026   6.832   -1.423  1.00 22.03 ?  51  VAL A O   1 
ATOM   387  C CB  . VAL A 1 52  ? 4.013   4.699   -2.344  1.00 18.80 ?  51  VAL A CB  1 
ATOM   388  C CG1 . VAL A 1 52  ? 3.622   4.260   -0.939  1.00 12.85 ?  51  VAL A CG1 1 
ATOM   389  C CG2 . VAL A 1 52  ? 3.106   4.051   -3.379  1.00 16.03 ?  51  VAL A CG2 1 
ATOM   390  N N   . VAL A 1 53  ? 4.130   7.488   -0.391  1.00 16.55 ?  52  VAL A N   1 
ATOM   391  C CA  . VAL A 1 53  ? 4.795   8.141   0.730   1.00 18.08 ?  52  VAL A CA  1 
ATOM   392  C C   . VAL A 1 53  ? 4.566   7.301   1.977   1.00 13.81 ?  52  VAL A C   1 
ATOM   393  O O   . VAL A 1 53  ? 3.420   7.106   2.402   1.00 14.54 ?  52  VAL A O   1 
ATOM   394  C CB  . VAL A 1 53  ? 4.285   9.576   0.936   1.00 18.83 ?  52  VAL A CB  1 
ATOM   395  C CG1 . VAL A 1 53  ? 4.974   10.207  2.136   1.00 18.11 ?  52  VAL A CG1 1 
ATOM   396  C CG2 . VAL A 1 53  ? 4.513   10.405  -0.321  1.00 18.63 ?  52  VAL A CG2 1 
ATOM   397  N N   . PHE A 1 54  ? 5.654   6.800   2.559   1.00 17.85 ?  53  PHE A N   1 
ATOM   398  C CA  . PHE A 1 54  ? 5.618   6.066   3.817   1.00 15.40 ?  53  PHE A CA  1 
ATOM   399  C C   . PHE A 1 54  ? 5.970   7.029   4.945   1.00 15.43 ?  53  PHE A C   1 
ATOM   400  O O   . PHE A 1 54  ? 7.043   7.642   4.927   1.00 20.99 ?  53  PHE A O   1 
ATOM   401  C CB  . PHE A 1 54  ? 6.592   4.886   3.796   1.00 13.80 ?  53  PHE A CB  1 
ATOM   402  C CG  . PHE A 1 54  ? 6.385   3.935   2.644   1.00 13.73 ?  53  PHE A CG  1 
ATOM   403  C CD1 . PHE A 1 54  ? 6.992   4.166   1.418   1.00 17.19 ?  53  PHE A CD1 1 
ATOM   404  C CD2 . PHE A 1 54  ? 5.604   2.798   2.795   1.00 14.43 ?  53  PHE A CD2 1 
ATOM   405  C CE1 . PHE A 1 54  ? 6.813   3.288   0.359   1.00 9.58  ?  53  PHE A CE1 1 
ATOM   406  C CE2 . PHE A 1 54  ? 5.423   1.915   1.740   1.00 14.92 ?  53  PHE A CE2 1 
ATOM   407  C CZ  . PHE A 1 54  ? 6.030   2.164   0.521   1.00 9.73  ?  53  PHE A CZ  1 
ATOM   408  N N   . TRP A 1 55  ? 5.074   7.161   5.919   1.00 15.58 ?  54  TRP A N   1 
ATOM   409  C CA  . TRP A 1 55  ? 5.262   8.091   7.034   1.00 12.36 ?  54  TRP A CA  1 
ATOM   410  C C   . TRP A 1 55  ? 5.780   7.300   8.229   1.00 12.16 ?  54  TRP A C   1 
ATOM   411  O O   . TRP A 1 55  ? 5.009   6.753   9.018   1.00 19.00 ?  54  TRP A O   1 
ATOM   412  C CB  . TRP A 1 55  ? 3.964   8.815   7.359   1.00 15.50 ?  54  TRP A CB  1 
ATOM   413  C CG  . TRP A 1 55  ? 3.550   9.792   6.313   1.00 18.61 ?  54  TRP A CG  1 
ATOM   414  C CD1 . TRP A 1 55  ? 2.716   9.563   5.254   1.00 18.16 ?  54  TRP A CD1 1 
ATOM   415  C CD2 . TRP A 1 55  ? 3.956   11.161  6.218   1.00 14.43 ?  54  TRP A CD2 1 
ATOM   416  N NE1 . TRP A 1 55  ? 2.573   10.711  4.510   1.00 20.47 ?  54  TRP A NE1 1 
ATOM   417  C CE2 . TRP A 1 55  ? 3.323   11.706  5.081   1.00 18.67 ?  54  TRP A CE2 1 
ATOM   418  C CE3 . TRP A 1 55  ? 4.783   11.983  6.989   1.00 14.27 ?  54  TRP A CE3 1 
ATOM   419  C CZ2 . TRP A 1 55  ? 3.499   13.031  4.694   1.00 21.22 ?  54  TRP A CZ2 1 
ATOM   420  C CZ3 . TRP A 1 55  ? 4.956   13.294  6.604   1.00 12.14 ?  54  TRP A CZ3 1 
ATOM   421  C CH2 . TRP A 1 55  ? 4.314   13.808  5.469   1.00 24.14 ?  54  TRP A CH2 1 
ATOM   422  N N   . LEU A 1 56  ? 7.102   7.241   8.357   1.00 14.89 ?  55  LEU A N   1 
ATOM   423  C CA  . LEU A 1 56  ? 7.707   6.522   9.464   1.00 17.65 ?  55  LEU A CA  1 
ATOM   424  C C   . LEU A 1 56  ? 7.527   7.302   10.763  1.00 21.69 ?  55  LEU A C   1 
ATOM   425  O O   . LEU A 1 56  ? 7.125   8.470   10.772  1.00 14.02 ?  55  LEU A O   1 
ATOM   426  C CB  . LEU A 1 56  ? 9.191   6.267   9.200   1.00 11.93 ?  55  LEU A CB  1 
ATOM   427  C CG  . LEU A 1 56  ? 9.595   5.636   7.863   1.00 21.85 ?  55  LEU A CG  1 
ATOM   428  C CD1 . LEU A 1 56  ? 11.035  5.140   7.917   1.00 19.32 ?  55  LEU A CD1 1 
ATOM   429  C CD2 . LEU A 1 56  ? 8.653   4.509   7.483   1.00 11.88 ?  55  LEU A CD2 1 
ATOM   430  N N   . HIS A 1 57  ? 7.835   6.639   11.872  1.00 19.05 ?  56  HIS A N   1 
ATOM   431  C CA  . HIS A 1 57  ? 7.732   7.286   13.167  1.00 15.82 ?  56  HIS A CA  1 
ATOM   432  C C   . HIS A 1 57  ? 8.718   8.448   13.261  1.00 20.27 ?  56  HIS A C   1 
ATOM   433  O O   . HIS A 1 57  ? 9.750   8.490   12.582  1.00 20.14 ?  56  HIS A O   1 
ATOM   434  C CB  . HIS A 1 57  ? 7.988   6.283   14.293  1.00 19.34 ?  56  HIS A CB  1 
ATOM   435  C CG  . HIS A 1 57  ? 7.778   6.853   15.662  1.00 21.06 ?  56  HIS A CG  1 
ATOM   436  N ND1 . HIS A 1 57  ? 8.783   7.477   16.370  1.00 21.65 ?  56  HIS A ND1 1 
ATOM   437  C CD2 . HIS A 1 57  ? 6.676   6.909   16.446  1.00 22.80 ?  56  HIS A CD2 1 
ATOM   438  C CE1 . HIS A 1 57  ? 8.311   7.887   17.533  1.00 28.71 ?  56  HIS A CE1 1 
ATOM   439  N NE2 . HIS A 1 57  ? 7.035   7.554   17.606  1.00 27.72 ?  56  HIS A NE2 1 
ATOM   440  N N   . ASP A 1 58  ? 8.379   9.407   14.129  1.00 22.79 ?  57  ASP A N   1 
ATOM   441  C CA  . ASP A 1 58  ? 9.184   10.609  14.311  1.00 25.38 ?  57  ASP A CA  1 
ATOM   442  C C   . ASP A 1 58  ? 10.634  10.303  14.682  1.00 24.13 ?  57  ASP A C   1 
ATOM   443  O O   . ASP A 1 58  ? 11.515  11.134  14.433  1.00 14.33 ?  57  ASP A O   1 
ATOM   444  C CB  . ASP A 1 58  ? 8.543   11.489  15.389  1.00 27.78 ?  57  ASP A CB  1 
ATOM   445  C CG  . ASP A 1 58  ? 8.807   12.963  15.173  1.00 51.05 ?  57  ASP A CG  1 
ATOM   446  O OD1 . ASP A 1 58  ? 9.152   13.350  14.035  1.00 49.40 ?  57  ASP A OD1 1 
ATOM   447  O OD2 . ASP A 1 58  ? 8.658   13.737  16.140  1.00 68.62 -1 57  ASP A OD2 1 
ATOM   448  N N   . SER A 1 59  ? 10.899  9.138   15.272  1.00 23.87 ?  58  SER A N   1 
ATOM   449  C CA  . SER A 1 59  ? 12.239  8.781   15.734  1.00 14.16 ?  58  SER A CA  1 
ATOM   450  C C   . SER A 1 59  ? 13.197  8.419   14.603  1.00 22.24 ?  58  SER A C   1 
ATOM   451  O O   . SER A 1 59  ? 14.399  8.268   14.858  1.00 31.08 ?  58  SER A O   1 
ATOM   452  C CB  . SER A 1 59  ? 12.144  7.617   16.722  1.00 16.38 ?  58  SER A CB  1 
ATOM   453  O OG  . SER A 1 59  ? 11.395  6.550   16.165  1.00 18.77 ?  58  SER A OG  1 
ATOM   454  N N   . PHE A 1 60  ? 12.693  8.269   13.330  1.00 16.08 ?  59  PHE A N   1 
ATOM   455  C CA  . PHE A 1 60  ? 13.590  7.970   12.224  1.00 14.89 ?  59  PHE A CA  1 
ATOM   456  C C   . PHE A 1 60  ? 14.066  9.254   11.553  1.00 22.60 ?  59  PHE A C   1 
ATOM   457  O O   . PHE A 1 60  ? 13.349  10.262  11.541  1.00 24.08 ?  59  PHE A O   1 
ATOM   458  C CB  . PHE A 1 60  ? 12.893  7.098   11.183  1.00 19.87 ?  59  PHE A CB  1 
ATOM   459  C CG  . PHE A 1 60  ? 12.501  5.737   11.682  1.00 23.10 ?  59  PHE A CG  1 
ATOM   460  C CD1 . PHE A 1 60  ? 11.271  5.533   12.289  1.00 14.31 ?  59  PHE A CD1 1 
ATOM   461  C CD2 . PHE A 1 60  ? 13.351  4.656   11.518  1.00 18.44 ?  59  PHE A CD2 1 
ATOM   462  C CE1 . PHE A 1 60  ? 10.903  4.279   12.740  1.00 14.33 ?  59  PHE A CE1 1 
ATOM   463  C CE2 . PHE A 1 60  ? 12.991  3.397   11.968  1.00 16.04 ?  59  PHE A CE2 1 
ATOM   464  C CZ  . PHE A 1 60  ? 11.765  3.208   12.578  1.00 16.68 ?  59  PHE A CZ  1 
ATOM   465  N N   . PRO A 1 61  ? 15.270  9.248   10.984  1.00 20.35 ?  60  PRO A N   1 
ATOM   466  C CA  . PRO A 1 61  ? 15.708  10.405  10.198  1.00 21.36 ?  60  PRO A CA  1 
ATOM   467  C C   . PRO A 1 61  ? 14.925  10.503  8.897   1.00 28.63 ?  60  PRO A C   1 
ATOM   468  O O   . PRO A 1 61  ? 14.707  9.502   8.210   1.00 17.74 ?  60  PRO A O   1 
ATOM   469  C CB  . PRO A 1 61  ? 17.193  10.124  9.945   1.00 24.11 ?  60  PRO A CB  1 
ATOM   470  C CG  . PRO A 1 61  ? 17.311  8.633   10.038  1.00 21.67 ?  60  PRO A CG  1 
ATOM   471  C CD  . PRO A 1 61  ? 16.317  8.218   11.087  1.00 23.29 ?  60  PRO A CD  1 
ATOM   472  N N   . LYS A 1 62  ? 14.494  11.720  8.576   1.00 28.81 ?  61  LYS A N   1 
ATOM   473  C CA  . LYS A 1 62  ? 13.720  12.005  7.372   1.00 26.36 ?  61  LYS A CA  1 
ATOM   474  C C   . LYS A 1 62  ? 12.524  11.049  7.229   1.00 22.78 ?  61  LYS A C   1 
ATOM   475  O O   . LYS A 1 62  ? 12.425  10.325  6.236   1.00 21.79 ?  61  LYS A O   1 
ATOM   476  C CB  . LYS A 1 62  ? 14.608  11.946  6.139   1.00 19.17 ?  61  LYS A CB  1 
ATOM   477  C CG  . LYS A 1 62  ? 15.697  13.005  6.113   1.00 23.21 ?  61  LYS A CG  1 
ATOM   478  C CD  . LYS A 1 62  ? 15.105  14.382  5.860   1.00 51.99 ?  61  LYS A CD  1 
ATOM   479  C CE  . LYS A 1 62  ? 16.088  15.486  6.210   1.00 53.98 ?  61  LYS A CE  1 
ATOM   480  N NZ  . LYS A 1 62  ? 15.537  16.833  5.886   1.00 49.46 ?  61  LYS A NZ  1 
ATOM   481  N N   . PRO A 1 63  ? 11.606  11.042  8.200   1.00 30.06 ?  62  PRO A N   1 
ATOM   482  C CA  . PRO A 1 63  ? 10.587  9.977   8.237   1.00 25.29 ?  62  PRO A CA  1 
ATOM   483  C C   . PRO A 1 63  ? 9.582   10.025  7.095   1.00 22.46 ?  62  PRO A C   1 
ATOM   484  O O   . PRO A 1 63  ? 8.785   9.086   6.965   1.00 22.08 ?  62  PRO A O   1 
ATOM   485  C CB  . PRO A 1 63  ? 9.902   10.195  9.592   1.00 25.33 ?  62  PRO A CB  1 
ATOM   486  C CG  . PRO A 1 63  ? 10.095  11.642  9.877   1.00 14.18 ?  62  PRO A CG  1 
ATOM   487  C CD  . PRO A 1 63  ? 11.431  12.011  9.294   1.00 21.31 ?  62  PRO A CD  1 
ATOM   488  N N   . ARG A 1 64  ? 9.582   11.071  6.273   1.00 15.05 ?  63  ARG A N   1 
ATOM   489  C CA  . ARG A 1 64  ? 8.711   11.127  5.099   1.00 15.84 ?  63  ARG A CA  1 
ATOM   490  C C   . ARG A 1 64  ? 9.463   10.499  3.931   1.00 22.57 ?  63  ARG A C   1 
ATOM   491  O O   . ARG A 1 64  ? 10.210  11.163  3.213   1.00 19.73 ?  63  ARG A O   1 
ATOM   492  C CB  . ARG A 1 64  ? 8.294   12.561  4.800   1.00 13.05 ?  63  ARG A CB  1 
ATOM   493  C CG  . ARG A 1 64  ? 7.171   12.675  3.784   1.00 18.26 ?  63  ARG A CG  1 
ATOM   494  C CD  . ARG A 1 64  ? 6.972   14.108  3.330   1.00 15.29 ?  63  ARG A CD  1 
ATOM   495  N NE  . ARG A 1 64  ? 7.283   14.280  1.914   1.00 25.62 ?  63  ARG A NE  1 
ATOM   496  C CZ  . ARG A 1 64  ? 6.380   14.245  0.939   1.00 30.70 ?  63  ARG A CZ  1 
ATOM   497  N NH1 . ARG A 1 64  ? 6.759   14.409  -0.324  1.00 21.03 ?  63  ARG A NH1 1 
ATOM   498  N NH2 . ARG A 1 64  ? 5.099   14.045  1.223   1.00 37.44 ?  63  ARG A NH2 1 
ATOM   499  N N   . ARG A 1 65  ? 9.262   9.198   3.742   1.00 14.99 ?  64  ARG A N   1 
ATOM   500  C CA  . ARG A 1 65  ? 9.991   8.421   2.745   1.00 18.63 ?  64  ARG A CA  1 
ATOM   501  C C   . ARG A 1 65  ? 9.134   8.278   1.491   1.00 14.17 ?  64  ARG A C   1 
ATOM   502  O O   . ARG A 1 65  ? 8.006   7.776   1.559   1.00 11.66 ?  64  ARG A O   1 
ATOM   503  C CB  . ARG A 1 65  ? 10.366  7.049   3.305   1.00 16.30 ?  64  ARG A CB  1 
ATOM   504  C CG  . ARG A 1 65  ? 11.113  7.097   4.633   1.00 20.91 ?  64  ARG A CG  1 
ATOM   505  C CD  . ARG A 1 65  ? 12.524  7.633   4.461   1.00 18.72 ?  64  ARG A CD  1 
ATOM   506  N NE  . ARG A 1 65  ? 13.216  7.757   5.742   1.00 24.92 ?  64  ARG A NE  1 
ATOM   507  C CZ  . ARG A 1 65  ? 13.877  6.766   6.334   1.00 21.10 ?  64  ARG A CZ  1 
ATOM   508  N NH1 . ARG A 1 65  ? 14.477  6.969   7.500   1.00 16.20 1  64  ARG A NH1 1 
ATOM   509  N NH2 . ARG A 1 65  ? 13.938  5.573   5.757   1.00 14.14 ?  64  ARG A NH2 1 
ATOM   510  N N   . VAL A 1 66  ? 9.677   8.702   0.353   1.00 10.40 ?  65  VAL A N   1 
ATOM   511  C CA  . VAL A 1 66  ? 8.951   8.734   -0.911  1.00 15.15 ?  65  VAL A CA  1 
ATOM   512  C C   . VAL A 1 66  ? 9.570   7.733   -1.876  1.00 12.69 ?  65  VAL A C   1 
ATOM   513  O O   . VAL A 1 66  ? 10.798  7.652   -2.002  1.00 19.92 ?  65  VAL A O   1 
ATOM   514  C CB  . VAL A 1 66  ? 8.955   10.150  -1.521  1.00 17.60 ?  65  VAL A CB  1 
ATOM   515  C CG1 . VAL A 1 66  ? 8.075   10.202  -2.764  1.00 17.55 ?  65  VAL A CG1 1 
ATOM   516  C CG2 . VAL A 1 66  ? 8.496   11.165  -0.492  1.00 19.11 ?  65  VAL A CG2 1 
ATOM   517  N N   . CYS A 1 67  ? 8.714   6.971   -2.558  1.00 12.71 ?  66  CYS A N   1 
ATOM   518  C CA  . CYS A 1 67  ? 9.112   6.109   -3.668  1.00 17.09 ?  66  CYS A CA  1 
ATOM   519  C C   . CYS A 1 67  ? 8.335   6.555   -4.899  1.00 16.84 ?  66  CYS A C   1 
ATOM   520  O O   . CYS A 1 67  ? 7.110   6.406   -4.950  1.00 16.02 ?  66  CYS A O   1 
ATOM   521  C CB  . CYS A 1 67  ? 8.845   4.636   -3.361  1.00 15.20 ?  66  CYS A CB  1 
ATOM   522  S SG  . CYS A 1 67  ? 9.916   3.902   -2.104  1.00 16.69 ?  66  CYS A SG  1 
ATOM   523  N N   . LYS A 1 68  ? 9.039   7.106   -5.884  1.00 21.82 ?  67  LYS A N   1 
ATOM   524  C CA  . LYS A 1 68  ? 8.410   7.572   -7.113  1.00 18.18 ?  67  LYS A CA  1 
ATOM   525  C C   . LYS A 1 68  ? 8.332   6.494   -8.187  1.00 15.97 ?  67  LYS A C   1 
ATOM   526  O O   . LYS A 1 68  ? 7.752   6.740   -9.250  1.00 22.21 ?  67  LYS A O   1 
ATOM   527  C CB  . LYS A 1 68  ? 9.159   8.793   -7.657  1.00 13.70 ?  67  LYS A CB  1 
ATOM   528  C CG  . LYS A 1 68  ? 9.240   9.952   -6.674  1.00 16.87 ?  67  LYS A CG  1 
ATOM   529  C CD  . LYS A 1 68  ? 9.733   11.222  -7.342  1.00 19.90 ?  67  LYS A CD  1 
ATOM   530  C CE  . LYS A 1 68  ? 9.806   12.372  -6.349  1.00 44.70 ?  67  LYS A CE  1 
ATOM   531  N NZ  . LYS A 1 68  ? 10.028  13.689  -7.021  1.00 48.11 1  67  LYS A NZ  1 
ATOM   532  N N   . GLU A 1 69  ? 8.885   5.312   -7.931  1.00 17.88 ?  68  GLU A N   1 
ATOM   533  C CA  . GLU A 1 69  ? 8.909   4.225   -8.899  1.00 21.78 ?  68  GLU A CA  1 
ATOM   534  C C   . GLU A 1 69  ? 9.192   2.930   -8.151  1.00 20.97 ?  68  GLU A C   1 
ATOM   535  O O   . GLU A 1 69  ? 9.797   2.956   -7.072  1.00 18.83 ?  68  GLU A O   1 
ATOM   536  C CB  . GLU A 1 69  ? 9.969   4.473   -9.984  1.00 23.42 ?  68  GLU A CB  1 
ATOM   537  C CG  . GLU A 1 69  ? 11.329  4.833   -9.428  1.00 27.45 ?  68  GLU A CG  1 
ATOM   538  C CD  . GLU A 1 69  ? 12.161  5.625   -10.412 1.00 54.75 ?  68  GLU A CD  1 
ATOM   539  O OE1 . GLU A 1 69  ? 12.781  5.009   -11.305 1.00 70.25 ?  68  GLU A OE1 1 
ATOM   540  O OE2 . GLU A 1 69  ? 12.180  6.868   -10.299 1.00 71.19 ?  68  GLU A OE2 1 
ATOM   541  N N   . PRO A 1 70  ? 8.767   1.776   -8.697  1.00 22.33 ?  69  PRO A N   1 
ATOM   542  C CA  . PRO A 1 70  ? 8.958   0.497   -8.001  1.00 18.02 ?  69  PRO A CA  1 
ATOM   543  C C   . PRO A 1 70  ? 10.431  0.129   -7.821  1.00 23.27 ?  69  PRO A C   1 
ATOM   544  O O   . PRO A 1 70  ? 11.251  0.470   -8.674  1.00 18.08 ?  69  PRO A O   1 
ATOM   545  C CB  . PRO A 1 70  ? 8.255   -0.510  -8.917  1.00 18.54 ?  69  PRO A CB  1 
ATOM   546  C CG  . PRO A 1 70  ? 8.274   0.127   -10.259 1.00 19.09 ?  69  PRO A CG  1 
ATOM   547  C CD  . PRO A 1 70  ? 8.103   1.593   -10.000 1.00 15.78 ?  69  PRO A CD  1 
ATOM   548  N N   . PRO A 1 71  ? 10.765  -0.559  -6.717  1.00 20.66 ?  70  PRO A N   1 
ATOM   549  C CA  . PRO A 1 71  ? 9.820   -0.997  -5.684  1.00 17.74 ?  70  PRO A CA  1 
ATOM   550  C C   . PRO A 1 71  ? 9.384   0.137   -4.764  1.00 16.93 ?  70  PRO A C   1 
ATOM   551  O O   . PRO A 1 71  ? 10.202  0.981   -4.394  1.00 10.38 ?  70  PRO A O   1 
ATOM   552  C CB  . PRO A 1 71  ? 10.614  -2.049  -4.895  1.00 12.29 ?  70  PRO A CB  1 
ATOM   553  C CG  . PRO A 1 71  ? 11.847  -2.327  -5.708  1.00 13.93 ?  70  PRO A CG  1 
ATOM   554  C CD  . PRO A 1 71  ? 12.120  -1.066  -6.457  1.00 12.42 ?  70  PRO A CD  1 
ATOM   555  N N   . TYR A 1 72  ? 8.098   0.158   -4.421  1.00 22.73 ?  71  TYR A N   1 
ATOM   556  C CA  . TYR A 1 72  ? 7.552   1.122   -3.469  1.00 13.02 ?  71  TYR A CA  1 
ATOM   557  C C   . TYR A 1 72  ? 7.694   0.512   -2.082  1.00 14.30 ?  71  TYR A C   1 
ATOM   558  O O   . TYR A 1 72  ? 6.811   -0.201  -1.603  1.00 14.15 ?  71  TYR A O   1 
ATOM   559  C CB  . TYR A 1 72  ? 6.097   1.442   -3.790  1.00 10.24 ?  71  TYR A CB  1 
ATOM   560  C CG  . TYR A 1 72  ? 5.854   1.855   -5.223  1.00 16.95 ?  71  TYR A CG  1 
ATOM   561  C CD1 . TYR A 1 72  ? 5.951   3.186   -5.605  1.00 16.97 ?  71  TYR A CD1 1 
ATOM   562  C CD2 . TYR A 1 72  ? 5.518   0.915   -6.192  1.00 17.17 ?  71  TYR A CD2 1 
ATOM   563  C CE1 . TYR A 1 72  ? 5.727   3.572   -6.915  1.00 21.96 ?  71  TYR A CE1 1 
ATOM   564  C CE2 . TYR A 1 72  ? 5.291   1.290   -7.503  1.00 16.98 ?  71  TYR A CE2 1 
ATOM   565  C CZ  . TYR A 1 72  ? 5.400   2.618   -7.858  1.00 18.43 ?  71  TYR A CZ  1 
ATOM   566  O OH  . TYR A 1 72  ? 5.173   2.996   -9.161  1.00 17.23 ?  71  TYR A OH  1 
ATOM   567  N N   . LYS A 1 73  ? 8.819   0.787   -1.427  1.00 13.68 ?  72  LYS A N   1 
ATOM   568  C CA  . LYS A 1 73  ? 9.099   0.127   -0.160  1.00 17.90 ?  72  LYS A CA  1 
ATOM   569  C C   . LYS A 1 73  ? 10.110  0.927   0.651   1.00 20.28 ?  72  LYS A C   1 
ATOM   570  O O   . LYS A 1 73  ? 10.791  1.819   0.141   1.00 16.81 ?  72  LYS A O   1 
ATOM   571  C CB  . LYS A 1 73  ? 9.611   -1.293  -0.382  1.00 17.51 ?  72  LYS A CB  1 
ATOM   572  C CG  . LYS A 1 73  ? 10.898  -1.369  -1.171  1.00 16.50 ?  72  LYS A CG  1 
ATOM   573  C CD  . LYS A 1 73  ? 11.693  -2.574  -0.718  1.00 20.65 ?  72  LYS A CD  1 
ATOM   574  C CE  . LYS A 1 73  ? 12.637  -3.065  -1.799  1.00 19.98 ?  72  LYS A CE  1 
ATOM   575  N NZ  . LYS A 1 73  ? 13.050  -4.471  -1.532  1.00 35.57 1  72  LYS A NZ  1 
ATOM   576  N N   . VAL A 1 74  ? 10.198  0.571   1.932   1.00 12.56 ?  73  VAL A N   1 
ATOM   577  C CA  . VAL A 1 74  ? 11.147  1.146   2.880   1.00 10.86 ?  73  VAL A CA  1 
ATOM   578  C C   . VAL A 1 74  ? 11.728  0.008   3.711   1.00 14.39 ?  73  VAL A C   1 
ATOM   579  O O   . VAL A 1 74  ? 10.984  -0.831  4.230   1.00 12.58 ?  73  VAL A O   1 
ATOM   580  C CB  . VAL A 1 74  ? 10.483  2.193   3.799   1.00 10.44 ?  73  VAL A CB  1 
ATOM   581  C CG1 . VAL A 1 74  ? 11.417  2.572   4.936   1.00 13.70 ?  73  VAL A CG1 1 
ATOM   582  C CG2 . VAL A 1 74  ? 10.082  3.427   3.009   1.00 10.93 ?  73  VAL A CG2 1 
ATOM   583  N N   . GLU A 1 75  ? 13.054  -0.028  3.826   1.00 14.73 ?  74  GLU A N   1 
ATOM   584  C CA  . GLU A 1 75  ? 13.755  -1.001  4.654   1.00 15.76 ?  74  GLU A CA  1 
ATOM   585  C C   . GLU A 1 75  ? 14.453  -0.268  5.791   1.00 13.33 ?  74  GLU A C   1 
ATOM   586  O O   . GLU A 1 75  ? 15.224  0.668   5.547   1.00 10.19 ?  74  GLU A O   1 
ATOM   587  C CB  . GLU A 1 75  ? 14.770  -1.792  3.826   1.00 10.59 ?  74  GLU A CB  1 
ATOM   588  C CG  . GLU A 1 75  ? 14.203  -2.343  2.526   1.00 22.18 ?  74  GLU A CG  1 
ATOM   589  C CD  . GLU A 1 75  ? 15.237  -3.081  1.699   1.00 31.03 ?  74  GLU A CD  1 
ATOM   590  O OE1 . GLU A 1 75  ? 15.382  -4.310  1.882   1.00 39.84 ?  74  GLU A OE1 1 
ATOM   591  O OE2 . GLU A 1 75  ? 15.912  -2.431  0.872   1.00 24.58 -1 74  GLU A OE2 1 
ATOM   592  N N   . GLU A 1 76  ? 14.181  -0.685  7.028   1.00 12.62 ?  75  GLU A N   1 
ATOM   593  C CA  . GLU A 1 76  ? 14.700  -0.001  8.204   1.00 16.86 ?  75  GLU A CA  1 
ATOM   594  C C   . GLU A 1 76  ? 14.995  -1.002  9.310   1.00 12.35 ?  75  GLU A C   1 
ATOM   595  O O   . GLU A 1 76  ? 14.720  -2.202  9.194   1.00 16.17 ?  75  GLU A O   1 
ATOM   596  C CB  . GLU A 1 76  ? 13.723  1.070   8.710   1.00 18.98 ?  75  GLU A CB  1 
ATOM   597  C CG  . GLU A 1 76  ? 13.932  2.448   8.105   1.00 25.06 ?  75  GLU A CG  1 
ATOM   598  C CD  . GLU A 1 76  ? 15.271  3.062   8.483   1.00 25.82 ?  75  GLU A CD  1 
ATOM   599  O OE1 . GLU A 1 76  ? 15.950  2.533   9.390   1.00 18.47 ?  75  GLU A OE1 1 
ATOM   600  O OE2 . GLU A 1 76  ? 15.645  4.081   7.868   1.00 45.21 -1 75  GLU A OE2 1 
ATOM   601  N N   . SER A 1 77  ? 15.578  -0.490  10.391  1.00 20.71 ?  76  SER A N   1 
ATOM   602  C CA  . SER A 1 77  ? 15.813  -1.236  11.617  1.00 21.26 ?  76  SER A CA  1 
ATOM   603  C C   . SER A 1 77  ? 15.261  -0.428  12.779  1.00 19.20 ?  76  SER A C   1 
ATOM   604  O O   . SER A 1 77  ? 15.268  0.805   12.753  1.00 24.63 ?  76  SER A O   1 
ATOM   605  C CB  . SER A 1 77  ? 17.304  -1.519  11.841  1.00 13.66 ?  76  SER A CB  1 
ATOM   606  O OG  . SER A 1 77  ? 17.797  -2.427  10.876  1.00 38.49 ?  76  SER A OG  1 
ATOM   607  N N   . GLY A 1 78  ? 14.783  -1.128  13.801  1.00 9.95  ?  77  GLY A N   1 
ATOM   608  C CA  . GLY A 1 78  ? 14.193  -0.417  14.921  1.00 18.66 ?  77  GLY A CA  1 
ATOM   609  C C   . GLY A 1 78  ? 13.989  -1.335  16.103  1.00 20.29 ?  77  GLY A C   1 
ATOM   610  O O   . GLY A 1 78  ? 14.327  -2.521  16.071  1.00 19.36 ?  77  GLY A O   1 
ATOM   611  N N   . TYR A 1 79  ? 13.412  -0.755  17.160  1.00 17.97 ?  78  TYR A N   1 
ATOM   612  C CA  . TYR A 1 79  ? 13.189  -1.450  18.422  1.00 21.22 ?  78  TYR A CA  1 
ATOM   613  C C   . TYR A 1 79  ? 11.719  -1.648  18.762  1.00 17.66 ?  78  TYR A C   1 
ATOM   614  O O   . TYR A 1 79  ? 11.419  -2.393  19.701  1.00 14.15 ?  78  TYR A O   1 
ATOM   615  C CB  . TYR A 1 79  ? 13.872  -0.694  19.577  1.00 14.46 ?  78  TYR A CB  1 
ATOM   616  C CG  . TYR A 1 79  ? 13.487  0.769   19.691  1.00 17.87 ?  78  TYR A CG  1 
ATOM   617  C CD1 . TYR A 1 79  ? 14.189  1.749   18.998  1.00 16.68 ?  78  TYR A CD1 1 
ATOM   618  C CD2 . TYR A 1 79  ? 12.433  1.173   20.504  1.00 18.48 ?  78  TYR A CD2 1 
ATOM   619  C CE1 . TYR A 1 79  ? 13.849  3.082   19.102  1.00 12.51 ?  78  TYR A CE1 1 
ATOM   620  C CE2 . TYR A 1 79  ? 12.086  2.510   20.616  1.00 16.62 ?  78  TYR A CE2 1 
ATOM   621  C CZ  . TYR A 1 79  ? 12.796  3.459   19.911  1.00 20.95 ?  78  TYR A CZ  1 
ATOM   622  O OH  . TYR A 1 79  ? 12.454  4.787   20.017  1.00 23.64 ?  78  TYR A OH  1 
ATOM   623  N N   . ALA A 1 80  ? 10.798  -1.015  18.035  1.00 16.78 ?  79  ALA A N   1 
ATOM   624  C CA  . ALA A 1 80  ? 9.391   -1.061  18.403  1.00 19.20 ?  79  ALA A CA  1 
ATOM   625  C C   . ALA A 1 80  ? 8.520   -0.870  17.170  1.00 17.44 ?  79  ALA A C   1 
ATOM   626  O O   . ALA A 1 80  ? 8.893   -0.163  16.228  1.00 18.02 ?  79  ALA A O   1 
ATOM   627  C CB  . ALA A 1 80  ? 9.054   0.004   19.454  1.00 14.14 ?  79  ALA A CB  1 
ATOM   628  N N   . GLY A 1 81  ? 7.344   -1.501  17.192  1.00 22.57 ?  80  GLY A N   1 
ATOM   629  C CA  . GLY A 1 81  ? 6.373   -1.312  16.138  1.00 19.57 ?  80  GLY A CA  1 
ATOM   630  C C   . GLY A 1 81  ? 5.590   -0.023  16.301  1.00 20.34 ?  80  GLY A C   1 
ATOM   631  O O   . GLY A 1 81  ? 5.627   0.632   17.341  1.00 18.62 ?  80  GLY A O   1 
ATOM   632  N N   . PHE A 1 82  ? 4.870   0.344   15.244  1.00 18.12 ?  81  PHE A N   1 
ATOM   633  C CA  . PHE A 1 82  ? 4.104   1.583   15.248  1.00 19.01 ?  81  PHE A CA  1 
ATOM   634  C C   . PHE A 1 82  ? 3.093   1.547   14.110  1.00 15.24 ?  81  PHE A C   1 
ATOM   635  O O   . PHE A 1 82  ? 3.161   0.699   13.215  1.00 18.65 ?  81  PHE A O   1 
ATOM   636  C CB  . PHE A 1 82  ? 5.020   2.810   15.131  1.00 16.38 ?  81  PHE A CB  1 
ATOM   637  C CG  . PHE A 1 82  ? 5.841   2.838   13.871  1.00 14.97 ?  81  PHE A CG  1 
ATOM   638  C CD1 . PHE A 1 82  ? 7.108   2.280   13.837  1.00 14.66 ?  81  PHE A CD1 1 
ATOM   639  C CD2 . PHE A 1 82  ? 5.346   3.431   12.722  1.00 17.04 ?  81  PHE A CD2 1 
ATOM   640  C CE1 . PHE A 1 82  ? 7.865   2.307   12.679  1.00 11.84 ?  81  PHE A CE1 1 
ATOM   641  C CE2 . PHE A 1 82  ? 6.098   3.461   11.558  1.00 23.69 ?  81  PHE A CE2 1 
ATOM   642  C CZ  . PHE A 1 82  ? 7.358   2.901   11.538  1.00 14.16 ?  81  PHE A CZ  1 
ATOM   643  N N   . ILE A 1 83  ? 2.153   2.487   14.155  1.00 19.81 ?  82  ILE A N   1 
ATOM   644  C CA  . ILE A 1 83  ? 1.176   2.673   13.089  1.00 15.72 ?  82  ILE A CA  1 
ATOM   645  C C   . ILE A 1 83  ? 1.773   3.602   12.043  1.00 17.68 ?  82  ILE A C   1 
ATOM   646  O O   . ILE A 1 83  ? 2.225   4.709   12.364  1.00 17.70 ?  82  ILE A O   1 
ATOM   647  C CB  . ILE A 1 83  ? -0.143  3.239   13.644  1.00 19.97 ?  82  ILE A CB  1 
ATOM   648  C CG1 . ILE A 1 83  ? -0.753  2.267   14.655  1.00 12.20 ?  82  ILE A CG1 1 
ATOM   649  C CG2 . ILE A 1 83  ? -1.121  3.542   12.512  1.00 16.88 ?  82  ILE A CG2 1 
ATOM   650  C CD1 . ILE A 1 83  ? -1.005  0.882   14.093  1.00 13.23 ?  82  ILE A CD1 1 
ATOM   651  N N   . MET A 1 84  ? 1.784   3.155   10.788  1.00 17.11 ?  83  MET A N   1 
ATOM   652  C CA  . MET A 1 84  ? 2.434   3.908   9.726   1.00 13.62 ?  83  MET A CA  1 
ATOM   653  C C   . MET A 1 84  ? 1.410   4.411   8.720   1.00 19.54 ?  83  MET A C   1 
ATOM   654  O O   . MET A 1 84  ? 0.824   3.600   7.985   1.00 14.61 ?  83  MET A O   1 
ATOM   655  C CB  . MET A 1 84  ? 3.481   3.044   9.022   1.00 9.30  ?  83  MET A CB  1 
ATOM   656  C CG  . MET A 1 84  ? 4.182   3.757   7.871   1.00 16.25 ?  83  MET A CG  1 
ATOM   657  S SD  . MET A 1 84  ? 5.273   2.682   6.919   1.00 22.08 ?  83  MET A SD  1 
ATOM   658  C CE  . MET A 1 84  ? 6.276   1.995   8.232   1.00 9.33  ?  83  MET A CE  1 
ATOM   659  N N   . PRO A 1 85  ? 1.150   5.715   8.654   1.00 17.37 ?  84  PRO A N   1 
ATOM   660  C CA  . PRO A 1 85  ? 0.328   6.240   7.559   1.00 13.32 ?  84  PRO A CA  1 
ATOM   661  C C   . PRO A 1 85  ? 1.038   6.063   6.225   1.00 13.60 ?  84  PRO A C   1 
ATOM   662  O O   . PRO A 1 85  ? 2.238   6.318   6.103   1.00 14.44 ?  84  PRO A O   1 
ATOM   663  C CB  . PRO A 1 85  ? 0.161   7.724   7.911   1.00 7.20  ?  84  PRO A CB  1 
ATOM   664  C CG  . PRO A 1 85  ? 0.489   7.819   9.369   1.00 7.85  ?  84  PRO A CG  1 
ATOM   665  C CD  . PRO A 1 85  ? 1.516   6.761   9.623   1.00 12.55 ?  84  PRO A CD  1 
ATOM   666  N N   . ILE A 1 86  ? 0.285   5.621   5.221   1.00 13.64 ?  85  ILE A N   1 
ATOM   667  C CA  . ILE A 1 86  ? 0.824   5.348   3.896   1.00 14.94 ?  85  ILE A CA  1 
ATOM   668  C C   . ILE A 1 86  ? -0.069  6.018   2.858   1.00 17.65 ?  85  ILE A C   1 
ATOM   669  O O   . ILE A 1 86  ? -1.287  5.802   2.848   1.00 13.00 ?  85  ILE A O   1 
ATOM   670  C CB  . ILE A 1 86  ? 0.933   3.836   3.629   1.00 16.01 ?  85  ILE A CB  1 
ATOM   671  C CG1 . ILE A 1 86  ? 1.899   3.188   4.625   1.00 8.56  ?  85  ILE A CG1 1 
ATOM   672  C CG2 . ILE A 1 86  ? 1.379   3.574   2.200   1.00 10.89 ?  85  ILE A CG2 1 
ATOM   673  C CD1 . ILE A 1 86  ? 2.066   1.706   4.439   1.00 11.41 ?  85  ILE A CD1 1 
ATOM   674  N N   . GLU A 1 87  ? 0.538   6.822   1.985   1.00 13.49 ?  86  GLU A N   1 
ATOM   675  C CA  . GLU A 1 87  ? -0.176  7.579   0.961   1.00 18.05 ?  86  GLU A CA  1 
ATOM   676  C C   . GLU A 1 87  ? 0.194   7.053   -0.422  1.00 18.24 ?  86  GLU A C   1 
ATOM   677  O O   . GLU A 1 87  ? 1.369   7.073   -0.804  1.00 19.59 ?  86  GLU A O   1 
ATOM   678  C CB  . GLU A 1 87  ? 0.147   9.068   1.056   1.00 27.44 ?  86  GLU A CB  1 
ATOM   679  C CG  . GLU A 1 87  ? -0.647  9.827   2.097   1.00 43.13 ?  86  GLU A CG  1 
ATOM   680  C CD  . GLU A 1 87  ? -0.314  11.308  2.098   1.00 53.01 ?  86  GLU A CD  1 
ATOM   681  O OE1 . GLU A 1 87  ? 0.835   11.657  1.748   1.00 39.63 ?  86  GLU A OE1 1 
ATOM   682  O OE2 . GLU A 1 87  ? -1.201  12.122  2.438   1.00 74.12 -1 86  GLU A OE2 1 
ATOM   683  N N   . VAL A 1 88  ? -0.809  6.613   -1.171  1.00 13.46 ?  87  VAL A N   1 
ATOM   684  C CA  . VAL A 1 88  ? -0.633  6.153   -2.543  1.00 18.23 ?  87  VAL A CA  1 
ATOM   685  C C   . VAL A 1 88  ? -1.177  7.239   -3.460  1.00 18.90 ?  87  VAL A C   1 
ATOM   686  O O   . VAL A 1 88  ? -2.387  7.492   -3.489  1.00 17.30 ?  87  VAL A O   1 
ATOM   687  C CB  . VAL A 1 88  ? -1.338  4.812   -2.783  1.00 14.31 ?  87  VAL A CB  1 
ATOM   688  C CG1 . VAL A 1 88  ? -1.066  4.310   -4.193  1.00 13.90 ?  87  VAL A CG1 1 
ATOM   689  C CG2 . VAL A 1 88  ? -0.896  3.793   -1.747  1.00 8.68  ?  87  VAL A CG2 1 
ATOM   690  N N   . HIS A 1 89  ? -0.288  7.887   -4.206  1.00 18.50 ?  88  HIS A N   1 
ATOM   691  C CA  . HIS A 1 89  ? -0.653  8.973   -5.105  1.00 17.67 ?  88  HIS A CA  1 
ATOM   692  C C   . HIS A 1 89  ? -0.870  8.443   -6.515  1.00 14.41 ?  88  HIS A C   1 
ATOM   693  O O   . HIS A 1 89  ? -0.112  7.594   -6.995  1.00 15.12 ?  88  HIS A O   1 
ATOM   694  C CB  . HIS A 1 89  ? 0.424   10.060  -5.118  1.00 19.05 ?  88  HIS A CB  1 
ATOM   695  C CG  . HIS A 1 89  ? 0.526   10.821  -3.835  1.00 19.52 ?  88  HIS A CG  1 
ATOM   696  N ND1 . HIS A 1 89  ? 0.155   12.143  -3.723  1.00 25.36 ?  88  HIS A ND1 1 
ATOM   697  C CD2 . HIS A 1 89  ? 0.950   10.443  -2.606  1.00 20.99 ?  88  HIS A CD2 1 
ATOM   698  C CE1 . HIS A 1 89  ? 0.354   12.550  -2.481  1.00 25.86 ?  88  HIS A CE1 1 
ATOM   699  N NE2 . HIS A 1 89  ? 0.834   11.537  -1.783  1.00 22.69 ?  88  HIS A NE2 1 
ATOM   700  N N   . PHE A 1 90  ? -1.902  8.957   -7.174  1.00 17.01 ?  89  PHE A N   1 
ATOM   701  C CA  . PHE A 1 90  ? -2.329  8.476   -8.478  1.00 17.75 ?  89  PHE A CA  1 
ATOM   702  C C   . PHE A 1 90  ? -1.814  9.376   -9.593  1.00 19.89 ?  89  PHE A C   1 
ATOM   703  O O   . PHE A 1 90  ? -1.529  10.560  -9.394  1.00 21.76 ?  89  PHE A O   1 
ATOM   704  C CB  . PHE A 1 90  ? -3.856  8.405   -8.553  1.00 14.97 ?  89  PHE A CB  1 
ATOM   705  C CG  . PHE A 1 90  ? -4.480  7.605   -7.451  1.00 10.87 ?  89  PHE A CG  1 
ATOM   706  C CD1 . PHE A 1 90  ? -3.929  6.400   -7.053  1.00 14.53 ?  89  PHE A CD1 1 
ATOM   707  C CD2 . PHE A 1 90  ? -5.613  8.068   -6.806  1.00 10.07 ?  89  PHE A CD2 1 
ATOM   708  C CE1 . PHE A 1 90  ? -4.504  5.664   -6.036  1.00 19.42 ?  89  PHE A CE1 1 
ATOM   709  C CE2 . PHE A 1 90  ? -6.191  7.338   -5.787  1.00 14.85 ?  89  PHE A CE2 1 
ATOM   710  C CZ  . PHE A 1 90  ? -5.637  6.135   -5.401  1.00 15.13 ?  89  PHE A CZ  1 
ATOM   711  N N   . LYS A 1 91  ? -1.706  8.792   -10.787 1.00 24.72 ?  90  LYS A N   1 
ATOM   712  C CA  . LYS A 1 91  ? -1.439  9.548   -12.007 1.00 22.45 ?  90  LYS A CA  1 
ATOM   713  C C   . LYS A 1 91  ? -2.765  10.120  -12.506 1.00 20.68 ?  90  LYS A C   1 
ATOM   714  O O   . LYS A 1 91  ? -3.321  9.726   -13.533 1.00 21.03 ?  90  LYS A O   1 
ATOM   715  C CB  . LYS A 1 91  ? -0.754  8.669   -13.040 1.00 15.76 ?  90  LYS A CB  1 
ATOM   716  C CG  . LYS A 1 91  ? 0.521   8.044   -12.515 1.00 11.68 ?  90  LYS A CG  1 
ATOM   717  C CD  . LYS A 1 91  ? 1.370   7.445   -13.624 1.00 11.45 ?  90  LYS A CD  1 
ATOM   718  C CE  . LYS A 1 91  ? 2.742   7.058   -13.088 1.00 9.19  ?  90  LYS A CE  1 
ATOM   719  N NZ  . LYS A 1 91  ? 3.555   6.302   -14.072 1.00 10.77 1  90  LYS A NZ  1 
ATOM   720  N N   . ASN A 1 92  ? -3.272  11.076  -11.730 1.00 26.73 ?  91  ASN A N   1 
ATOM   721  C CA  . ASN A 1 92  ? -4.626  11.592  -11.864 1.00 21.29 ?  91  ASN A CA  1 
ATOM   722  C C   . ASN A 1 92  ? -4.578  13.096  -11.658 1.00 27.79 ?  91  ASN A C   1 
ATOM   723  O O   . ASN A 1 92  ? -3.930  13.572  -10.721 1.00 41.52 ?  91  ASN A O   1 
ATOM   724  C CB  . ASN A 1 92  ? -5.550  10.930  -10.832 1.00 22.46 ?  91  ASN A CB  1 
ATOM   725  C CG  . ASN A 1 92  ? -7.013  10.998  -11.218 1.00 35.23 ?  91  ASN A CG  1 
ATOM   726  O OD1 . ASN A 1 92  ? -7.357  11.153  -12.391 1.00 41.31 ?  91  ASN A OD1 1 
ATOM   727  N ND2 . ASN A 1 92  ? -7.890  10.871  -10.226 1.00 30.40 ?  91  ASN A ND2 1 
ATOM   728  N N   . LYS A 1 93  ? -5.249  13.843  -12.532 1.00 33.13 ?  92  LYS A N   1 
ATOM   729  C CA  . LYS A 1 93  ? -5.309  15.292  -12.403 1.00 36.30 ?  92  LYS A CA  1 
ATOM   730  C C   . LYS A 1 93  ? -6.595  15.779  -11.747 1.00 41.62 ?  92  LYS A C   1 
ATOM   731  O O   . LYS A 1 93  ? -6.689  16.963  -11.408 1.00 33.89 ?  92  LYS A O   1 
ATOM   732  C CB  . LYS A 1 93  ? -5.143  15.950  -13.778 1.00 43.19 ?  92  LYS A CB  1 
ATOM   733  C CG  . LYS A 1 93  ? -3.978  15.396  -14.587 1.00 46.71 ?  92  LYS A CG  1 
ATOM   734  C CD  . LYS A 1 93  ? -3.566  16.354  -15.694 1.00 78.41 ?  92  LYS A CD  1 
ATOM   735  C CE  . LYS A 1 93  ? -2.788  15.640  -16.791 1.00 69.10 ?  92  LYS A CE  1 
ATOM   736  N NZ  . LYS A 1 93  ? -2.398  16.569  -17.887 1.00 46.03 1  92  LYS A NZ  1 
ATOM   737  N N   . GLU A 1 94  ? -7.578  14.903  -11.565 1.00 49.19 ?  93  GLU A N   1 
ATOM   738  C CA  . GLU A 1 94  ? -8.769  15.193  -10.782 1.00 41.89 ?  93  GLU A CA  1 
ATOM   739  C C   . GLU A 1 94  ? -8.671  14.521  -9.417  1.00 34.60 ?  93  GLU A C   1 
ATOM   740  O O   . GLU A 1 94  ? -7.801  13.684  -9.168  1.00 31.08 ?  93  GLU A O   1 
ATOM   741  C CB  . GLU A 1 94  ? -10.030 14.710  -11.504 1.00 46.17 ?  93  GLU A CB  1 
ATOM   742  C CG  . GLU A 1 94  ? -10.412 15.486  -12.748 1.00 58.71 ?  93  GLU A CG  1 
ATOM   743  C CD  . GLU A 1 94  ? -11.814 15.141  -13.223 1.00 73.92 ?  93  GLU A CD  1 
ATOM   744  O OE1 . GLU A 1 94  ? -12.328 14.065  -12.841 1.00 48.65 ?  93  GLU A OE1 1 
ATOM   745  O OE2 . GLU A 1 94  ? -12.407 15.950  -13.968 1.00 75.26 -1 93  GLU A OE2 1 
ATOM   746  N N   . GLU A 1 95  ? -9.586  14.894  -8.528  1.00 28.68 ?  94  GLU A N   1 
ATOM   747  C CA  . GLU A 1 95  ? -9.764  14.163  -7.279  1.00 18.60 ?  94  GLU A CA  1 
ATOM   748  C C   . GLU A 1 95  ? -10.487 12.857  -7.589  1.00 20.03 ?  94  GLU A C   1 
ATOM   749  O O   . GLU A 1 95  ? -11.352 12.827  -8.462  1.00 20.92 ?  94  GLU A O   1 
ATOM   750  C CB  . GLU A 1 95  ? -10.552 14.985  -6.259  1.00 13.47 ?  94  GLU A CB  1 
ATOM   751  C CG  . GLU A 1 95  ? -9.806  16.182  -5.704  1.00 20.64 ?  94  GLU A CG  1 
ATOM   752  C CD  . GLU A 1 95  ? -8.654  15.789  -4.796  1.00 34.23 ?  94  GLU A CD  1 
ATOM   753  O OE1 . GLU A 1 95  ? -7.760  16.632  -4.571  1.00 25.46 ?  94  GLU A OE1 1 
ATOM   754  O OE2 . GLU A 1 95  ? -8.645  14.638  -4.308  1.00 36.32 -1 94  GLU A OE2 1 
ATOM   755  N N   . PRO A 1 96  ? -10.140 11.772  -6.879  1.00 21.41 ?  95  PRO A N   1 
ATOM   756  C CA  . PRO A 1 96  ? -9.121  11.705  -5.825  1.00 17.21 ?  95  PRO A CA  1 
ATOM   757  C C   . PRO A 1 96  ? -7.696  11.649  -6.364  1.00 18.08 ?  95  PRO A C   1 
ATOM   758  O O   . PRO A 1 96  ? -7.401  10.861  -7.267  1.00 24.15 ?  95  PRO A O   1 
ATOM   759  C CB  . PRO A 1 96  ? -9.469  10.410  -5.091  1.00 16.83 ?  95  PRO A CB  1 
ATOM   760  C CG  . PRO A 1 96  ? -10.096 9.557   -6.131  1.00 15.00 ?  95  PRO A CG  1 
ATOM   761  C CD  . PRO A 1 96  ? -10.853 10.492  -7.035  1.00 13.50 ?  95  PRO A CD  1 
ATOM   762  N N   . ARG A 1 97  ? -6.826  12.498  -5.817  1.00 16.84 ?  96  ARG A N   1 
ATOM   763  C CA  . ARG A 1 97  ? -5.420  12.500  -6.198  1.00 13.83 ?  96  ARG A CA  1 
ATOM   764  C C   . ARG A 1 97  ? -4.634  11.392  -5.518  1.00 14.90 ?  96  ARG A C   1 
ATOM   765  O O   . ARG A 1 97  ? -3.587  10.983  -6.031  1.00 17.57 ?  96  ARG A O   1 
ATOM   766  C CB  . ARG A 1 97  ? -4.779  13.843  -5.849  1.00 11.81 ?  96  ARG A CB  1 
ATOM   767  C CG  . ARG A 1 97  ? -5.521  15.058  -6.368  1.00 19.56 ?  96  ARG A CG  1 
ATOM   768  C CD  . ARG A 1 97  ? -5.373  15.178  -7.868  1.00 38.34 ?  96  ARG A CD  1 
ATOM   769  N NE  . ARG A 1 97  ? -3.996  14.943  -8.288  1.00 42.60 ?  96  ARG A NE  1 
ATOM   770  C CZ  . ARG A 1 97  ? -3.116  15.905  -8.548  1.00 41.88 ?  96  ARG A CZ  1 
ATOM   771  N NH1 . ARG A 1 97  ? -1.882  15.588  -8.921  1.00 27.34 1  96  ARG A NH1 1 
ATOM   772  N NH2 . ARG A 1 97  ? -3.470  17.181  -8.442  1.00 35.13 ?  96  ARG A NH2 1 
ATOM   773  N N   . LYS A 1 98  ? -5.113  10.909  -4.377  1.00 17.50 ?  97  LYS A N   1 
ATOM   774  C CA  . LYS A 1 98  ? -4.360  9.972   -3.561  1.00 14.81 ?  97  LYS A CA  1 
ATOM   775  C C   . LYS A 1 98  ? -5.335  9.154   -2.731  1.00 15.89 ?  97  LYS A C   1 
ATOM   776  O O   . LYS A 1 98  ? -6.537  9.429   -2.691  1.00 17.46 ?  97  LYS A O   1 
ATOM   777  C CB  . LYS A 1 98  ? -3.370  10.706  -2.657  1.00 15.05 ?  97  LYS A CB  1 
ATOM   778  C CG  . LYS A 1 98  ? -4.047  11.625  -1.658  1.00 17.57 ?  97  LYS A CG  1 
ATOM   779  C CD  . LYS A 1 98  ? -3.059  12.617  -1.077  1.00 28.50 ?  97  LYS A CD  1 
ATOM   780  C CE  . LYS A 1 98  ? -3.583  13.226  0.208   1.00 23.66 ?  97  LYS A CE  1 
ATOM   781  N NZ  . LYS A 1 98  ? -2.478  13.829  0.999   1.00 29.01 1  97  LYS A NZ  1 
ATOM   782  N N   . VAL A 1 99  ? -4.801  8.134   -2.068  1.00 19.15 ?  98  VAL A N   1 
ATOM   783  C CA  . VAL A 1 99  ? -5.552  7.349   -1.097  1.00 23.63 ?  98  VAL A CA  1 
ATOM   784  C C   . VAL A 1 99  ? -4.642  7.097   0.096   1.00 22.07 ?  98  VAL A C   1 
ATOM   785  O O   . VAL A 1 99  ? -3.448  6.822   -0.064  1.00 23.15 ?  98  VAL A O   1 
ATOM   786  C CB  . VAL A 1 99  ? -6.086  6.031   -1.703  1.00 15.05 ?  98  VAL A CB  1 
ATOM   787  C CG1 . VAL A 1 99  ? -4.951  5.128   -2.149  1.00 12.67 ?  98  VAL A CG1 1 
ATOM   788  C CG2 . VAL A 1 99  ? -6.978  5.317   -0.706  1.00 11.95 ?  98  VAL A CG2 1 
ATOM   789  N N   . CYS A 1 100 ? -5.199  7.218   1.294   1.00 17.45 ?  99  CYS A N   1 
ATOM   790  C CA  . CYS A 1 100 ? -4.434  7.111   2.527   1.00 23.26 ?  99  CYS A CA  1 
ATOM   791  C C   . CYS A 1 100 ? -4.816  5.830   3.254   1.00 15.14 ?  99  CYS A C   1 
ATOM   792  O O   . CYS A 1 100 ? -6.004  5.534   3.423   1.00 15.12 ?  99  CYS A O   1 
ATOM   793  C CB  . CYS A 1 100 ? -4.676  8.326   3.427   1.00 33.38 ?  99  CYS A CB  1 
ATOM   794  S SG  . CYS A 1 100 ? -4.434  9.921   2.599   1.00 55.65 ?  99  CYS A SG  1 
ATOM   795  N N   . PHE A 1 101 ? -3.807  5.070   3.665   1.00 12.84 ?  100 PHE A N   1 
ATOM   796  C CA  . PHE A 1 101 ? -3.983  3.917   4.529   1.00 11.13 ?  100 PHE A CA  1 
ATOM   797  C C   . PHE A 1 101 ? -3.242  4.162   5.836   1.00 18.11 ?  100 PHE A C   1 
ATOM   798  O O   . PHE A 1 101 ? -2.358  5.019   5.924   1.00 16.67 ?  100 PHE A O   1 
ATOM   799  C CB  . PHE A 1 101 ? -3.460  2.625   3.879   1.00 8.24  ?  100 PHE A CB  1 
ATOM   800  C CG  . PHE A 1 101 ? -3.962  2.395   2.482   1.00 19.05 ?  100 PHE A CG  1 
ATOM   801  C CD1 . PHE A 1 101 ? -5.156  1.731   2.255   1.00 15.59 ?  100 PHE A CD1 1 
ATOM   802  C CD2 . PHE A 1 101 ? -3.230  2.836   1.392   1.00 26.14 ?  100 PHE A CD2 1 
ATOM   803  C CE1 . PHE A 1 101 ? -5.615  1.522   0.964   1.00 15.55 ?  100 PHE A CE1 1 
ATOM   804  C CE2 . PHE A 1 101 ? -3.682  2.630   0.104   1.00 14.61 ?  100 PHE A CE2 1 
ATOM   805  C CZ  . PHE A 1 101 ? -4.875  1.971   -0.111  1.00 12.44 ?  100 PHE A CZ  1 
ATOM   806  N N   . THR A 1 102 ? -3.624  3.408   6.860   1.00 8.59  ?  101 THR A N   1 
ATOM   807  C CA  . THR A 1 102 ? -2.876  3.341   8.107   1.00 16.50 ?  101 THR A CA  1 
ATOM   808  C C   . THR A 1 102 ? -2.470  1.890   8.303   1.00 10.65 ?  101 THR A C   1 
ATOM   809  O O   . THR A 1 102 ? -3.330  1.007   8.384   1.00 11.52 ?  101 THR A O   1 
ATOM   810  C CB  . THR A 1 102 ? -3.699  3.858   9.291   1.00 20.02 ?  101 THR A CB  1 
ATOM   811  O OG1 . THR A 1 102 ? -4.862  3.040   9.465   1.00 34.08 ?  101 THR A OG1 1 
ATOM   812  C CG2 . THR A 1 102 ? -4.133  5.300   9.048   1.00 16.97 ?  101 THR A CG2 1 
ATOM   813  N N   . TYR A 1 103 ? -1.167  1.642   8.346   1.00 11.08 ?  102 TYR A N   1 
ATOM   814  C CA  . TYR A 1 103 ? -0.629  0.292   8.393   1.00 14.11 ?  102 TYR A CA  1 
ATOM   815  C C   . TYR A 1 103 ? -0.006  0.030   9.755   1.00 13.48 ?  102 TYR A C   1 
ATOM   816  O O   . TYR A 1 103 ? 0.732   0.874   10.278  1.00 11.43 ?  102 TYR A O   1 
ATOM   817  C CB  . TYR A 1 103 ? 0.403   0.080   7.285   1.00 18.51 ?  102 TYR A CB  1 
ATOM   818  C CG  . TYR A 1 103 ? 0.796   -1.361  7.121   1.00 13.02 ?  102 TYR A CG  1 
ATOM   819  C CD1 . TYR A 1 103 ? 1.904   -1.875  7.774   1.00 10.66 ?  102 TYR A CD1 1 
ATOM   820  C CD2 . TYR A 1 103 ? 0.044   -2.214  6.328   1.00 13.91 ?  102 TYR A CD2 1 
ATOM   821  C CE1 . TYR A 1 103 ? 2.258   -3.192  7.633   1.00 13.53 ?  102 TYR A CE1 1 
ATOM   822  C CE2 . TYR A 1 103 ? 0.391   -3.535  6.179   1.00 14.60 ?  102 TYR A CE2 1 
ATOM   823  C CZ  . TYR A 1 103 ? 1.496   -4.022  6.838   1.00 16.48 ?  102 TYR A CZ  1 
ATOM   824  O OH  . TYR A 1 103 ? 1.846   -5.343  6.695   1.00 19.01 ?  102 TYR A OH  1 
ATOM   825  N N   . ASP A 1 104 ? -0.300  -1.139  10.321  1.00 10.90 ?  103 ASP A N   1 
ATOM   826  C CA  . ASP A 1 104 ? 0.279   -1.556  11.595  1.00 17.17 ?  103 ASP A CA  1 
ATOM   827  C C   . ASP A 1 104 ? 1.576   -2.299  11.308  1.00 14.96 ?  103 ASP A C   1 
ATOM   828  O O   . ASP A 1 104 ? 1.565   -3.480  10.956  1.00 14.68 ?  103 ASP A O   1 
ATOM   829  C CB  . ASP A 1 104 ? -0.702  -2.424  12.376  1.00 16.28 ?  103 ASP A CB  1 
ATOM   830  C CG  . ASP A 1 104 ? -0.111  -2.944  13.671  1.00 17.53 ?  103 ASP A CG  1 
ATOM   831  O OD1 . ASP A 1 104 ? 0.884   -2.361  14.149  1.00 17.32 ?  103 ASP A OD1 1 
ATOM   832  O OD2 . ASP A 1 104 ? -0.647  -3.930  14.219  1.00 20.43 -1 103 ASP A OD2 1 
ATOM   833  N N   . LEU A 1 105 ? 2.701   -1.606  11.461  1.00 12.67 ?  104 LEU A N   1 
ATOM   834  C CA  . LEU A 1 105 ? 4.009   -2.234  11.304  1.00 22.20 ?  104 LEU A CA  1 
ATOM   835  C C   . LEU A 1 105 ? 4.399   -2.825  12.652  1.00 17.57 ?  104 LEU A C   1 
ATOM   836  O O   . LEU A 1 105 ? 5.029   -2.171  13.482  1.00 15.21 ?  104 LEU A O   1 
ATOM   837  C CB  . LEU A 1 105 ? 5.042   -1.234  10.806  1.00 12.74 ?  104 LEU A CB  1 
ATOM   838  C CG  . LEU A 1 105 ? 6.364   -1.890  10.405  1.00 11.47 ?  104 LEU A CG  1 
ATOM   839  C CD1 . LEU A 1 105 ? 6.790   -1.371  9.053   1.00 16.34 ?  104 LEU A CD1 1 
ATOM   840  C CD2 . LEU A 1 105 ? 7.449   -1.663  11.447  1.00 16.46 ?  104 LEU A CD2 1 
ATOM   841  N N   . PHE A 1 106 ? 4.011   -4.075  12.874  1.00 14.19 ?  105 PHE A N   1 
ATOM   842  C CA  . PHE A 1 106 ? 4.287   -4.761  14.125  1.00 13.88 ?  105 PHE A CA  1 
ATOM   843  C C   . PHE A 1 106 ? 5.477   -5.699  13.963  1.00 19.30 ?  105 PHE A C   1 
ATOM   844  O O   . PHE A 1 106 ? 5.776   -6.171  12.863  1.00 19.40 ?  105 PHE A O   1 
ATOM   845  C CB  . PHE A 1 106 ? 3.064   -5.546  14.610  1.00 11.15 ?  105 PHE A CB  1 
ATOM   846  C CG  . PHE A 1 106 ? 2.598   -6.606  13.651  1.00 18.20 ?  105 PHE A CG  1 
ATOM   847  C CD1 . PHE A 1 106 ? 1.662   -6.311  12.672  1.00 18.62 ?  105 PHE A CD1 1 
ATOM   848  C CD2 . PHE A 1 106 ? 3.087   -7.901  13.733  1.00 17.12 ?  105 PHE A CD2 1 
ATOM   849  C CE1 . PHE A 1 106 ? 1.226   -7.281  11.792  1.00 12.39 ?  105 PHE A CE1 1 
ATOM   850  C CE2 . PHE A 1 106 ? 2.658   -8.876  12.853  1.00 14.57 ?  105 PHE A CE2 1 
ATOM   851  C CZ  . PHE A 1 106 ? 1.726   -8.566  11.881  1.00 15.23 ?  105 PHE A CZ  1 
ATOM   852  N N   . LEU A 1 107 ? 6.152   -5.963  15.076  1.00 14.38 ?  106 LEU A N   1 
ATOM   853  C CA  . LEU A 1 107 ? 7.320   -6.829  15.107  1.00 14.30 ?  106 LEU A CA  1 
ATOM   854  C C   . LEU A 1 107 ? 7.005   -8.097  15.891  1.00 14.45 ?  106 LEU A C   1 
ATOM   855  O O   . LEU A 1 107 ? 6.078   -8.138  16.705  1.00 24.82 ?  106 LEU A O   1 
ATOM   856  C CB  . LEU A 1 107 ? 8.520   -6.105  15.725  1.00 14.81 ?  106 LEU A CB  1 
ATOM   857  C CG  . LEU A 1 107 ? 8.758   -4.684  15.208  1.00 12.71 ?  106 LEU A CG  1 
ATOM   858  C CD1 . LEU A 1 107 ? 9.900   -4.009  15.952  1.00 14.23 ?  106 LEU A CD1 1 
ATOM   859  C CD2 . LEU A 1 107 ? 9.023   -4.696  13.709  1.00 15.37 ?  106 LEU A CD2 1 
ATOM   860  N N   . ASN A 1 108 ? 7.792   -9.138  15.638  1.00 22.11 ?  107 ASN A N   1 
ATOM   861  C CA  . ASN A 1 108 ? 7.558   -10.439 16.248  1.00 22.56 ?  107 ASN A CA  1 
ATOM   862  C C   . ASN A 1 108 ? 8.318   -10.577 17.564  1.00 25.18 ?  107 ASN A C   1 
ATOM   863  O O   . ASN A 1 108 ? 9.369   -9.964  17.768  1.00 22.36 ?  107 ASN A O   1 
ATOM   864  C CB  . ASN A 1 108 ? 7.967   -11.567 15.296  1.00 25.19 ?  107 ASN A CB  1 
ATOM   865  C CG  . ASN A 1 108 ? 9.370   -11.387 14.744  1.00 26.79 ?  107 ASN A CG  1 
ATOM   866  O OD1 . ASN A 1 108 ? 9.740   -10.302 14.294  1.00 24.86 ?  107 ASN A OD1 1 
ATOM   867  N ND2 . ASN A 1 108 ? 10.162  -12.452 14.785  1.00 21.77 ?  107 ASN A ND2 1 
ATOM   868  N N   . LEU A 1 109 ? 7.770   -11.400 18.454  1.00 39.75 ?  108 LEU A N   1 
ATOM   869  C CA  . LEU A 1 109 ? 8.413   -11.707 19.720  1.00 35.62 ?  108 LEU A CA  1 
ATOM   870  C C   . LEU A 1 109 ? 9.440   -12.822 19.540  1.00 37.64 ?  108 LEU A C   1 
ATOM   871  O O   . LEU A 1 109 ? 9.371   -13.622 18.600  1.00 35.84 ?  108 LEU A O   1 
ATOM   872  C CB  . LEU A 1 109 ? 7.381   -12.137 20.763  1.00 36.31 ?  108 LEU A CB  1 
ATOM   873  C CG  . LEU A 1 109 ? 6.211   -11.207 21.087  1.00 36.61 ?  108 LEU A CG  1 
ATOM   874  C CD1 . LEU A 1 109 ? 5.116   -11.977 21.808  1.00 15.13 ?  108 LEU A CD1 1 
ATOM   875  C CD2 . LEU A 1 109 ? 6.686   -10.032 21.926  1.00 31.59 ?  108 LEU A CD2 1 
ATOM   876  N N   . GLU A 1 110 ? 10.395  -12.877 20.464  1.00 34.26 ?  109 GLU A N   1 
ATOM   877  C CA  . GLU A 1 110 ? 11.365  -13.964 20.462  1.00 33.22 ?  109 GLU A CA  1 
ATOM   878  C C   . GLU A 1 110 ? 10.647  -15.289 20.677  1.00 38.90 ?  109 GLU A C   1 
ATOM   879  O O   . GLU A 1 110 ? 9.937   -15.470 21.670  1.00 45.07 ?  109 GLU A O   1 
ATOM   880  C CB  . GLU A 1 110 ? 12.422  -13.740 21.542  1.00 37.05 ?  109 GLU A CB  1 
ATOM   881  C CG  . GLU A 1 110 ? 13.493  -14.817 21.582  1.00 54.00 ?  109 GLU A CG  1 
ATOM   882  C CD  . GLU A 1 110 ? 14.731  -14.389 22.345  1.00 65.23 ?  109 GLU A CD  1 
ATOM   883  O OE1 . GLU A 1 110 ? 14.707  -13.303 22.965  1.00 78.81 ?  109 GLU A OE1 1 
ATOM   884  O OE2 . GLU A 1 110 ? 15.730  -15.139 22.324  1.00 59.03 -1 109 GLU A OE2 1 
ATOM   885  N N   . GLY A 1 111 ? 10.823  -16.213 19.736  1.00 30.36 ?  110 GLY A N   1 
ATOM   886  C CA  . GLY A 1 111 ? 10.110  -17.470 19.729  1.00 24.54 ?  110 GLY A CA  1 
ATOM   887  C C   . GLY A 1 111 ? 9.055   -17.576 18.650  1.00 35.50 ?  110 GLY A C   1 
ATOM   888  O O   . GLY A 1 111 ? 8.624   -18.692 18.330  1.00 38.22 ?  110 GLY A O   1 
ATOM   889  N N   . ASN A 1 112 ? 8.623   -16.447 18.081  1.00 36.82 ?  111 ASN A N   1 
ATOM   890  C CA  . ASN A 1 112 ? 7.691   -16.525 16.972  1.00 33.76 ?  111 ASN A CA  1 
ATOM   891  C C   . ASN A 1 112 ? 8.420   -16.304 15.652  1.00 25.26 ?  111 ASN A C   1 
ATOM   892  O O   . ASN A 1 112 ? 9.421   -15.582 15.600  1.00 29.14 ?  111 ASN A O   1 
ATOM   893  C CB  . ASN A 1 112 ? 6.576   -15.485 17.129  1.00 44.85 ?  111 ASN A CB  1 
ATOM   894  C CG  . ASN A 1 112 ? 5.697   -15.756 18.335  1.00 48.40 ?  111 ASN A CG  1 
ATOM   895  O OD1 . ASN A 1 112 ? 5.439   -14.864 19.143  1.00 42.29 ?  111 ASN A OD1 1 
ATOM   896  N ND2 . ASN A 1 112 ? 5.236   -16.997 18.465  1.00 38.32 ?  111 ASN A ND2 1 
ATOM   897  N N   . PRO A 1 113 ? 7.947   -16.918 14.569  1.00 31.32 ?  112 PRO A N   1 
ATOM   898  C CA  . PRO A 1 113 ? 8.637   -16.794 13.278  1.00 29.95 ?  112 PRO A CA  1 
ATOM   899  C C   . PRO A 1 113 ? 8.649   -15.354 12.797  1.00 28.80 ?  112 PRO A C   1 
ATOM   900  O O   . PRO A 1 113 ? 7.892   -14.514 13.307  1.00 23.85 ?  112 PRO A O   1 
ATOM   901  C CB  . PRO A 1 113 ? 7.804   -17.689 12.346  1.00 29.70 ?  112 PRO A CB  1 
ATOM   902  C CG  . PRO A 1 113 ? 6.466   -17.792 13.006  1.00 22.85 ?  112 PRO A CG  1 
ATOM   903  C CD  . PRO A 1 113 ? 6.754   -17.777 14.478  1.00 24.24 ?  112 PRO A CD  1 
ATOM   904  N N   . PRO A 1 114 ? 9.507   -15.023 11.830  1.00 32.05 ?  113 PRO A N   1 
ATOM   905  C CA  . PRO A 1 114 ? 9.515   -13.660 11.286  1.00 22.96 ?  113 PRO A CA  1 
ATOM   906  C C   . PRO A 1 114 ? 8.153   -13.277 10.725  1.00 18.50 ?  113 PRO A C   1 
ATOM   907  O O   . PRO A 1 114 ? 7.344   -14.123 10.338  1.00 20.98 ?  113 PRO A O   1 
ATOM   908  C CB  . PRO A 1 114 ? 10.579  -13.722 10.179  1.00 15.36 ?  113 PRO A CB  1 
ATOM   909  C CG  . PRO A 1 114 ? 10.784  -15.182 9.907   1.00 14.89 ?  113 PRO A CG  1 
ATOM   910  C CD  . PRO A 1 114 ? 10.544  -15.865 11.211  1.00 25.46 ?  113 PRO A CD  1 
ATOM   911  N N   . VAL A 1 115 ? 7.903   -11.975 10.694  1.00 20.79 ?  114 VAL A N   1 
ATOM   912  C CA  . VAL A 1 115 ? 6.641   -11.458 10.182  1.00 18.84 ?  114 VAL A CA  1 
ATOM   913  C C   . VAL A 1 115 ? 6.669   -11.466 8.661   1.00 17.23 ?  114 VAL A C   1 
ATOM   914  O O   . VAL A 1 115 ? 7.674   -11.103 8.037   1.00 19.24 ?  114 VAL A O   1 
ATOM   915  C CB  . VAL A 1 115 ? 6.378   -10.043 10.727  1.00 18.71 ?  114 VAL A CB  1 
ATOM   916  C CG1 . VAL A 1 115 ? 5.021   -9.535  10.262  1.00 9.63  ?  114 VAL A CG1 1 
ATOM   917  C CG2 . VAL A 1 115 ? 6.474   -10.028 12.245  1.00 17.87 ?  114 VAL A CG2 1 
ATOM   918  N N   . ASN A 1 116 ? 5.561   -11.904 8.056   1.00 12.97 ?  115 ASN A N   1 
ATOM   919  C CA  . ASN A 1 116 ? 5.336   -11.789 6.614   1.00 18.94 ?  115 ASN A CA  1 
ATOM   920  C C   . ASN A 1 116 ? 3.840   -11.522 6.445   1.00 17.01 ?  115 ASN A C   1 
ATOM   921  O O   . ASN A 1 116 ? 3.051   -12.414 6.125   1.00 18.06 ?  115 ASN A O   1 
ATOM   922  C CB  . ASN A 1 116 ? 5.789   -13.036 5.858   1.00 17.83 ?  115 ASN A CB  1 
ATOM   923  C CG  . ASN A 1 116 ? 5.609   -12.903 4.359   1.00 16.72 ?  115 ASN A CG  1 
ATOM   924  O OD1 . ASN A 1 116 ? 5.364   -11.809 3.843   1.00 20.14 ?  115 ASN A OD1 1 
ATOM   925  N ND2 . ASN A 1 116 ? 5.738   -14.017 3.647   1.00 21.18 ?  115 ASN A ND2 1 
ATOM   926  N N   . HIS A 1 117 ? 3.451   -10.275 6.680   1.00 12.09 ?  116 HIS A N   1 
ATOM   927  C CA  . HIS A 1 117 ? 2.053   -9.876  6.681   1.00 16.54 ?  116 HIS A CA  1 
ATOM   928  C C   . HIS A 1 117 ? 1.702   -9.209  5.360   1.00 18.33 ?  116 HIS A C   1 
ATOM   929  O O   . HIS A 1 117 ? 2.513   -8.479  4.786   1.00 19.62 ?  116 HIS A O   1 
ATOM   930  C CB  . HIS A 1 117 ? 1.766   -8.923  7.841   1.00 13.93 ?  116 HIS A CB  1 
ATOM   931  C CG  . HIS A 1 117 ? 0.311   -8.665  8.066   1.00 10.22 ?  116 HIS A CG  1 
ATOM   932  N ND1 . HIS A 1 117 ? -0.275  -7.441  7.824   1.00 15.46 ?  116 HIS A ND1 1 
ATOM   933  C CD2 . HIS A 1 117 ? -0.679  -9.474  8.514   1.00 16.83 ?  116 HIS A CD2 1 
ATOM   934  C CE1 . HIS A 1 117 ? -1.563  -7.508  8.110   1.00 16.83 ?  116 HIS A CE1 1 
ATOM   935  N NE2 . HIS A 1 117 ? -1.833  -8.731  8.532   1.00 19.25 ?  116 HIS A NE2 1 
ATOM   936  N N   . LEU A 1 118 ? 0.486   -9.463  4.882   1.00 16.54 ?  117 LEU A N   1 
ATOM   937  C CA  . LEU A 1 118 ? 0.038   -8.930  3.605   1.00 14.49 ?  117 LEU A CA  1 
ATOM   938  C C   . LEU A 1 118 ? -1.410  -8.479  3.718   1.00 15.23 ?  117 LEU A C   1 
ATOM   939  O O   . LEU A 1 118 ? -2.225  -9.135  4.375   1.00 17.37 ?  117 LEU A O   1 
ATOM   940  C CB  . LEU A 1 118 ? 0.183   -9.974  2.487   1.00 16.71 ?  117 LEU A CB  1 
ATOM   941  C CG  . LEU A 1 118 ? -0.006  -9.482  1.049   1.00 20.13 ?  117 LEU A CG  1 
ATOM   942  C CD1 . LEU A 1 118 ? 1.029   -8.417  0.712   1.00 15.28 ?  117 LEU A CD1 1 
ATOM   943  C CD2 . LEU A 1 118 ? 0.070   -10.636 0.060   1.00 13.67 ?  117 LEU A CD2 1 
ATOM   944  N N   . ARG A 1 119 ? -1.721  -7.353  3.079   1.00 16.80 ?  118 ARG A N   1 
ATOM   945  C CA  . ARG A 1 119 ? -3.077  -6.825  3.010   1.00 20.35 ?  118 ARG A CA  1 
ATOM   946  C C   . ARG A 1 119 ? -3.455  -6.600  1.554   1.00 21.38 ?  118 ARG A C   1 
ATOM   947  O O   . ARG A 1 119 ? -2.613  -6.210  0.741   1.00 20.78 ?  118 ARG A O   1 
ATOM   948  C CB  . ARG A 1 119 ? -3.210  -5.505  3.783   1.00 17.89 ?  118 ARG A CB  1 
ATOM   949  C CG  . ARG A 1 119 ? -3.111  -5.638  5.291   1.00 24.57 ?  118 ARG A CG  1 
ATOM   950  C CD  . ARG A 1 119 ? -3.136  -4.269  5.958   1.00 18.93 ?  118 ARG A CD  1 
ATOM   951  N NE  . ARG A 1 119 ? -4.281  -3.468  5.528   1.00 23.75 ?  118 ARG A NE  1 
ATOM   952  C CZ  . ARG A 1 119 ? -4.507  -2.215  5.911   1.00 24.55 ?  118 ARG A CZ  1 
ATOM   953  N NH1 . ARG A 1 119 ? -3.669  -1.604  6.739   1.00 13.72 1  118 ARG A NH1 1 
ATOM   954  N NH2 . ARG A 1 119 ? -5.576  -1.568  5.465   1.00 16.36 ?  118 ARG A NH2 1 
ATOM   955  N N   . CYS A 1 120 ? -4.721  -6.853  1.229   1.00 18.77 ?  119 CYS A N   1 
ATOM   956  C CA  . CYS A 1 120 ? -5.268  -6.567  -0.091  1.00 17.48 ?  119 CYS A CA  1 
ATOM   957  C C   . CYS A 1 120 ? -6.348  -5.504  0.047   1.00 17.90 ?  119 CYS A C   1 
ATOM   958  O O   . CYS A 1 120 ? -7.253  -5.636  0.876   1.00 21.71 ?  119 CYS A O   1 
ATOM   959  C CB  . CYS A 1 120 ? -5.842  -7.824  -0.749  1.00 24.86 ?  119 CYS A CB  1 
ATOM   960  S SG  . CYS A 1 120 ? -6.281  -7.607  -2.503  1.00 23.25 ?  119 CYS A SG  1 
ATOM   961  N N   . GLU A 1 121 ? -6.244  -4.453  -0.763  1.00 14.10 ?  120 GLU A N   1 
ATOM   962  C CA  . GLU A 1 121 ? -7.170  -3.331  -0.724  1.00 22.22 ?  120 GLU A CA  1 
ATOM   963  C C   . GLU A 1 121 ? -7.748  -3.128  -2.111  1.00 16.92 ?  120 GLU A C   1 
ATOM   964  O O   . GLU A 1 121 ? -7.004  -3.109  -3.096  1.00 16.29 ?  120 GLU A O   1 
ATOM   965  C CB  . GLU A 1 121 ? -6.467  -2.050  -0.256  1.00 18.15 ?  120 GLU A CB  1 
ATOM   966  C CG  . GLU A 1 121 ? -5.872  -2.137  1.133   1.00 20.14 ?  120 GLU A CG  1 
ATOM   967  C CD  . GLU A 1 121 ? -6.929  -2.299  2.204   1.00 22.32 ?  120 GLU A CD  1 
ATOM   968  O OE1 . GLU A 1 121 ? -8.053  -1.792  2.009   1.00 23.03 ?  120 GLU A OE1 1 
ATOM   969  O OE2 . GLU A 1 121 ? -6.643  -2.938  3.238   1.00 30.84 -1 120 GLU A OE2 1 
ATOM   970  N N   . LYS A 1 122 ? -9.064  -2.967  -2.197  1.00 16.29 ?  121 LYS A N   1 
ATOM   971  C CA  . LYS A 1 122 ? -9.721  -2.676  -3.462  1.00 20.47 ?  121 LYS A CA  1 
ATOM   972  C C   . LYS A 1 122 ? -10.193 -1.230  -3.480  1.00 20.64 ?  121 LYS A C   1 
ATOM   973  O O   . LYS A 1 122 ? -10.925 -0.797  -2.584  1.00 15.55 ?  121 LYS A O   1 
ATOM   974  C CB  . LYS A 1 122 ? -10.903 -3.608  -3.725  1.00 13.74 ?  121 LYS A CB  1 
ATOM   975  C CG  . LYS A 1 122 ? -11.412 -3.472  -5.152  1.00 19.70 ?  121 LYS A CG  1 
ATOM   976  C CD  . LYS A 1 122 ? -12.689 -4.248  -5.373  1.00 21.62 ?  121 LYS A CD  1 
ATOM   977  C CE  . LYS A 1 122 ? -13.778 -3.779  -4.434  1.00 26.37 ?  121 LYS A CE  1 
ATOM   978  N NZ  . LYS A 1 122 ? -14.603 -2.672  -4.998  1.00 38.33 1  121 LYS A NZ  1 
ATOM   979  N N   . LEU A 1 123 ? -9.788  -0.500  -4.512  1.00 13.98 ?  122 LEU A N   1 
ATOM   980  C CA  . LEU A 1 123 ? -10.200 0.876   -4.714  1.00 14.22 ?  122 LEU A CA  1 
ATOM   981  C C   . LEU A 1 123 ? -11.346 0.916   -5.714  1.00 11.52 ?  122 LEU A C   1 
ATOM   982  O O   . LEU A 1 123 ? -11.352 0.169   -6.696  1.00 14.83 ?  122 LEU A O   1 
ATOM   983  C CB  . LEU A 1 123 ? -9.032  1.725   -5.218  1.00 11.77 ?  122 LEU A CB  1 
ATOM   984  C CG  . LEU A 1 123 ? -7.717  1.557   -4.458  1.00 13.65 ?  122 LEU A CG  1 
ATOM   985  C CD1 . LEU A 1 123 ? -6.654  2.502   -4.999  1.00 18.06 ?  122 LEU A CD1 1 
ATOM   986  C CD2 . LEU A 1 123 ? -7.931  1.784   -2.974  1.00 21.58 ?  122 LEU A CD2 1 
ATOM   987  N N   . THR A 1 124 ? -12.319 1.781   -5.451  1.00 7.44  ?  123 THR A N   1 
ATOM   988  C CA  . THR A 1 124 ? -13.439 1.992   -6.355  1.00 10.35 ?  123 THR A CA  1 
ATOM   989  C C   . THR A 1 124 ? -13.499 3.465   -6.724  1.00 17.53 ?  123 THR A C   1 
ATOM   990  O O   . THR A 1 124 ? -13.528 4.331   -5.842  1.00 19.85 ?  123 THR A O   1 
ATOM   991  C CB  . THR A 1 124 ? -14.760 1.548   -5.726  1.00 11.60 ?  123 THR A CB  1 
ATOM   992  O OG1 . THR A 1 124 ? -14.657 0.185   -5.296  1.00 13.63 ?  123 THR A OG1 1 
ATOM   993  C CG2 . THR A 1 124 ? -15.885 1.663   -6.733  1.00 16.50 ?  123 THR A CG2 1 
ATOM   994  N N   . PHE A 1 125 ? -13.503 3.744   -8.021  1.00 14.05 ?  124 PHE A N   1 
ATOM   995  C CA  . PHE A 1 125 ? -13.601 5.102   -8.534  1.00 14.09 ?  124 PHE A CA  1 
ATOM   996  C C   . PHE A 1 125 ? -14.896 5.233   -9.321  1.00 20.29 ?  124 PHE A C   1 
ATOM   997  O O   . PHE A 1 125 ? -15.227 4.349   -10.118 1.00 22.50 ?  124 PHE A O   1 
ATOM   998  C CB  . PHE A 1 125 ? -12.408 5.446   -9.433  1.00 14.27 ?  124 PHE A CB  1 
ATOM   999  C CG  . PHE A 1 125 ? -11.073 5.328   -8.751  1.00 18.78 ?  124 PHE A CG  1 
ATOM   1000 C CD1 . PHE A 1 125 ? -10.391 4.121   -8.731  1.00 12.42 ?  124 PHE A CD1 1 
ATOM   1001 C CD2 . PHE A 1 125 ? -10.496 6.428   -8.140  1.00 17.48 ?  124 PHE A CD2 1 
ATOM   1002 C CE1 . PHE A 1 125 ? -9.162  4.016   -8.110  1.00 15.64 ?  124 PHE A CE1 1 
ATOM   1003 C CE2 . PHE A 1 125 ? -9.267  6.329   -7.520  1.00 10.25 ?  124 PHE A CE2 1 
ATOM   1004 C CZ  . PHE A 1 125 ? -8.599  5.122   -7.503  1.00 14.04 ?  124 PHE A CZ  1 
ATOM   1005 N N   . ASN A 1 126 ? -15.628 6.316   -9.091  1.00 21.14 ?  125 ASN A N   1 
ATOM   1006 C CA  . ASN A 1 126 ? -16.851 6.603   -9.831  1.00 23.54 ?  125 ASN A CA  1 
ATOM   1007 C C   . ASN A 1 126 ? -16.538 7.599   -10.944 1.00 26.04 ?  125 ASN A C   1 
ATOM   1008 O O   . ASN A 1 126 ? -16.119 8.730   -10.663 1.00 29.27 ?  125 ASN A O   1 
ATOM   1009 C CB  . ASN A 1 126 ? -17.936 7.160   -8.920  1.00 21.44 ?  125 ASN A CB  1 
ATOM   1010 C CG  . ASN A 1 126 ? -19.120 7.711   -9.693  1.00 31.12 ?  125 ASN A CG  1 
ATOM   1011 O OD1 . ASN A 1 126 ? -19.201 8.911   -9.959  1.00 30.28 ?  125 ASN A OD1 1 
ATOM   1012 N ND2 . ASN A 1 126 ? -20.034 6.829   -10.079 1.00 49.49 ?  125 ASN A ND2 1 
ATOM   1013 N N   . ASN A 1 127 ? -16.744 7.177   -12.185 1.00 21.24 ?  126 ASN A N   1 
ATOM   1014 C CA  . ASN A 1 127 ? -16.553 8.026   -13.355 1.00 27.50 ?  126 ASN A CA  1 
ATOM   1015 C C   . ASN A 1 127 ? -15.178 8.703   -13.408 1.00 23.55 ?  126 ASN A C   1 
ATOM   1016 O O   . ASN A 1 127 ? -15.091 9.931   -13.506 1.00 19.95 ?  126 ASN A O   1 
ATOM   1017 C CB  . ASN A 1 127 ? -17.661 9.069   -13.437 1.00 25.87 ?  126 ASN A CB  1 
ATOM   1018 C CG  . ASN A 1 127 ? -19.001 8.497   -13.872 1.00 50.03 ?  126 ASN A CG  1 
ATOM   1019 O OD1 . ASN A 1 127 ? -19.207 8.219   -15.051 1.00 73.72 ?  126 ASN A OD1 1 
ATOM   1020 N ND2 . ASN A 1 127 ? -19.899 8.268   -12.911 1.00 45.61 ?  126 ASN A ND2 1 
ATOM   1021 N N   . PRO A 1 128 ? -14.092 7.933   -13.361 1.00 20.70 ?  127 PRO A N   1 
ATOM   1022 C CA  . PRO A 1 128 ? -12.768 8.542   -13.522 1.00 17.87 ?  127 PRO A CA  1 
ATOM   1023 C C   . PRO A 1 128 ? -12.590 9.016   -14.953 1.00 18.02 ?  127 PRO A C   1 
ATOM   1024 O O   . PRO A 1 128 ? -13.296 8.588   -15.870 1.00 34.62 ?  127 PRO A O   1 
ATOM   1025 C CB  . PRO A 1 128 ? -11.809 7.398   -13.184 1.00 15.60 ?  127 PRO A CB  1 
ATOM   1026 C CG  . PRO A 1 128 ? -12.538 6.189   -13.620 1.00 13.95 ?  127 PRO A CG  1 
ATOM   1027 C CD  . PRO A 1 128 ? -14.000 6.460   -13.353 1.00 14.80 ?  127 PRO A CD  1 
ATOM   1028 N N   . THR A 1 129 ? -11.652 9.938   -15.134 1.00 20.14 ?  128 THR A N   1 
ATOM   1029 C CA  . THR A 1 129 ? -11.378 10.430  -16.475 1.00 17.37 ?  128 THR A CA  1 
ATOM   1030 C C   . THR A 1 129 ? -10.896 9.286   -17.358 1.00 18.92 ?  128 THR A C   1 
ATOM   1031 O O   . THR A 1 129 ? -10.342 8.293   -16.877 1.00 21.45 ?  128 THR A O   1 
ATOM   1032 C CB  . THR A 1 129 ? -10.339 11.550  -16.444 1.00 17.77 ?  128 THR A CB  1 
ATOM   1033 O OG1 . THR A 1 129 ? -9.052  11.004  -16.135 1.00 24.62 ?  128 THR A OG1 1 
ATOM   1034 C CG2 . THR A 1 129 ? -10.709 12.587  -15.400 1.00 23.14 ?  128 THR A CG2 1 
ATOM   1035 N N   . THR A 1 130 ? -11.129 9.430   -18.663 1.00 27.40 ?  129 THR A N   1 
ATOM   1036 C CA  . THR A 1 130 ? -10.773 8.370   -19.603 1.00 22.74 ?  129 THR A CA  1 
ATOM   1037 C C   . THR A 1 130 ? -9.287  8.039   -19.529 1.00 22.95 ?  129 THR A C   1 
ATOM   1038 O O   . THR A 1 130 ? -8.898  6.868   -19.627 1.00 27.89 ?  129 THR A O   1 
ATOM   1039 C CB  . THR A 1 130 ? -11.170 8.780   -21.022 1.00 20.31 ?  129 THR A CB  1 
ATOM   1040 O OG1 . THR A 1 130 ? -12.598 8.840   -21.118 1.00 28.93 ?  129 THR A OG1 1 
ATOM   1041 C CG2 . THR A 1 130 ? -10.636 7.789   -22.052 1.00 24.26 ?  129 THR A CG2 1 
ATOM   1042 N N   . GLU A 1 131 ? -8.442  9.051   -19.327 1.00 21.35 ?  130 GLU A N   1 
ATOM   1043 C CA  . GLU A 1 131 ? -7.008  8.797   -19.236 1.00 24.83 ?  130 GLU A CA  1 
ATOM   1044 C C   . GLU A 1 131 ? -6.666  7.987   -17.991 1.00 28.08 ?  130 GLU A C   1 
ATOM   1045 O O   . GLU A 1 131 ? -5.859  7.051   -18.055 1.00 30.21 ?  130 GLU A O   1 
ATOM   1046 C CB  . GLU A 1 131 ? -6.234  10.115  -19.248 1.00 26.50 ?  130 GLU A CB  1 
ATOM   1047 C CG  . GLU A 1 131 ? -4.724  9.927   -19.233 1.00 60.67 ?  130 GLU A CG  1 
ATOM   1048 C CD  . GLU A 1 131 ? -3.997  10.983  -20.045 1.00 73.29 ?  130 GLU A CD  1 
ATOM   1049 O OE1 . GLU A 1 131 ? -3.178  11.728  -19.464 1.00 60.51 ?  130 GLU A OE1 1 
ATOM   1050 O OE2 . GLU A 1 131 ? -4.251  11.067  -21.266 1.00 58.17 -1 130 GLU A OE2 1 
ATOM   1051 N N   . PHE A 1 132 ? -7.273  8.325   -16.851 1.00 22.91 ?  131 PHE A N   1 
ATOM   1052 C CA  . PHE A 1 132 ? -6.965  7.606   -15.619 1.00 27.41 ?  131 PHE A CA  1 
ATOM   1053 C C   . PHE A 1 132 ? -7.542  6.196   -15.640 1.00 19.38 ?  131 PHE A C   1 
ATOM   1054 O O   . PHE A 1 132 ? -6.885  5.246   -15.198 1.00 15.36 ?  131 PHE A O   1 
ATOM   1055 C CB  . PHE A 1 132 ? -7.488  8.386   -14.411 1.00 15.65 ?  131 PHE A CB  1 
ATOM   1056 C CG  . PHE A 1 132 ? -7.123  7.771   -13.090 1.00 18.77 ?  131 PHE A CG  1 
ATOM   1057 C CD1 . PHE A 1 132 ? -5.818  7.381   -12.829 1.00 12.76 ?  131 PHE A CD1 1 
ATOM   1058 C CD2 . PHE A 1 132 ? -8.079  7.600   -12.102 1.00 17.19 ?  131 PHE A CD2 1 
ATOM   1059 C CE1 . PHE A 1 132 ? -5.477  6.818   -11.612 1.00 15.57 ?  131 PHE A CE1 1 
ATOM   1060 C CE2 . PHE A 1 132 ? -7.742  7.043   -10.880 1.00 12.46 ?  131 PHE A CE2 1 
ATOM   1061 C CZ  . PHE A 1 132 ? -6.442  6.650   -10.638 1.00 16.55 ?  131 PHE A CZ  1 
ATOM   1062 N N   . ARG A 1 133 ? -8.770  6.043   -16.143 1.00 18.05 ?  132 ARG A N   1 
ATOM   1063 C CA  . ARG A 1 133 ? -9.366  4.716   -16.247 1.00 19.03 ?  132 ARG A CA  1 
ATOM   1064 C C   . ARG A 1 133 ? -8.561  3.817   -17.177 1.00 20.27 ?  132 ARG A C   1 
ATOM   1065 O O   . ARG A 1 133 ? -8.489  2.601   -16.957 1.00 18.65 ?  132 ARG A O   1 
ATOM   1066 C CB  . ARG A 1 133 ? -10.819 4.839   -16.712 1.00 17.76 ?  132 ARG A CB  1 
ATOM   1067 C CG  . ARG A 1 133 ? -11.317 3.677   -17.549 1.00 22.81 ?  132 ARG A CG  1 
ATOM   1068 C CD  . ARG A 1 133 ? -11.806 4.165   -18.898 1.00 28.60 ?  132 ARG A CD  1 
ATOM   1069 N NE  . ARG A 1 133 ? -11.678 3.149   -19.936 1.00 44.58 ?  132 ARG A NE  1 
ATOM   1070 C CZ  . ARG A 1 133 ? -12.140 3.286   -21.174 1.00 45.70 ?  132 ARG A CZ  1 
ATOM   1071 N NH1 . ARG A 1 133 ? -12.773 4.398   -21.526 1.00 30.47 ?  132 ARG A NH1 1 
ATOM   1072 N NH2 . ARG A 1 133 ? -11.980 2.308   -22.058 1.00 45.96 ?  132 ARG A NH2 1 
ATOM   1073 N N   . TYR A 1 134 ? -7.938  4.393   -18.209 1.00 20.09 ?  133 TYR A N   1 
ATOM   1074 C CA  . TYR A 1 134 ? -7.022  3.622   -19.046 1.00 31.91 ?  133 TYR A CA  1 
ATOM   1075 C C   . TYR A 1 134 ? -5.881  3.038   -18.219 1.00 20.03 ?  133 TYR A C   1 
ATOM   1076 O O   . TYR A 1 134 ? -5.521  1.866   -18.385 1.00 20.64 ?  133 TYR A O   1 
ATOM   1077 C CB  . TYR A 1 134 ? -6.467  4.498   -20.170 1.00 33.94 ?  133 TYR A CB  1 
ATOM   1078 C CG  . TYR A 1 134 ? -7.327  4.549   -21.409 1.00 44.56 ?  133 TYR A CG  1 
ATOM   1079 C CD1 . TYR A 1 134 ? -8.229  3.533   -21.698 1.00 42.42 ?  133 TYR A CD1 1 
ATOM   1080 C CD2 . TYR A 1 134 ? -7.232  5.614   -22.296 1.00 49.34 ?  133 TYR A CD2 1 
ATOM   1081 C CE1 . TYR A 1 134 ? -9.017  3.579   -22.837 1.00 54.43 ?  133 TYR A CE1 1 
ATOM   1082 C CE2 . TYR A 1 134 ? -8.016  5.671   -23.436 1.00 48.25 ?  133 TYR A CE2 1 
ATOM   1083 C CZ  . TYR A 1 134 ? -8.906  4.651   -23.699 1.00 55.71 ?  133 TYR A CZ  1 
ATOM   1084 O OH  . TYR A 1 134 ? -9.687  4.698   -24.832 1.00 53.05 ?  133 TYR A OH  1 
ATOM   1085 N N   . LYS A 1 135 ? -5.294  3.846   -17.333 1.00 29.59 ?  134 LYS A N   1 
ATOM   1086 C CA  . LYS A 1 135 ? -4.184  3.366   -16.514 1.00 27.33 ?  134 LYS A CA  1 
ATOM   1087 C C   . LYS A 1 135 ? -4.630  2.265   -15.561 1.00 25.50 ?  134 LYS A C   1 
ATOM   1088 O O   . LYS A 1 135 ? -3.901  1.288   -15.346 1.00 20.36 ?  134 LYS A O   1 
ATOM   1089 C CB  . LYS A 1 135 ? -3.566  4.529   -15.737 1.00 16.55 ?  134 LYS A CB  1 
ATOM   1090 C CG  . LYS A 1 135 ? -3.167  5.723   -16.594 1.00 13.32 ?  134 LYS A CG  1 
ATOM   1091 C CD  . LYS A 1 135 ? -2.432  6.766   -15.761 1.00 25.31 ?  134 LYS A CD  1 
ATOM   1092 C CE  . LYS A 1 135 ? -2.271  8.087   -16.498 1.00 21.16 ?  134 LYS A CE  1 
ATOM   1093 N NZ  . LYS A 1 135 ? -1.435  7.958   -17.719 1.00 25.42 1  134 LYS A NZ  1 
ATOM   1094 N N   . LEU A 1 136 ? -5.822  2.405   -14.979 1.00 18.31 ?  135 LEU A N   1 
ATOM   1095 C CA  . LEU A 1 136 ? -6.312  1.394   -14.050 1.00 16.53 ?  135 LEU A CA  1 
ATOM   1096 C C   . LEU A 1 136 ? -6.562  0.070   -14.760 1.00 18.62 ?  135 LEU A C   1 
ATOM   1097 O O   . LEU A 1 136 ? -6.210  -0.996  -14.245 1.00 16.02 ?  135 LEU A O   1 
ATOM   1098 C CB  . LEU A 1 136 ? -7.581  1.893   -13.361 1.00 13.36 ?  135 LEU A CB  1 
ATOM   1099 C CG  . LEU A 1 136 ? -7.426  3.182   -12.548 1.00 17.26 ?  135 LEU A CG  1 
ATOM   1100 C CD1 . LEU A 1 136 ? -8.774  3.841   -12.294 1.00 16.17 ?  135 LEU A CD1 1 
ATOM   1101 C CD2 . LEU A 1 136 ? -6.727  2.893   -11.233 1.00 10.24 ?  135 LEU A CD2 1 
ATOM   1102 N N   . LEU A 1 137 ? -7.154  0.119   -15.957 1.00 25.59 ?  136 LEU A N   1 
ATOM   1103 C CA  . LEU A 1 137 ? -7.426  -1.101  -16.706 1.00 23.05 ?  136 LEU A CA  1 
ATOM   1104 C C   . LEU A 1 137 ? -6.153  -1.775  -17.199 1.00 22.26 ?  136 LEU A C   1 
ATOM   1105 O O   . LEU A 1 137 ? -6.189  -2.963  -17.539 1.00 24.48 ?  136 LEU A O   1 
ATOM   1106 C CB  . LEU A 1 137 ? -8.343  -0.805  -17.894 1.00 28.10 ?  136 LEU A CB  1 
ATOM   1107 C CG  . LEU A 1 137 ? -9.799  -0.444  -17.591 1.00 23.89 ?  136 LEU A CG  1 
ATOM   1108 C CD1 . LEU A 1 137 ? -10.641 -0.522  -18.856 1.00 21.32 ?  136 LEU A CD1 1 
ATOM   1109 C CD2 . LEU A 1 137 ? -10.372 -1.340  -16.512 1.00 19.27 ?  136 LEU A CD2 1 
ATOM   1110 N N   . ARG A 1 138 ? -5.038  -1.051  -17.258 1.00 17.19 ?  137 ARG A N   1 
ATOM   1111 C CA  . ARG A 1 138 ? -3.756  -1.654  -17.591 1.00 20.01 ?  137 ARG A CA  1 
ATOM   1112 C C   . ARG A 1 138 ? -3.096  -2.317  -16.392 1.00 20.25 ?  137 ARG A C   1 
ATOM   1113 O O   . ARG A 1 138 ? -2.028  -2.922  -16.543 1.00 22.98 ?  137 ARG A O   1 
ATOM   1114 C CB  . ARG A 1 138 ? -2.816  -0.600  -18.188 1.00 22.71 ?  137 ARG A CB  1 
ATOM   1115 C CG  . ARG A 1 138 ? -2.469  -0.843  -19.645 1.00 36.43 ?  137 ARG A CG  1 
ATOM   1116 C CD  . ARG A 1 138 ? -1.721  0.336   -20.253 1.00 56.81 ?  137 ARG A CD  1 
ATOM   1117 N NE  . ARG A 1 138 ? -2.530  1.552   -20.265 1.00 72.26 ?  137 ARG A NE  1 
ATOM   1118 C CZ  . ARG A 1 138 ? -2.236  2.640   -20.971 1.00 74.22 ?  137 ARG A CZ  1 
ATOM   1119 N NH1 . ARG A 1 138 ? -1.151  2.666   -21.734 1.00 86.08 ?  137 ARG A NH1 1 
ATOM   1120 N NH2 . ARG A 1 138 ? -3.030  3.703   -20.919 1.00 48.62 ?  137 ARG A NH2 1 
ATOM   1121 N N   . ALA A 1 139 ? -3.704  -2.221  -15.210 1.00 19.70 ?  138 ALA A N   1 
ATOM   1122 C CA  . ALA A 1 139 ? -3.127  -2.762  -13.987 1.00 15.71 ?  138 ALA A CA  1 
ATOM   1123 C C   . ALA A 1 139 ? -4.110  -3.677  -13.267 1.00 13.85 ?  138 ALA A C   1 
ATOM   1124 O O   . ALA A 1 139 ? -4.119  -3.739  -12.036 1.00 16.51 ?  138 ALA A O   1 
ATOM   1125 C CB  . ALA A 1 139 ? -2.667  -1.637  -13.061 1.00 10.69 ?  138 ALA A CB  1 
ATOM   1126 N N   . GLY A 1 140 ? -4.942  -4.395  -14.015 1.00 13.82 ?  139 GLY A N   1 
ATOM   1127 C CA  . GLY A 1 140 ? -5.833  -5.374  -13.428 1.00 13.66 ?  139 GLY A CA  1 
ATOM   1128 C C   . GLY A 1 140 ? -7.202  -4.869  -13.035 1.00 12.85 ?  139 GLY A C   1 
ATOM   1129 O O   . GLY A 1 140 ? -7.958  -5.611  -12.396 1.00 17.97 ?  139 GLY A O   1 
ATOM   1130 N N   . GLY A 1 141 ? -7.551  -3.639  -13.393 1.00 10.66 ?  140 GLY A N   1 
ATOM   1131 C CA  . GLY A 1 141 ? -8.864  -3.127  -13.070 1.00 15.69 ?  140 GLY A CA  1 
ATOM   1132 C C   . GLY A 1 141 ? -9.935  -3.653  -14.008 1.00 21.07 ?  140 GLY A C   1 
ATOM   1133 O O   . GLY A 1 141 ? -9.657  -4.292  -15.022 1.00 20.08 ?  140 GLY A O   1 
ATOM   1134 N N   . VAL A 1 142 ? -11.186 -3.379  -13.644 1.00 19.17 ?  141 VAL A N   1 
ATOM   1135 C CA  . VAL A 1 142 ? -12.340 -3.680  -14.480 1.00 20.96 ?  141 VAL A CA  1 
ATOM   1136 C C   . VAL A 1 142 ? -13.253 -2.462  -14.489 1.00 16.66 ?  141 VAL A C   1 
ATOM   1137 O O   . VAL A 1 142 ? -13.453 -1.815  -13.455 1.00 23.63 ?  141 VAL A O   1 
ATOM   1138 C CB  . VAL A 1 142 ? -13.095 -4.944  -13.999 1.00 16.68 ?  141 VAL A CB  1 
ATOM   1139 C CG1 . VAL A 1 142 ? -13.646 -4.764  -12.583 1.00 10.36 ?  141 VAL A CG1 1 
ATOM   1140 C CG2 . VAL A 1 142 ? -14.207 -5.311  -14.975 1.00 14.98 ?  141 VAL A CG2 1 
ATOM   1141 N N   . MET A 1 143 ? -13.778 -2.128  -15.663 1.00 15.59 ?  142 MET A N   1 
ATOM   1142 C CA  . MET A 1 143 ? -14.726 -1.033  -15.805 1.00 21.25 ?  142 MET A CA  1 
ATOM   1143 C C   . MET A 1 143 ? -16.137 -1.587  -15.939 1.00 24.75 ?  142 MET A C   1 
ATOM   1144 O O   . MET A 1 143 ? -16.364 -2.576  -16.643 1.00 18.50 ?  142 MET A O   1 
ATOM   1145 C CB  . MET A 1 143 ? -14.389 -0.156  -17.013 1.00 20.02 ?  142 MET A CB  1 
ATOM   1146 C CG  . MET A 1 143 ? -15.421 0.928   -17.296 1.00 21.13 ?  142 MET A CG  1 
ATOM   1147 S SD  . MET A 1 143 ? -14.865 2.141   -18.506 1.00 30.21 ?  142 MET A SD  1 
ATOM   1148 C CE  . MET A 1 143 ? -14.441 1.083   -19.887 1.00 21.50 ?  142 MET A CE  1 
ATOM   1149 N N   . VAL A 1 144 ? -17.081 -0.947  -15.254 1.00 18.99 ?  143 VAL A N   1 
ATOM   1150 C CA  . VAL A 1 144 ? -18.473 -1.377  -15.226 1.00 24.66 ?  143 VAL A CA  1 
ATOM   1151 C C   . VAL A 1 144 ? -19.345 -0.196  -15.620 1.00 21.32 ?  143 VAL A C   1 
ATOM   1152 O O   . VAL A 1 144 ? -19.246 0.881   -15.023 1.00 27.89 ?  143 VAL A O   1 
ATOM   1153 C CB  . VAL A 1 144 ? -18.878 -1.904  -13.838 1.00 18.98 ?  143 VAL A CB  1 
ATOM   1154 C CG1 . VAL A 1 144 ? -20.302 -2.425  -13.867 1.00 13.95 ?  143 VAL A CG1 1 
ATOM   1155 C CG2 . VAL A 1 144 ? -17.916 -2.981  -13.386 1.00 17.62 ?  143 VAL A CG2 1 
ATOM   1156 N N   . MET A 1 145 ? -20.204 -0.397  -16.619 1.00 19.36 ?  144 MET A N   1 
ATOM   1157 C CA  . MET A 1 145 ? -21.061 0.670   -17.126 1.00 19.22 ?  144 MET A CA  1 
ATOM   1158 C C   . MET A 1 145 ? -22.498 0.179   -17.197 1.00 14.73 ?  144 MET A C   1 
ATOM   1159 O O   . MET A 1 145 ? -22.775 -0.825  -17.883 1.00 23.11 ?  144 MET A O   1 
ATOM   1160 C CB  . MET A 1 145 ? -20.590 1.156   -18.497 1.00 18.79 ?  144 MET A CB  1 
ATOM   1161 C CG  . MET A 1 145 ? -19.332 1.999   -18.437 1.00 34.04 ?  144 MET A CG  1 
ATOM   1162 S SD  . MET A 1 145 ? -19.092 3.006   -19.912 1.00 43.16 ?  144 MET A SD  1 
ATOM   1163 C CE  . MET A 1 145 ? -18.927 1.754   -21.172 1.00 28.28 ?  144 MET A CE  1 
ATOM   1164 N N   . PRO A 1 146 ? -23.436 0.839   -16.519 1.00 22.88 ?  145 PRO A N   1 
ATOM   1165 C CA  . PRO A 1 146 ? -24.844 0.448   -16.636 1.00 24.47 ?  145 PRO A CA  1 
ATOM   1166 C C   . PRO A 1 146 ? -25.368 0.674   -18.045 1.00 21.31 ?  145 PRO A C   1 
ATOM   1167 O O   . PRO A 1 146 ? -24.894 1.546   -18.779 1.00 19.66 ?  145 PRO A O   1 
ATOM   1168 C CB  . PRO A 1 146 ? -25.551 1.356   -15.624 1.00 17.46 ?  145 PRO A CB  1 
ATOM   1169 C CG  . PRO A 1 146 ? -24.620 2.521   -15.447 1.00 14.85 ?  145 PRO A CG  1 
ATOM   1170 C CD  . PRO A 1 146 ? -23.243 1.952   -15.572 1.00 10.94 ?  145 PRO A CD  1 
ATOM   1171 N N   . GLU A 1 147 ? -26.350 -0.140  -18.424 1.00 22.89 ?  146 GLU A N   1 
ATOM   1172 C CA  . GLU A 1 147 ? -26.974 -0.059  -19.736 1.00 17.73 ?  146 GLU A CA  1 
ATOM   1173 C C   . GLU A 1 147 ? -28.476 -0.251  -19.589 1.00 18.24 ?  146 GLU A C   1 
ATOM   1174 O O   . GLU A 1 147 ? -28.976 -0.631  -18.527 1.00 24.81 ?  146 GLU A O   1 
ATOM   1175 C CB  . GLU A 1 147 ? -26.398 -1.104  -20.700 1.00 23.72 ?  146 GLU A CB  1 
ATOM   1176 C CG  . GLU A 1 147 ? -24.892 -1.042  -20.855 1.00 25.63 ?  146 GLU A CG  1 
ATOM   1177 C CD  . GLU A 1 147 ? -24.457 -1.369  -22.261 1.00 30.50 ?  146 GLU A CD  1 
ATOM   1178 O OE1 . GLU A 1 147 ? -25.333 -1.737  -23.068 1.00 35.09 ?  146 GLU A OE1 1 
ATOM   1179 O OE2 . GLU A 1 147 ? -23.251 -1.253  -22.563 1.00 43.45 -1 146 GLU A OE2 1 
ATOM   1180 N N   . GLY A 1 148 ? -29.197 0.015   -20.674 1.00 21.98 ?  147 GLY A N   1 
ATOM   1181 C CA  . GLY A 1 148 ? -30.631 -0.222  -20.678 1.00 20.85 ?  147 GLY A CA  1 
ATOM   1182 C C   . GLY A 1 148 ? -30.922 -1.711  -20.633 1.00 28.18 ?  147 GLY A C   1 
ATOM   1183 O O   . GLY A 1 148 ? -30.398 -2.487  -21.442 1.00 24.78 ?  147 GLY A O   1 
ATOM   1184 N N   . ALA A 1 149 ? -31.753 -2.119  -19.680 1.00 19.98 ?  148 ALA A N   1 
ATOM   1185 C CA  . ALA A 1 149 ? -32.118 -3.519  -19.534 1.00 25.10 ?  148 ALA A CA  1 
ATOM   1186 C C   . ALA A 1 149 ? -33.380 -3.823  -20.331 1.00 22.90 ?  148 ALA A C   1 
ATOM   1187 O O   . ALA A 1 149 ? -34.244 -2.962  -20.517 1.00 22.58 ?  148 ALA A O   1 
ATOM   1188 C CB  . ALA A 1 149 ? -32.329 -3.873  -18.061 1.00 19.60 ?  148 ALA A CB  1 
ATOM   1189 N N   . HIS A 1 150 ? -33.478 -5.063  -20.806 1.00 20.60 ?  149 HIS A N   1 
ATOM   1190 C CA  . HIS A 1 150 ? -34.644 -5.513  -21.551 1.00 20.66 ?  149 HIS A CA  1 
ATOM   1191 C C   . HIS A 1 150 ? -35.038 -6.895  -21.058 1.00 20.66 ?  149 HIS A C   1 
ATOM   1192 O O   . HIS A 1 150 ? -34.199 -7.796  -20.992 1.00 22.46 ?  149 HIS A O   1 
ATOM   1193 C CB  . HIS A 1 150 ? -34.367 -5.536  -23.058 1.00 17.82 ?  149 HIS A CB  1 
ATOM   1194 C CG  . HIS A 1 150 ? -34.024 -4.196  -23.629 1.00 31.69 ?  149 HIS A CG  1 
ATOM   1195 N ND1 . HIS A 1 150 ? -34.978 -3.241  -23.908 1.00 27.24 ?  149 HIS A ND1 1 
ATOM   1196 C CD2 . HIS A 1 150 ? -32.834 -3.653  -23.976 1.00 33.78 ?  149 HIS A CD2 1 
ATOM   1197 C CE1 . HIS A 1 150 ? -34.388 -2.165  -24.399 1.00 33.53 ?  149 HIS A CE1 1 
ATOM   1198 N NE2 . HIS A 1 150 ? -33.088 -2.389  -24.449 1.00 35.79 ?  149 HIS A NE2 1 
ATOM   1199 N N   . HIS A 1 151 ? -36.312 -7.056  -20.714 1.00 15.27 ?  150 HIS A N   1 
ATOM   1200 C CA  . HIS A 1 151 ? -36.788 -8.323  -20.181 1.00 18.06 ?  150 HIS A CA  1 
ATOM   1201 C C   . HIS A 1 151 ? -36.894 -9.376  -21.279 1.00 16.31 ?  150 HIS A C   1 
ATOM   1202 O O   . HIS A 1 151 ? -37.155 -9.069  -22.445 1.00 14.40 ?  150 HIS A O   1 
ATOM   1203 C CB  . HIS A 1 151 ? -38.140 -8.137  -19.495 1.00 14.06 ?  150 HIS A CB  1 
ATOM   1204 C CG  . HIS A 1 151 ? -38.047 -7.488  -18.150 1.00 18.95 ?  150 HIS A CG  1 
ATOM   1205 N ND1 . HIS A 1 151 ? -37.677 -8.180  -17.017 1.00 24.92 ?  150 HIS A ND1 1 
ATOM   1206 C CD2 . HIS A 1 151 ? -38.274 -6.213  -17.755 1.00 14.85 ?  150 HIS A CD2 1 
ATOM   1207 C CE1 . HIS A 1 151 ? -37.679 -7.358  -15.982 1.00 17.99 ?  150 HIS A CE1 1 
ATOM   1208 N NE2 . HIS A 1 151 ? -38.038 -6.159  -16.403 1.00 17.86 ?  150 HIS A NE2 1 
ATOM   1209 N N   . HIS A 1 152 ? -36.696 -10.634 -20.886 1.00 18.23 ?  151 HIS A N   1 
ATOM   1210 C CA  . HIS A 1 152 ? -36.613 -11.743 -21.825 1.00 15.45 ?  151 HIS A CA  1 
ATOM   1211 C C   . HIS A 1 152 ? -37.959 -12.391 -22.121 1.00 20.19 ?  151 HIS A C   1 
ATOM   1212 O O   . HIS A 1 152 ? -38.057 -13.163 -23.081 1.00 19.53 ?  151 HIS A O   1 
ATOM   1213 C CB  . HIS A 1 152 ? -35.646 -12.812 -21.297 1.00 14.37 ?  151 HIS A CB  1 
ATOM   1214 C CG  . HIS A 1 152 ? -34.255 -12.309 -21.054 1.00 22.54 ?  151 HIS A CG  1 
ATOM   1215 N ND1 . HIS A 1 152 ? -33.238 -13.126 -20.606 1.00 18.15 ?  151 HIS A ND1 1 
ATOM   1216 C CD2 . HIS A 1 152 ? -33.710 -11.077 -21.199 1.00 14.11 ?  151 HIS A CD2 1 
ATOM   1217 C CE1 . HIS A 1 152 ? -32.129 -12.419 -20.484 1.00 9.97  ?  151 HIS A CE1 1 
ATOM   1218 N NE2 . HIS A 1 152 ? -32.389 -11.173 -20.834 1.00 11.22 ?  151 HIS A NE2 1 
ATOM   1219 N N   . HIS A 1 153 ? -38.992 -12.102 -21.334 1.00 23.75 ?  152 HIS A N   1 
ATOM   1220 C CA  . HIS A 1 153 ? -40.292 -12.735 -21.494 1.00 19.38 ?  152 HIS A CA  1 
ATOM   1221 C C   . HIS A 1 153 ? -41.374 -11.691 -21.729 1.00 22.75 ?  152 HIS A C   1 
ATOM   1222 O O   . HIS A 1 153 ? -41.181 -10.496 -21.490 1.00 23.31 ?  152 HIS A O   1 
ATOM   1223 C CB  . HIS A 1 153 ? -40.664 -13.577 -20.266 1.00 18.57 ?  152 HIS A CB  1 
ATOM   1224 C CG  . HIS A 1 153 ? -39.685 -14.665 -19.956 1.00 21.70 ?  152 HIS A CG  1 
ATOM   1225 N ND1 . HIS A 1 153 ? -38.579 -14.467 -19.159 1.00 14.85 ?  152 HIS A ND1 1 
ATOM   1226 C CD2 . HIS A 1 153 ? -39.650 -15.966 -20.332 1.00 21.82 ?  152 HIS A CD2 1 
ATOM   1227 C CE1 . HIS A 1 153 ? -37.904 -15.597 -19.058 1.00 14.43 ?  152 HIS A CE1 1 
ATOM   1228 N NE2 . HIS A 1 153 ? -38.532 -16.523 -19.760 1.00 13.64 ?  152 HIS A NE2 1 
ATOM   1229 N N   . HIS A 1 154 ? -42.521 -12.166 -22.204 1.00 29.36 ?  153 HIS A N   1 
ATOM   1230 C CA  . HIS A 1 154 ? -43.710 -11.339 -22.284 1.00 29.46 ?  153 HIS A CA  1 
ATOM   1231 C C   . HIS A 1 154 ? -44.442 -11.352 -20.943 1.00 34.99 ?  153 HIS A C   1 
ATOM   1232 O O   . HIS A 1 154 ? -44.109 -12.109 -20.027 1.00 33.92 ?  153 HIS A O   1 
ATOM   1233 C CB  . HIS A 1 154 ? -44.630 -11.827 -23.403 1.00 28.56 ?  153 HIS A CB  1 
ATOM   1234 C CG  . HIS A 1 154 ? -44.008 -11.782 -24.765 1.00 35.99 ?  153 HIS A CG  1 
ATOM   1235 N ND1 . HIS A 1 154 ? -43.772 -10.602 -25.437 1.00 27.56 ?  153 HIS A ND1 1 
ATOM   1236 C CD2 . HIS A 1 154 ? -43.584 -12.773 -25.586 1.00 28.25 ?  153 HIS A CD2 1 
ATOM   1237 C CE1 . HIS A 1 154 ? -43.221 -10.868 -26.609 1.00 26.18 ?  153 HIS A CE1 1 
ATOM   1238 N NE2 . HIS A 1 154 ? -43.098 -12.178 -26.724 1.00 20.33 ?  153 HIS A NE2 1 
ATOM   1239 N N   . HIS A 1 155 ? -45.461 -10.506 -20.833 1.00 48.78 ?  154 HIS A N   1 
ATOM   1240 C CA  . HIS A 1 155 ? -46.219 -10.403 -19.591 1.00 52.09 ?  154 HIS A CA  1 
ATOM   1241 C C   . HIS A 1 155 ? -47.721 -10.491 -19.834 1.00 62.00 ?  154 HIS A C   1 
ATOM   1242 O O   . HIS A 1 155 ? -48.180 -10.648 -20.966 1.00 53.59 ?  154 HIS A O   1 
ATOM   1243 C CB  . HIS A 1 155 ? -45.881 -9.098  -18.864 1.00 53.20 ?  154 HIS A CB  1 
ATOM   1244 C CG  . HIS A 1 155 ? -46.158 -7.868  -19.670 1.00 69.97 ?  154 HIS A CG  1 
ATOM   1245 N ND1 . HIS A 1 155 ? -45.332 -7.443  -20.688 1.00 69.59 ?  154 HIS A ND1 1 
ATOM   1246 C CD2 . HIS A 1 155 ? -47.164 -6.963  -19.601 1.00 67.16 ?  154 HIS A CD2 1 
ATOM   1247 C CE1 . HIS A 1 155 ? -45.819 -6.334  -21.214 1.00 82.77 ?  154 HIS A CE1 1 
ATOM   1248 N NE2 . HIS A 1 155 ? -46.930 -6.021  -20.572 1.00 88.36 ?  154 HIS A NE2 1 
ATOM   1249 O OXT . HIS A 1 155 ? -48.513 -10.408 -18.891 1.00 63.68 ?  154 HIS A OXT 1 
ATOM   1250 N N   . ALA B 2 10  ? 5.048   -6.842  22.510  1.00 44.88 ?  24  ALA B N   1 
ATOM   1251 C CA  . ALA B 2 10  ? 6.185   -5.949  22.326  1.00 64.82 ?  24  ALA B CA  1 
ATOM   1252 C C   . ALA B 2 10  ? 5.802   -4.509  22.648  1.00 71.85 ?  24  ALA B C   1 
ATOM   1253 O O   . ALA B 2 10  ? 4.618   -4.186  22.774  1.00 54.33 ?  24  ALA B O   1 
ATOM   1254 C CB  . ALA B 2 10  ? 6.717   -6.051  20.903  1.00 58.81 ?  24  ALA B CB  1 
ATOM   1255 N N   . ALA B 2 11  ? 6.809   -3.655  22.800  1.00 74.00 ?  25  ALA B N   1 
ATOM   1256 C CA  . ALA B 2 11  ? 6.567   -2.234  22.978  1.00 67.73 ?  25  ALA B CA  1 
ATOM   1257 C C   . ALA B 2 11  ? 6.292   -1.582  21.632  1.00 61.19 ?  25  ALA B C   1 
ATOM   1258 O O   . ALA B 2 11  ? 6.736   -2.060  20.583  1.00 34.72 ?  25  ALA B O   1 
ATOM   1259 C CB  . ALA B 2 11  ? 7.755   -1.556  23.662  1.00 47.64 ?  25  ALA B CB  1 
ATOM   1260 N N   . ARG B 2 12  ? 5.548   -0.488  21.672  1.00 31.68 ?  26  ARG B N   1 
ATOM   1261 C CA  . ARG B 2 12  ? 5.179   0.220   20.462  1.00 26.60 ?  26  ARG B CA  1 
ATOM   1262 C C   . ARG B 2 12  ? 5.575   1.673   20.594  1.00 21.13 ?  26  ARG B C   1 
ATOM   1263 O O   . ARG B 2 12  ? 5.868   2.148   21.690  1.00 31.13 ?  26  ARG B O   1 
ATOM   1264 C CB  . ARG B 2 12  ? 3.676   0.111   20.202  1.00 26.95 ?  26  ARG B CB  1 
ATOM   1265 C CG  . ARG B 2 12  ? 3.093   -1.265  20.456  1.00 19.31 ?  26  ARG B CG  1 
ATOM   1266 C CD  . ARG B 2 12  ? 2.880   -1.999  19.153  1.00 20.27 ?  26  ARG B CD  1 
ATOM   1267 N NE  . ARG B 2 12  ? 2.109   -1.190  18.216  1.00 21.33 ?  26  ARG B NE  1 
ATOM   1268 C CZ  . ARG B 2 12  ? 1.926   -1.500  16.937  1.00 18.97 ?  26  ARG B CZ  1 
ATOM   1269 N NH1 . ARG B 2 12  ? 2.463   -2.608  16.442  1.00 20.91 1  26  ARG B NH1 1 
ATOM   1270 N NH2 . ARG B 2 12  ? 1.213   -0.704  16.153  1.00 12.29 ?  26  ARG B NH2 1 
HETATM 1271 O OH  . ALY B 2 13  ? 12.275  1.725   16.105  1.00 19.48 ?  27  ALY B OH  1 
HETATM 1272 C CH  . ALY B 2 13  ? 12.259  2.971   16.075  1.00 20.07 ?  27  ALY B CH  1 
HETATM 1273 C CH3 . ALY B 2 13  ? 13.435  3.780   15.578  1.00 7.26  ?  27  ALY B CH3 1 
HETATM 1274 N NZ  . ALY B 2 13  ? 11.156  3.683   16.500  1.00 23.98 ?  27  ALY B NZ  1 
HETATM 1275 C CE  . ALY B 2 13  ? 9.971   3.057   17.001  1.00 20.40 ?  27  ALY B CE  1 
HETATM 1276 C CD  . ALY B 2 13  ? 8.960   4.087   17.491  1.00 16.20 ?  27  ALY B CD  1 
HETATM 1277 C CG  . ALY B 2 13  ? 7.847   3.395   18.233  1.00 15.14 ?  27  ALY B CG  1 
HETATM 1278 C CB  . ALY B 2 13  ? 6.857   4.437   18.678  1.00 21.95 ?  27  ALY B CB  1 
HETATM 1279 C CA  . ALY B 2 13  ? 5.740   3.803   19.514  1.00 22.20 ?  27  ALY B CA  1 
HETATM 1280 N N   . ALY B 2 13  ? 5.586   2.377   19.474  1.00 24.61 ?  27  ALY B N   1 
HETATM 1281 C C   . ALY B 2 13  ? 4.427   4.408   19.063  1.00 32.78 ?  27  ALY B C   1 
HETATM 1282 O O   . ALY B 2 13  ? 3.592   3.854   18.337  1.00 31.87 ?  27  ALY B O   1 
ATOM   1283 N N   . SER B 2 14  ? 4.239   5.629   19.536  1.00 32.95 ?  28  SER B N   1 
ATOM   1284 C CA  . SER B 2 14  ? 3.027   6.379   19.282  1.00 26.27 ?  28  SER B CA  1 
ATOM   1285 C C   . SER B 2 14  ? 3.402   7.670   18.569  1.00 35.81 ?  28  SER B C   1 
ATOM   1286 O O   . SER B 2 14  ? 4.583   7.959   18.389  1.00 40.69 ?  28  SER B O   1 
ATOM   1287 C CB  . SER B 2 14  ? 2.298   6.656   20.599  1.00 34.95 ?  28  SER B CB  1 
ATOM   1288 O OG  . SER B 2 14  ? 1.094   7.366   20.388  1.00 63.33 ?  28  SER B OG  1 
ATOM   1289 N N   . ALA B 2 15  ? 2.406   8.444   18.151  1.00 51.09 ?  29  ALA B N   1 
ATOM   1290 C CA  . ALA B 2 15  ? 2.677   9.740   17.540  1.00 45.69 ?  29  ALA B CA  1 
ATOM   1291 C C   . ALA B 2 15  ? 2.740   10.833  18.604  1.00 41.29 ?  29  ALA B C   1 
ATOM   1292 O O   . ALA B 2 15  ? 3.613   11.702  18.566  1.00 47.11 ?  29  ALA B O   1 
ATOM   1293 C CB  . ALA B 2 15  ? 1.625   10.068  16.497  1.00 28.51 ?  29  ALA B CB  1 
HETATM 1294 S S   . SO4 C 3 .   ? 8.026   14.785  -3.210  1.00 40.39 ?  201 SO4 A S   1 
HETATM 1295 O O1  . SO4 C 3 .   ? 7.516   13.416  -3.174  1.00 59.40 ?  201 SO4 A O1  1 
HETATM 1296 O O2  . SO4 C 3 .   ? 8.973   14.917  -4.313  1.00 57.71 ?  201 SO4 A O2  1 
HETATM 1297 O O3  . SO4 C 3 .   ? 8.702   15.083  -1.952  1.00 56.31 ?  201 SO4 A O3  1 
HETATM 1298 O O4  . SO4 C 3 .   ? 6.917   15.715  -3.402  1.00 55.31 ?  201 SO4 A O4  1 
HETATM 1299 S S   . SO4 D 3 .   ? -32.173 -16.730 -20.942 1.00 56.94 ?  202 SO4 A S   1 
HETATM 1300 O O1  . SO4 D 3 .   ? -32.490 -15.853 -22.067 1.00 43.27 ?  202 SO4 A O1  1 
HETATM 1301 O O2  . SO4 D 3 .   ? -31.749 -18.034 -21.453 1.00 44.60 ?  202 SO4 A O2  1 
HETATM 1302 O O3  . SO4 D 3 .   ? -31.098 -16.142 -20.148 1.00 48.21 ?  202 SO4 A O3  1 
HETATM 1303 O O4  . SO4 D 3 .   ? -33.357 -16.875 -20.097 1.00 33.26 ?  202 SO4 A O4  1 
HETATM 1304 S S   . SO4 E 3 .   ? -37.569 -11.504 -17.438 1.00 21.26 ?  203 SO4 A S   1 
HETATM 1305 O O1  . SO4 E 3 .   ? -38.659 -11.231 -18.367 1.00 23.42 ?  203 SO4 A O1  1 
HETATM 1306 O O2  . SO4 E 3 .   ? -37.250 -12.928 -17.466 1.00 23.45 ?  203 SO4 A O2  1 
HETATM 1307 O O3  . SO4 E 3 .   ? -36.394 -10.731 -17.831 1.00 20.02 ?  203 SO4 A O3  1 
HETATM 1308 O O4  . SO4 E 3 .   ? -37.986 -11.131 -16.089 1.00 26.15 ?  203 SO4 A O4  1 
HETATM 1309 S S   . SO4 F 3 .   ? -0.936  5.798   17.481  1.00 70.05 ?  101 SO4 B S   1 
HETATM 1310 O O1  . SO4 F 3 .   ? -1.245  6.480   16.226  1.00 35.97 ?  101 SO4 B O1  1 
HETATM 1311 O O2  . SO4 F 3 .   ? -1.890  4.712   17.704  1.00 32.17 ?  101 SO4 B O2  1 
HETATM 1312 O O3  . SO4 F 3 .   ? 0.420   5.254   17.414  1.00 54.39 ?  101 SO4 B O3  1 
HETATM 1313 O O4  . SO4 F 3 .   ? -1.024  6.758   18.580  1.00 45.71 ?  101 SO4 B O4  1 
HETATM 1314 O O   . HOH G 4 .   ? -33.673 -17.401 -17.943 1.00 46.86 ?  301 HOH A O   1 
HETATM 1315 O O   . HOH G 4 .   ? -6.870  -4.936  4.331   1.00 29.93 ?  302 HOH A O   1 
HETATM 1316 O O   . HOH G 4 .   ? 16.642  2.394   11.784  1.00 19.09 ?  303 HOH A O   1 
HETATM 1317 O O   . HOH G 4 .   ? 4.111   -6.814  -11.654 1.00 35.55 ?  304 HOH A O   1 
HETATM 1318 O O   . HOH G 4 .   ? -13.791 -0.305  -3.071  1.00 14.14 ?  305 HOH A O   1 
HETATM 1319 O O   . HOH G 4 .   ? 5.363   5.407   -9.887  1.00 19.11 ?  306 HOH A O   1 
HETATM 1320 O O   . HOH G 4 .   ? -8.412  -4.851  -17.171 1.00 19.48 ?  307 HOH A O   1 
HETATM 1321 O O   . HOH G 4 .   ? -29.507 -1.473  -16.182 1.00 19.19 ?  308 HOH A O   1 
HETATM 1322 O O   . HOH G 4 .   ? -28.503 -16.301 -20.297 1.00 27.05 ?  309 HOH A O   1 
HETATM 1323 O O   . HOH G 4 .   ? 11.949  -15.738 14.977  1.00 31.02 ?  310 HOH A O   1 
HETATM 1324 O O   . HOH G 4 .   ? -36.209 -13.870 -24.782 1.00 20.06 ?  311 HOH A O   1 
HETATM 1325 O O   . HOH G 4 .   ? 10.766  0.082   14.245  1.00 13.04 ?  312 HOH A O   1 
HETATM 1326 O O   . HOH G 4 .   ? -7.093  -5.573  -9.764  1.00 16.69 ?  313 HOH A O   1 
HETATM 1327 O O   . HOH G 4 .   ? 17.693  -8.598  18.837  1.00 23.75 ?  314 HOH A O   1 
HETATM 1328 O O   . HOH G 4 .   ? 6.791   -2.447  -4.575  1.00 13.05 ?  315 HOH A O   1 
HETATM 1329 O O   . HOH G 4 .   ? -6.142  0.535   -20.779 1.00 28.77 ?  316 HOH A O   1 
HETATM 1330 O O   . HOH G 4 .   ? -0.632  -4.747  9.720   1.00 23.49 ?  317 HOH A O   1 
HETATM 1331 O O   . HOH G 4 .   ? -32.943 -0.359  -17.780 1.00 17.29 ?  318 HOH A O   1 
HETATM 1332 O O   . HOH G 4 .   ? 24.392  -3.380  20.724  1.00 25.57 ?  319 HOH A O   1 
HETATM 1333 O O   . HOH G 4 .   ? 3.623   -12.998 9.849   1.00 26.81 ?  320 HOH A O   1 
HETATM 1334 O O   . HOH G 4 .   ? 0.160   -4.287  -15.244 1.00 26.02 ?  321 HOH A O   1 
HETATM 1335 O O   . HOH G 4 .   ? 12.888  -13.551 13.196  1.00 20.60 ?  322 HOH A O   1 
HETATM 1336 O O   . HOH G 4 .   ? -2.194  -2.967  8.850   1.00 25.07 ?  323 HOH A O   1 
HETATM 1337 O O   . HOH G 4 .   ? 6.347   6.462   -13.177 1.00 18.54 ?  324 HOH A O   1 
HETATM 1338 O O   . HOH G 4 .   ? -2.158  -11.606 -6.490  1.00 14.99 ?  325 HOH A O   1 
HETATM 1339 O O   . HOH G 4 .   ? 1.460   5.722   -16.652 1.00 28.33 ?  326 HOH A O   1 
HETATM 1340 O O   . HOH G 4 .   ? 14.532  2.098   2.341   1.00 14.81 ?  327 HOH A O   1 
HETATM 1341 O O   . HOH G 4 .   ? -13.176 8.825   -10.091 1.00 22.69 ?  328 HOH A O   1 
HETATM 1342 O O   . HOH G 4 .   ? -10.351 10.754  -12.286 1.00 25.31 ?  329 HOH A O   1 
HETATM 1343 O O   . HOH G 4 .   ? 4.736   -1.090  -10.446 1.00 24.78 ?  330 HOH A O   1 
HETATM 1344 O O   . HOH G 4 .   ? 13.871  4.468   2.908   1.00 23.85 ?  331 HOH A O   1 
HETATM 1345 O O   . HOH G 4 .   ? -28.645 1.030   -23.519 1.00 19.11 ?  332 HOH A O   1 
HETATM 1346 O O   . HOH G 4 .   ? -14.318 6.103   -19.392 1.00 23.34 ?  333 HOH A O   1 
HETATM 1347 O O   . HOH G 4 .   ? 12.740  9.463   0.616   1.00 23.13 ?  334 HOH A O   1 
HETATM 1348 O O   . HOH G 4 .   ? -51.238 -10.731 -21.904 1.00 27.53 ?  335 HOH A O   1 
HETATM 1349 O O   . HOH G 4 .   ? -4.150  -10.206 -2.817  1.00 16.36 ?  336 HOH A O   1 
HETATM 1350 O O   . HOH G 4 .   ? 4.604   -4.833  17.677  1.00 12.86 ?  337 HOH A O   1 
HETATM 1351 O O   . HOH G 4 .   ? 14.999  14.421  10.343  1.00 17.68 ?  338 HOH A O   1 
HETATM 1352 O O   . HOH G 4 .   ? 3.720   -3.501  -8.616  1.00 1.71  ?  339 HOH A O   1 
HETATM 1353 O O   . HOH G 4 .   ? -0.719  -12.404 5.755   1.00 12.28 ?  340 HOH A O   1 
HETATM 1354 O O   . HOH G 4 .   ? -0.226  15.429  -0.805  1.00 22.91 ?  341 HOH A O   1 
HETATM 1355 O O   . HOH G 4 .   ? -4.493  1.706   -23.160 1.00 34.34 ?  342 HOH A O   1 
HETATM 1356 O O   . HOH G 4 .   ? -44.963 -7.771  -23.994 1.00 29.25 ?  343 HOH A O   1 
HETATM 1357 O O   . HOH G 4 .   ? -5.160  -9.164  8.847   1.00 33.36 ?  344 HOH A O   1 
HETATM 1358 O O   . HOH G 4 .   ? 12.374  6.504   -5.966  1.00 3.30  ?  345 HOH A O   1 
HETATM 1359 O O   . HOH G 4 .   ? -35.671 -16.850 -17.505 1.00 32.12 ?  346 HOH A O   1 
HETATM 1360 O O   . HOH G 4 .   ? 11.134  14.211  6.204   1.00 21.64 ?  347 HOH A O   1 
HETATM 1361 O O   . HOH G 4 .   ? -4.560  -6.524  8.755   1.00 25.46 ?  348 HOH A O   1 
HETATM 1362 O O   . HOH G 4 .   ? 24.974  -1.526  13.427  1.00 24.19 ?  349 HOH A O   1 
HETATM 1363 O O   . HOH G 4 .   ? 2.695   15.613  -1.766  1.00 32.81 ?  350 HOH A O   1 
HETATM 1364 O O   . HOH H 4 .   ? 2.890   5.954   15.447  1.00 40.00 ?  201 HOH B O   1 
# 
